data_4CNJ
#
_entry.id   4CNJ
#
_cell.length_a   79.149
_cell.length_b   130.346
_cell.length_c   224.199
_cell.angle_alpha   90.00
_cell.angle_beta   90.00
_cell.angle_gamma   90.00
#
_symmetry.space_group_name_H-M   'P 2 21 21'
#
loop_
_entity.id
_entity.type
_entity.pdbx_description
1 polymer 'L-AMINO ACID OXIDASE'
2 non-polymer 'FLAVIN-ADENINE DINUCLEOTIDE'
#
_entity_poly.entity_id   1
_entity_poly.type   'polypeptide(L)'
_entity_poly.pdbx_seq_one_letter_code
;MNHFDTIIIGGGPAGMMATISSSFYGQKTLLLEKNKRLGKKLAGTGGGRCNVTNNGNLDDLMAGIPGNGRFLYSVFSQFD
NHDIINFFTENGVKLKVEDHGRVFPVTDKSRTIIEALEKKIAELGGTVITNTEIVSVKKTDELFTVRSSDQAWTCQKLIV
TTGGKSYPSTGSTGFGHDIARHFKHTVTDLEAAESPLLTDFPHKALQGISLDDVTLSYGKHIITHDLLFTHFGLSGPAAL
RLSSFVKGGETIYLDVLPQMSQQDLADFLEEHREKSLKNCLKILLPERIADFFTQPFPEKVKQLNLSEKEALIKQIKELP
ISVTGKMSLAKSFVTKGGVSLKEINPKTLESKLVPGLHFAGEVLDINAHTGGFNITSALCTGWVAGSLHYD
;
_entity_poly.pdbx_strand_id   A,B,C,D
#
# COMPACT_ATOMS: atom_id res chain seq x y z
N MET A 1 -6.93 -6.76 3.86
CA MET A 1 -6.52 -5.39 4.28
C MET A 1 -7.74 -4.49 4.22
N ASN A 2 -8.48 -4.42 5.32
CA ASN A 2 -9.59 -3.48 5.47
C ASN A 2 -9.24 -2.25 6.30
N HIS A 3 -8.00 -2.16 6.76
CA HIS A 3 -7.58 -1.00 7.52
C HIS A 3 -6.97 0.09 6.63
N PHE A 4 -7.43 1.32 6.82
CA PHE A 4 -6.93 2.45 6.06
C PHE A 4 -6.44 3.53 7.03
N ASP A 5 -5.69 4.51 6.53
CA ASP A 5 -5.39 5.67 7.34
C ASP A 5 -6.69 6.45 7.54
N THR A 6 -7.23 6.95 6.43
CA THR A 6 -8.44 7.77 6.36
C THR A 6 -9.60 6.93 5.78
N ILE A 7 -10.77 7.03 6.42
CA ILE A 7 -12.03 6.60 5.78
C ILE A 7 -12.95 7.81 5.63
N ILE A 8 -13.57 7.91 4.47
CA ILE A 8 -14.47 8.99 4.15
C ILE A 8 -15.81 8.38 3.82
N ILE A 9 -16.86 8.80 4.52
CA ILE A 9 -18.22 8.28 4.32
C ILE A 9 -19.06 9.26 3.54
N GLY A 10 -19.51 8.82 2.37
CA GLY A 10 -20.36 9.62 1.51
C GLY A 10 -19.62 10.27 0.36
N GLY A 11 -19.95 9.83 -0.86
CA GLY A 11 -19.28 10.27 -2.07
C GLY A 11 -20.01 11.36 -2.82
N GLY A 12 -20.34 12.45 -2.12
CA GLY A 12 -20.84 13.66 -2.77
C GLY A 12 -19.64 14.54 -3.15
N PRO A 13 -19.85 15.84 -3.36
CA PRO A 13 -18.67 16.70 -3.64
C PRO A 13 -17.69 16.81 -2.50
N ALA A 14 -18.17 16.81 -1.26
CA ALA A 14 -17.24 16.89 -0.13
C ALA A 14 -16.38 15.63 -0.04
N GLY A 15 -17.05 14.48 -0.05
CA GLY A 15 -16.38 13.17 0.02
C GLY A 15 -15.33 12.92 -1.03
N MET A 16 -15.65 13.25 -2.27
CA MET A 16 -14.70 13.12 -3.37
C MET A 16 -13.48 14.01 -3.20
N MET A 17 -13.66 15.23 -2.68
CA MET A 17 -12.54 16.17 -2.56
C MET A 17 -11.64 15.79 -1.40
N ALA A 18 -12.23 15.32 -0.31
CA ALA A 18 -11.43 14.84 0.80
C ALA A 18 -10.62 13.62 0.37
N THR A 19 -11.17 12.82 -0.55
CA THR A 19 -10.51 11.61 -1.01
C THR A 19 -9.31 12.01 -1.84
N ILE A 20 -9.49 13.07 -2.60
CA ILE A 20 -8.42 13.56 -3.44
C ILE A 20 -7.32 14.14 -2.56
N SER A 21 -7.65 15.12 -1.74
CA SER A 21 -6.66 15.73 -0.87
C SER A 21 -6.02 14.74 0.13
N SER A 22 -6.79 13.88 0.76
CA SER A 22 -6.18 12.91 1.66
C SER A 22 -5.17 12.01 0.93
N SER A 23 -5.52 11.52 -0.26
CA SER A 23 -4.59 10.67 -0.99
C SER A 23 -3.34 11.44 -1.33
N PHE A 24 -3.50 12.59 -1.93
CA PHE A 24 -2.42 13.52 -2.26
C PHE A 24 -1.46 13.82 -1.11
N TYR A 25 -1.97 13.81 0.12
CA TYR A 25 -1.11 13.96 1.32
C TYR A 25 -0.64 12.60 1.83
N GLY A 26 -0.42 11.67 0.91
CA GLY A 26 0.14 10.37 1.23
C GLY A 26 -0.70 9.45 2.09
N GLN A 27 -1.93 9.86 2.39
CA GLN A 27 -2.81 9.05 3.22
C GLN A 27 -3.41 7.92 2.42
N LYS A 28 -3.36 6.73 2.99
CA LYS A 28 -4.02 5.56 2.42
C LYS A 28 -5.54 5.67 2.67
N THR A 29 -6.30 5.89 1.61
CA THR A 29 -7.68 6.40 1.73
C THR A 29 -8.80 5.48 1.17
N LEU A 30 -9.85 5.31 1.97
CA LEU A 30 -11.07 4.62 1.52
C LEU A 30 -12.28 5.58 1.47
N LEU A 31 -12.92 5.70 0.29
CA LEU A 31 -14.20 6.43 0.14
C LEU A 31 -15.36 5.45 0.05
N LEU A 32 -16.33 5.55 0.97
CA LEU A 32 -17.54 4.70 0.96
C LEU A 32 -18.76 5.46 0.49
N GLU A 33 -19.48 4.88 -0.47
CA GLU A 33 -20.69 5.52 -0.99
C GLU A 33 -21.88 4.55 -1.01
N LYS A 34 -23.02 5.05 -0.52
CA LYS A 34 -24.24 4.26 -0.40
C LYS A 34 -24.86 3.90 -1.76
N ASN A 35 -24.79 4.79 -2.72
CA ASN A 35 -25.32 4.55 -4.06
C ASN A 35 -24.32 3.82 -4.96
N LYS A 36 -24.78 3.28 -6.10
CA LYS A 36 -23.91 2.70 -7.12
C LYS A 36 -23.08 3.78 -7.82
N ARG A 37 -23.57 5.02 -7.83
CA ARG A 37 -22.90 6.15 -8.49
C ARG A 37 -22.38 7.12 -7.44
N LEU A 38 -21.32 7.86 -7.79
CA LEU A 38 -20.90 8.97 -6.97
C LEU A 38 -21.59 10.23 -7.47
N GLY A 39 -21.74 11.21 -6.56
CA GLY A 39 -22.27 12.52 -6.89
C GLY A 39 -23.68 12.52 -7.44
N LYS A 40 -24.53 11.62 -6.95
CA LYS A 40 -25.94 11.60 -7.33
C LYS A 40 -26.65 12.96 -7.19
N LYS A 41 -26.64 13.55 -6.00
CA LYS A 41 -27.16 14.92 -5.84
C LYS A 41 -26.42 15.92 -6.74
N LEU A 42 -25.08 15.87 -6.77
CA LEU A 42 -24.29 16.86 -7.51
C LEU A 42 -24.65 16.86 -8.99
N ALA A 43 -24.94 15.65 -9.50
CA ALA A 43 -25.28 15.44 -10.91
C ALA A 43 -26.52 16.20 -11.32
N GLY A 44 -27.33 16.61 -10.35
CA GLY A 44 -28.58 17.30 -10.62
C GLY A 44 -28.62 18.80 -10.37
N THR A 45 -27.59 19.33 -9.74
CA THR A 45 -27.44 20.79 -9.59
C THR A 45 -27.38 21.50 -10.94
N GLY A 46 -27.68 22.79 -10.96
CA GLY A 46 -27.66 23.59 -12.20
C GLY A 46 -28.50 22.99 -13.33
N GLY A 47 -29.71 22.52 -13.00
CA GLY A 47 -30.59 21.94 -14.00
C GLY A 47 -29.97 20.73 -14.65
N GLY A 48 -29.17 20.00 -13.88
CA GLY A 48 -28.51 18.80 -14.37
C GLY A 48 -27.22 19.07 -15.11
N ARG A 49 -26.92 20.34 -15.38
CA ARG A 49 -25.73 20.69 -16.13
C ARG A 49 -24.50 20.71 -15.22
N CYS A 50 -24.76 20.80 -13.92
CA CYS A 50 -23.74 20.87 -12.86
C CYS A 50 -23.14 22.26 -12.65
N ASN A 51 -23.53 22.88 -11.55
CA ASN A 51 -23.13 24.22 -11.21
C ASN A 51 -21.95 24.18 -10.21
N VAL A 52 -20.76 23.84 -10.70
CA VAL A 52 -19.66 23.39 -9.85
C VAL A 52 -19.01 24.39 -8.86
N THR A 53 -19.09 25.69 -9.15
CA THR A 53 -18.62 26.76 -8.25
C THR A 53 -19.12 28.13 -8.71
N ASN A 54 -18.73 29.18 -7.98
CA ASN A 54 -18.94 30.57 -8.42
C ASN A 54 -17.62 31.34 -8.52
N ASN A 55 -17.49 32.21 -9.52
CA ASN A 55 -16.22 32.92 -9.79
C ASN A 55 -16.07 34.30 -9.15
N GLY A 56 -16.95 34.63 -8.23
CA GLY A 56 -16.83 35.89 -7.53
C GLY A 56 -15.69 35.87 -6.52
N ASN A 57 -15.44 37.04 -5.92
CA ASN A 57 -14.42 37.21 -4.89
C ASN A 57 -14.86 36.66 -3.52
N LEU A 58 -14.16 37.06 -2.46
CA LEU A 58 -14.45 36.56 -1.12
C LEU A 58 -15.73 37.15 -0.52
N ASP A 59 -16.01 38.40 -0.87
CA ASP A 59 -17.22 39.03 -0.39
C ASP A 59 -18.47 38.49 -1.09
N ASP A 60 -18.33 38.17 -2.37
CA ASP A 60 -19.42 37.58 -3.15
C ASP A 60 -19.78 36.24 -2.55
N LEU A 61 -18.74 35.51 -2.13
CA LEU A 61 -18.89 34.23 -1.44
C LEU A 61 -19.57 34.38 -0.09
N MET A 62 -19.21 35.41 0.67
CA MET A 62 -19.78 35.54 2.01
C MET A 62 -21.23 35.96 1.93
N ALA A 63 -21.54 36.78 0.92
CA ALA A 63 -22.90 37.17 0.59
C ALA A 63 -23.68 35.98 0.05
N GLY A 64 -22.96 34.94 -0.39
CA GLY A 64 -23.55 33.75 -0.99
C GLY A 64 -23.81 32.63 -0.01
N ILE A 65 -23.18 32.73 1.17
CA ILE A 65 -23.32 31.72 2.23
C ILE A 65 -23.84 32.42 3.47
N PRO A 66 -25.14 32.77 3.45
CA PRO A 66 -25.62 33.58 4.57
C PRO A 66 -25.58 32.79 5.87
N GLY A 67 -25.77 31.48 5.80
CA GLY A 67 -25.84 30.66 6.99
C GLY A 67 -24.47 30.22 7.44
N ASN A 68 -23.85 31.03 8.29
CA ASN A 68 -22.54 30.73 8.88
C ASN A 68 -21.31 30.74 7.96
N GLY A 69 -21.39 31.50 6.87
CA GLY A 69 -20.25 31.73 5.99
C GLY A 69 -18.98 32.21 6.67
N ARG A 70 -19.12 32.98 7.74
CA ARG A 70 -17.97 33.54 8.45
C ARG A 70 -17.03 32.49 9.06
N PHE A 71 -17.54 31.29 9.31
CA PHE A 71 -16.73 30.16 9.80
C PHE A 71 -15.67 29.71 8.76
N LEU A 72 -15.86 30.12 7.50
CA LEU A 72 -15.10 29.56 6.36
C LEU A 72 -13.87 30.35 5.89
N TYR A 73 -13.60 31.48 6.56
CA TYR A 73 -12.43 32.30 6.31
C TYR A 73 -11.15 31.49 6.28
N SER A 74 -11.02 30.60 7.26
CA SER A 74 -9.84 29.76 7.40
C SER A 74 -9.76 28.72 6.28
N VAL A 75 -10.87 28.04 6.04
CA VAL A 75 -10.95 27.02 4.99
C VAL A 75 -10.66 27.64 3.64
N PHE A 76 -11.26 28.81 3.36
CA PHE A 76 -11.14 29.45 2.05
C PHE A 76 -9.74 29.97 1.77
N SER A 77 -8.99 30.29 2.81
CA SER A 77 -7.61 30.72 2.60
C SER A 77 -6.74 29.52 2.17
N GLN A 78 -7.14 28.31 2.55
CA GLN A 78 -6.46 27.09 2.11
C GLN A 78 -6.90 26.66 0.69
N PHE A 79 -8.19 26.68 0.42
CA PHE A 79 -8.68 26.23 -0.88
C PHE A 79 -9.96 27.02 -1.14
N ASP A 80 -10.06 27.62 -2.33
CA ASP A 80 -11.22 28.43 -2.61
C ASP A 80 -11.86 28.17 -3.99
N ASN A 81 -12.86 28.98 -4.33
CA ASN A 81 -13.48 28.87 -5.65
C ASN A 81 -12.49 28.95 -6.83
N HIS A 82 -11.37 29.67 -6.64
CA HIS A 82 -10.38 29.75 -7.73
C HIS A 82 -9.44 28.55 -7.75
N ASP A 83 -9.19 27.97 -6.57
CA ASP A 83 -8.52 26.66 -6.52
C ASP A 83 -9.33 25.59 -7.27
N ILE A 84 -10.66 25.62 -7.08
CA ILE A 84 -11.54 24.72 -7.81
C ILE A 84 -11.39 24.95 -9.31
N ILE A 85 -11.56 26.20 -9.76
CA ILE A 85 -11.45 26.47 -11.19
C ILE A 85 -10.12 25.97 -11.74
N ASN A 86 -9.03 26.15 -10.98
CA ASN A 86 -7.71 25.67 -11.41
C ASN A 86 -7.64 24.17 -11.56
N PHE A 87 -8.09 23.48 -10.52
CA PHE A 87 -8.16 22.04 -10.52
C PHE A 87 -8.81 21.47 -11.79
N PHE A 88 -10.02 21.92 -12.11
CA PHE A 88 -10.73 21.40 -13.28
C PHE A 88 -10.10 21.82 -14.60
N THR A 89 -9.58 23.04 -14.65
CA THR A 89 -8.77 23.44 -15.80
C THR A 89 -7.52 22.55 -15.90
N GLU A 90 -6.69 22.54 -14.86
CA GLU A 90 -5.50 21.68 -14.81
C GLU A 90 -5.76 20.28 -15.33
N ASN A 91 -6.87 19.68 -14.91
CA ASN A 91 -7.18 18.28 -15.25
C ASN A 91 -7.96 18.11 -16.53
N GLY A 92 -7.90 19.12 -17.40
CA GLY A 92 -8.45 19.04 -18.75
C GLY A 92 -9.94 19.17 -18.88
N VAL A 93 -10.62 19.87 -17.96
CA VAL A 93 -12.03 20.20 -18.21
C VAL A 93 -12.23 21.68 -18.54
N LYS A 94 -12.94 21.91 -19.62
CA LYS A 94 -13.21 23.28 -20.06
C LYS A 94 -14.45 23.81 -19.33
N LEU A 95 -14.21 24.83 -18.51
CA LEU A 95 -15.27 25.51 -17.78
C LEU A 95 -15.79 26.72 -18.59
N LYS A 96 -16.88 27.30 -18.12
CA LYS A 96 -17.39 28.54 -18.67
C LYS A 96 -18.12 29.28 -17.58
N VAL A 97 -18.29 30.59 -17.74
CA VAL A 97 -18.96 31.38 -16.72
C VAL A 97 -20.23 32.00 -17.28
N GLU A 98 -21.35 31.69 -16.63
CA GLU A 98 -22.63 32.25 -17.03
C GLU A 98 -22.98 33.44 -16.15
N ASP A 99 -24.24 33.87 -16.20
CA ASP A 99 -24.72 34.98 -15.39
C ASP A 99 -24.44 34.79 -13.89
N HIS A 100 -24.33 35.89 -13.16
CA HIS A 100 -24.10 35.83 -11.70
C HIS A 100 -22.89 34.98 -11.28
N GLY A 101 -21.93 34.83 -12.19
CA GLY A 101 -20.67 34.14 -11.89
C GLY A 101 -20.77 32.63 -11.68
N ARG A 102 -21.81 32.04 -12.24
CA ARG A 102 -22.01 30.61 -12.12
C ARG A 102 -21.06 29.90 -13.08
N VAL A 103 -20.38 28.85 -12.58
CA VAL A 103 -19.41 28.10 -13.39
C VAL A 103 -19.87 26.69 -13.75
N PHE A 104 -19.92 26.42 -15.06
CA PHE A 104 -20.32 25.12 -15.64
C PHE A 104 -19.25 24.59 -16.60
N PRO A 105 -19.18 23.26 -16.76
CA PRO A 105 -18.41 22.71 -17.88
C PRO A 105 -19.03 23.10 -19.23
N VAL A 106 -18.19 23.30 -20.24
CA VAL A 106 -18.68 23.64 -21.57
C VAL A 106 -19.62 22.54 -22.12
N THR A 107 -19.28 21.28 -21.89
CA THR A 107 -20.09 20.14 -22.28
C THR A 107 -21.54 20.25 -21.82
N ASP A 108 -21.79 21.05 -20.78
CA ASP A 108 -23.10 21.17 -20.16
C ASP A 108 -23.59 19.85 -19.52
N LYS A 109 -22.67 18.95 -19.23
CA LYS A 109 -23.03 17.63 -18.69
C LYS A 109 -22.34 17.35 -17.35
N SER A 110 -23.12 17.00 -16.36
CA SER A 110 -22.61 16.78 -15.03
C SER A 110 -21.60 15.61 -14.97
N ARG A 111 -21.70 14.67 -15.91
CA ARG A 111 -20.74 13.57 -15.90
C ARG A 111 -19.29 14.02 -16.16
N THR A 112 -19.10 15.07 -16.96
CA THR A 112 -17.77 15.67 -17.21
C THR A 112 -17.12 16.07 -15.90
N ILE A 113 -17.91 16.63 -14.99
CA ILE A 113 -17.42 16.98 -13.66
C ILE A 113 -17.12 15.74 -12.82
N ILE A 114 -18.10 14.86 -12.63
CA ILE A 114 -17.95 13.68 -11.76
C ILE A 114 -16.90 12.72 -12.28
N GLU A 115 -16.87 12.53 -13.60
CA GLU A 115 -15.88 11.67 -14.21
C GLU A 115 -14.47 12.19 -13.99
N ALA A 116 -14.27 13.51 -14.04
CA ALA A 116 -12.94 14.09 -13.74
C ALA A 116 -12.54 13.78 -12.32
N LEU A 117 -13.48 13.87 -11.37
CA LEU A 117 -13.20 13.60 -9.97
C LEU A 117 -12.84 12.14 -9.72
N GLU A 118 -13.59 11.22 -10.30
CA GLU A 118 -13.27 9.78 -10.21
C GLU A 118 -11.90 9.45 -10.82
N LYS A 119 -11.55 10.11 -11.91
CA LYS A 119 -10.30 9.86 -12.59
C LYS A 119 -9.12 10.23 -11.70
N LYS A 120 -9.19 11.38 -11.02
CA LYS A 120 -8.16 11.79 -10.06
C LYS A 120 -8.02 10.88 -8.87
N ILE A 121 -9.15 10.45 -8.31
CA ILE A 121 -9.12 9.50 -7.22
C ILE A 121 -8.28 8.28 -7.65
N ALA A 122 -8.47 7.86 -8.91
CA ALA A 122 -7.79 6.68 -9.42
C ALA A 122 -6.29 6.90 -9.64
N GLU A 123 -5.90 8.05 -10.20
CA GLU A 123 -4.50 8.41 -10.36
C GLU A 123 -3.75 8.51 -9.04
N LEU A 124 -4.48 8.75 -7.96
CA LEU A 124 -3.85 8.96 -6.64
C LEU A 124 -3.96 7.73 -5.78
N GLY A 125 -4.48 6.66 -6.37
CA GLY A 125 -4.56 5.38 -5.70
C GLY A 125 -5.64 5.26 -4.65
N GLY A 126 -6.57 6.22 -4.64
CA GLY A 126 -7.69 6.23 -3.68
C GLY A 126 -8.57 5.03 -3.90
N THR A 127 -9.11 4.49 -2.81
CA THR A 127 -9.97 3.31 -2.89
C THR A 127 -11.41 3.75 -2.81
N VAL A 128 -12.27 3.27 -3.72
CA VAL A 128 -13.68 3.56 -3.58
C VAL A 128 -14.57 2.34 -3.68
N ILE A 129 -15.43 2.18 -2.69
CA ILE A 129 -16.36 1.06 -2.62
C ILE A 129 -17.80 1.59 -2.65
N THR A 130 -18.49 1.38 -3.76
CA THR A 130 -19.83 1.94 -3.93
C THR A 130 -20.88 0.92 -3.56
N ASN A 131 -22.14 1.34 -3.65
CA ASN A 131 -23.26 0.49 -3.34
C ASN A 131 -23.14 -0.14 -1.96
N THR A 132 -22.66 0.66 -1.02
CA THR A 132 -22.41 0.17 0.32
C THR A 132 -22.88 1.20 1.32
N GLU A 133 -23.87 0.80 2.11
CA GLU A 133 -24.45 1.69 3.09
C GLU A 133 -23.84 1.42 4.46
N ILE A 134 -23.21 2.43 5.03
CA ILE A 134 -22.70 2.33 6.37
C ILE A 134 -23.81 2.48 7.40
N VAL A 135 -23.85 1.55 8.34
CA VAL A 135 -24.91 1.53 9.35
C VAL A 135 -24.43 1.83 10.76
N SER A 136 -23.13 1.72 11.00
CA SER A 136 -22.58 1.74 12.36
C SER A 136 -21.21 2.43 12.37
N VAL A 137 -20.97 3.32 13.34
CA VAL A 137 -19.63 3.93 13.49
C VAL A 137 -19.25 4.08 14.96
N LYS A 138 -18.20 3.37 15.39
CA LYS A 138 -17.75 3.38 16.78
C LYS A 138 -16.29 3.78 16.88
N LYS A 139 -15.80 4.06 18.08
CA LYS A 139 -14.36 4.32 18.28
C LYS A 139 -13.86 3.63 19.55
N THR A 140 -12.70 2.99 19.45
CA THR A 140 -12.08 2.33 20.61
C THR A 140 -10.58 2.66 20.63
N ASP A 141 -10.12 3.19 21.76
CA ASP A 141 -8.76 3.70 21.90
C ASP A 141 -8.48 4.76 20.86
N GLU A 142 -7.83 4.42 19.75
CA GLU A 142 -7.61 5.39 18.67
C GLU A 142 -8.04 4.87 17.29
N LEU A 143 -9.04 4.00 17.31
CA LEU A 143 -9.41 3.25 16.13
C LEU A 143 -10.92 3.28 15.84
N PHE A 144 -11.30 4.00 14.80
CA PHE A 144 -12.69 3.98 14.33
C PHE A 144 -12.94 2.65 13.65
N THR A 145 -14.11 2.07 13.90
CA THR A 145 -14.65 0.93 13.14
C THR A 145 -15.89 1.37 12.36
N VAL A 146 -15.86 1.16 11.06
CA VAL A 146 -16.95 1.54 10.17
C VAL A 146 -17.54 0.26 9.61
N ARG A 147 -18.84 0.06 9.77
CA ARG A 147 -19.50 -1.20 9.41
C ARG A 147 -20.71 -1.01 8.49
N SER A 148 -20.82 -1.87 7.48
CA SER A 148 -22.05 -2.00 6.75
C SER A 148 -22.69 -3.26 7.31
N SER A 149 -23.77 -3.73 6.69
CA SER A 149 -24.39 -4.96 7.16
C SER A 149 -23.50 -6.17 6.87
N ASP A 150 -22.67 -6.06 5.83
CA ASP A 150 -21.86 -7.18 5.38
C ASP A 150 -20.48 -7.17 6.05
N GLN A 151 -19.84 -6.00 6.03
CA GLN A 151 -18.40 -5.84 6.28
C GLN A 151 -18.07 -4.80 7.35
N ALA A 152 -16.77 -4.68 7.66
CA ALA A 152 -16.23 -3.66 8.57
C ALA A 152 -14.89 -3.14 8.05
N TRP A 153 -14.61 -1.85 8.26
CA TRP A 153 -13.31 -1.29 7.92
C TRP A 153 -12.78 -0.50 9.13
N THR A 154 -11.49 -0.17 9.14
CA THR A 154 -10.92 0.57 10.28
C THR A 154 -10.06 1.73 9.83
N CYS A 155 -9.90 2.72 10.72
CA CYS A 155 -9.08 3.87 10.44
C CYS A 155 -8.69 4.60 11.71
N GLN A 156 -7.77 5.55 11.56
CA GLN A 156 -7.43 6.48 12.63
C GLN A 156 -8.11 7.85 12.43
N LYS A 157 -8.32 8.24 11.19
CA LYS A 157 -8.96 9.51 10.82
C LYS A 157 -10.25 9.23 10.05
N LEU A 158 -11.35 9.82 10.48
CA LEU A 158 -12.66 9.56 9.87
C LEU A 158 -13.29 10.85 9.42
N ILE A 159 -13.61 10.91 8.14
CA ILE A 159 -14.27 12.08 7.59
C ILE A 159 -15.73 11.73 7.25
N VAL A 160 -16.66 12.50 7.78
CA VAL A 160 -18.07 12.21 7.58
C VAL A 160 -18.65 13.24 6.64
N THR A 161 -18.99 12.81 5.43
CA THR A 161 -19.53 13.72 4.42
C THR A 161 -20.83 13.21 3.80
N THR A 162 -21.79 12.91 4.68
CA THR A 162 -23.03 12.28 4.28
C THR A 162 -24.11 13.29 3.85
N GLY A 163 -23.78 14.57 3.87
CA GLY A 163 -24.67 15.61 3.36
C GLY A 163 -25.74 16.10 4.31
N GLY A 164 -26.75 16.77 3.76
CA GLY A 164 -27.89 17.29 4.52
C GLY A 164 -29.05 16.30 4.66
N LYS A 165 -30.27 16.83 4.71
CA LYS A 165 -31.50 16.03 4.84
C LYS A 165 -32.49 16.21 3.68
N SER A 166 -32.27 17.21 2.82
CA SER A 166 -33.12 17.45 1.65
C SER A 166 -32.88 16.41 0.57
N TYR A 167 -33.85 16.29 -0.33
CA TYR A 167 -33.81 15.30 -1.42
C TYR A 167 -33.24 13.94 -1.01
N PRO A 168 -33.81 13.33 0.04
CA PRO A 168 -33.28 12.07 0.56
C PRO A 168 -33.17 10.93 -0.46
N SER A 169 -33.82 11.05 -1.60
CA SER A 169 -33.68 10.00 -2.60
C SER A 169 -32.31 10.07 -3.28
N THR A 170 -31.61 11.20 -3.14
CA THR A 170 -30.21 11.22 -3.55
C THR A 170 -29.29 10.44 -2.61
N GLY A 171 -29.72 10.21 -1.37
CA GLY A 171 -28.98 9.42 -0.41
C GLY A 171 -28.71 10.17 0.88
N SER A 172 -28.93 11.49 0.84
CA SER A 172 -28.70 12.33 2.01
C SER A 172 -29.89 12.20 2.95
N THR A 173 -29.83 11.22 3.83
CA THR A 173 -30.95 10.97 4.70
C THR A 173 -30.61 11.16 6.18
N GLY A 174 -29.41 11.70 6.47
CA GLY A 174 -29.05 12.14 7.81
C GLY A 174 -28.10 11.30 8.66
N PHE A 175 -27.58 10.20 8.13
CA PHE A 175 -26.71 9.31 8.91
C PHE A 175 -25.54 10.00 9.61
N GLY A 176 -25.03 11.05 8.97
CA GLY A 176 -23.91 11.80 9.53
C GLY A 176 -24.32 12.61 10.75
N HIS A 177 -25.61 12.91 10.84
CA HIS A 177 -26.16 13.54 12.03
C HIS A 177 -26.18 12.53 13.18
N ASP A 178 -26.53 11.28 12.87
CA ASP A 178 -26.51 10.21 13.87
C ASP A 178 -25.11 9.95 14.43
N ILE A 179 -24.12 9.95 13.55
CA ILE A 179 -22.75 9.83 13.98
C ILE A 179 -22.45 10.96 14.97
N ALA A 180 -22.63 12.20 14.52
CA ALA A 180 -22.42 13.38 15.35
C ALA A 180 -23.08 13.21 16.71
N ARG A 181 -24.36 12.85 16.73
CA ARG A 181 -25.05 12.60 17.98
C ARG A 181 -24.39 11.48 18.81
N HIS A 182 -24.11 10.34 18.19
CA HIS A 182 -23.46 9.22 18.88
C HIS A 182 -22.16 9.61 19.63
N PHE A 183 -21.41 10.53 19.05
CA PHE A 183 -20.17 11.01 19.65
C PHE A 183 -20.40 12.29 20.45
N LYS A 184 -21.66 12.56 20.75
CA LYS A 184 -22.05 13.64 21.66
C LYS A 184 -21.80 15.06 21.16
N HIS A 185 -21.95 15.27 19.85
CA HIS A 185 -22.07 16.64 19.33
C HIS A 185 -23.53 17.07 19.36
N THR A 186 -23.72 18.39 19.39
CA THR A 186 -25.02 19.00 19.21
C THR A 186 -25.31 19.06 17.71
N VAL A 187 -26.49 18.61 17.32
CA VAL A 187 -27.01 18.92 15.99
C VAL A 187 -28.06 19.98 16.20
N THR A 188 -27.88 21.12 15.53
CA THR A 188 -28.84 22.22 15.58
C THR A 188 -30.21 21.79 15.02
N ASP A 189 -31.17 22.70 15.00
CA ASP A 189 -32.47 22.41 14.41
C ASP A 189 -32.32 22.26 12.92
N LEU A 190 -33.01 21.26 12.36
CA LEU A 190 -32.95 21.02 10.94
C LEU A 190 -34.19 21.54 10.29
N GLU A 191 -34.03 22.52 9.40
CA GLU A 191 -35.16 23.11 8.71
C GLU A 191 -34.81 23.47 7.28
N ALA A 192 -35.85 23.68 6.47
CA ALA A 192 -35.69 24.02 5.07
C ALA A 192 -35.08 25.40 4.86
N ALA A 193 -34.34 25.54 3.76
CA ALA A 193 -33.89 26.82 3.22
C ALA A 193 -33.81 26.61 1.71
N GLU A 194 -33.73 27.72 0.98
CA GLU A 194 -33.77 27.66 -0.48
C GLU A 194 -34.88 26.69 -0.93
N SER A 195 -36.08 26.96 -0.45
CA SER A 195 -37.26 26.17 -0.74
C SER A 195 -38.21 26.97 -1.63
N PRO A 196 -38.59 26.41 -2.80
CA PRO A 196 -39.50 27.13 -3.70
C PRO A 196 -40.86 27.49 -3.07
N LEU A 197 -41.53 28.47 -3.66
CA LEU A 197 -42.74 29.05 -3.05
C LEU A 197 -44.04 28.60 -3.71
N LEU A 198 -44.99 28.16 -2.89
CA LEU A 198 -46.37 27.88 -3.32
C LEU A 198 -47.19 29.19 -3.37
N THR A 199 -47.73 29.52 -4.53
CA THR A 199 -48.57 30.72 -4.61
C THR A 199 -50.01 30.42 -5.00
N ASP A 200 -50.94 31.28 -4.59
CA ASP A 200 -52.32 31.24 -5.06
C ASP A 200 -52.48 32.27 -6.17
N PHE A 201 -52.58 31.76 -7.39
CA PHE A 201 -52.23 32.52 -8.56
C PHE A 201 -52.58 31.65 -9.77
N PRO A 202 -53.00 32.27 -10.90
CA PRO A 202 -53.26 31.57 -12.19
C PRO A 202 -52.00 31.01 -12.88
N HIS A 203 -51.40 29.99 -12.27
CA HIS A 203 -50.10 29.44 -12.68
C HIS A 203 -49.96 29.08 -14.13
N LYS A 204 -51.07 28.70 -14.76
CA LYS A 204 -51.02 28.14 -16.11
C LYS A 204 -50.57 29.17 -17.12
N ALA A 205 -50.89 30.44 -16.87
CA ALA A 205 -50.64 31.47 -17.85
C ALA A 205 -49.13 31.74 -18.04
N LEU A 206 -48.32 31.31 -17.06
CA LEU A 206 -46.92 31.75 -16.93
C LEU A 206 -45.87 30.67 -16.64
N GLN A 207 -46.30 29.45 -16.29
CA GLN A 207 -45.33 28.41 -15.92
C GLN A 207 -44.32 28.14 -17.02
N GLY A 208 -43.09 27.84 -16.61
CA GLY A 208 -42.01 27.58 -17.56
C GLY A 208 -41.25 28.82 -18.00
N ILE A 209 -41.84 29.98 -17.77
CA ILE A 209 -41.22 31.23 -18.21
C ILE A 209 -40.17 31.68 -17.19
N SER A 210 -39.04 32.17 -17.70
CA SER A 210 -37.93 32.67 -16.89
CA SER A 210 -37.97 32.67 -16.86
C SER A 210 -37.79 34.18 -17.02
N LEU A 211 -37.42 34.85 -15.94
CA LEU A 211 -37.20 36.28 -15.97
C LEU A 211 -35.90 36.63 -15.30
N ASP A 212 -35.12 37.47 -15.96
CA ASP A 212 -33.81 37.87 -15.45
C ASP A 212 -33.85 39.20 -14.73
N ASP A 213 -33.38 39.18 -13.49
CA ASP A 213 -33.16 40.38 -12.67
C ASP A 213 -34.43 41.17 -12.38
N VAL A 214 -35.19 40.68 -11.41
CA VAL A 214 -36.44 41.30 -10.97
C VAL A 214 -36.42 41.42 -9.45
N THR A 215 -37.22 42.35 -8.94
CA THR A 215 -37.27 42.61 -7.51
C THR A 215 -38.51 41.98 -6.87
N LEU A 216 -38.29 41.10 -5.90
CA LEU A 216 -39.37 40.64 -5.03
C LEU A 216 -39.21 41.30 -3.68
N SER A 217 -40.30 41.88 -3.18
CA SER A 217 -40.26 42.62 -1.92
C SER A 217 -41.17 42.01 -0.87
N TYR A 218 -40.82 42.19 0.39
CA TYR A 218 -41.68 41.78 1.50
C TYR A 218 -41.17 42.30 2.83
N GLY A 219 -41.91 43.22 3.44
CA GLY A 219 -41.46 43.88 4.66
C GLY A 219 -40.10 44.52 4.39
N LYS A 220 -39.17 44.33 5.33
CA LYS A 220 -37.82 44.90 5.23
C LYS A 220 -36.94 44.23 4.15
N HIS A 221 -37.03 42.90 4.06
CA HIS A 221 -36.29 42.10 3.09
C HIS A 221 -36.81 42.34 1.67
N ILE A 222 -35.93 42.85 0.81
CA ILE A 222 -36.23 43.07 -0.62
C ILE A 222 -35.06 42.53 -1.48
N ILE A 223 -35.38 41.75 -2.50
CA ILE A 223 -34.40 40.93 -3.23
C ILE A 223 -34.48 41.11 -4.73
N THR A 224 -33.33 41.27 -5.37
CA THR A 224 -33.26 41.50 -6.81
C THR A 224 -32.44 40.40 -7.45
N HIS A 225 -33.08 39.56 -8.26
CA HIS A 225 -32.41 38.40 -8.86
C HIS A 225 -33.30 37.73 -9.93
N ASP A 226 -32.94 36.51 -10.33
CA ASP A 226 -33.66 35.74 -11.34
C ASP A 226 -34.84 34.98 -10.75
N LEU A 227 -35.85 34.74 -11.58
CA LEU A 227 -37.12 34.16 -11.14
C LEU A 227 -37.70 33.24 -12.19
N LEU A 228 -38.18 32.08 -11.73
CA LEU A 228 -38.87 31.11 -12.55
C LEU A 228 -40.34 30.94 -12.10
N PHE A 229 -41.25 30.98 -13.07
CA PHE A 229 -42.67 30.72 -12.81
C PHE A 229 -42.94 29.25 -13.00
N THR A 230 -43.41 28.59 -11.96
CA THR A 230 -43.66 27.17 -12.03
C THR A 230 -45.17 26.87 -11.95
N HIS A 231 -45.53 25.60 -12.12
CA HIS A 231 -46.94 25.23 -12.07
C HIS A 231 -47.55 25.35 -10.66
N PHE A 232 -46.70 25.40 -9.64
CA PHE A 232 -47.15 25.50 -8.24
C PHE A 232 -46.94 26.90 -7.65
N GLY A 233 -46.29 27.76 -8.41
CA GLY A 233 -45.92 29.09 -7.92
C GLY A 233 -44.59 29.60 -8.46
N LEU A 234 -43.66 29.86 -7.54
CA LEU A 234 -42.39 30.53 -7.85
C LEU A 234 -41.16 29.76 -7.39
N SER A 235 -40.17 29.65 -8.28
CA SER A 235 -38.80 29.18 -7.96
C SER A 235 -37.73 30.04 -8.66
N GLY A 236 -36.51 29.54 -8.72
CA GLY A 236 -35.37 30.37 -9.15
C GLY A 236 -34.85 31.22 -8.00
N PRO A 237 -33.65 31.79 -8.15
CA PRO A 237 -32.88 32.46 -7.07
C PRO A 237 -33.72 33.37 -6.18
N ALA A 238 -34.44 34.29 -6.79
CA ALA A 238 -35.19 35.32 -6.06
C ALA A 238 -36.20 34.72 -5.10
N ALA A 239 -37.09 33.87 -5.62
CA ALA A 239 -38.04 33.11 -4.79
C ALA A 239 -37.29 32.35 -3.71
N LEU A 240 -36.26 31.62 -4.14
CA LEU A 240 -35.48 30.77 -3.26
C LEU A 240 -34.89 31.49 -2.05
N ARG A 241 -34.36 32.70 -2.26
CA ARG A 241 -33.78 33.49 -1.17
C ARG A 241 -34.82 34.05 -0.22
N LEU A 242 -35.89 34.58 -0.81
CA LEU A 242 -37.01 35.16 -0.09
C LEU A 242 -37.70 34.12 0.76
N SER A 243 -37.63 32.87 0.31
CA SER A 243 -38.28 31.76 0.96
C SER A 243 -37.82 31.55 2.40
N SER A 244 -36.83 32.31 2.83
CA SER A 244 -36.37 32.16 4.19
C SER A 244 -37.22 32.98 5.13
N PHE A 245 -37.87 34.01 4.60
CA PHE A 245 -38.55 35.01 5.41
C PHE A 245 -40.06 34.83 5.42
N VAL A 246 -40.53 33.77 4.78
CA VAL A 246 -41.93 33.60 4.45
C VAL A 246 -42.34 32.16 4.77
N LYS A 247 -43.54 31.97 5.31
CA LYS A 247 -43.99 30.62 5.69
C LYS A 247 -45.34 30.23 5.07
N GLY A 248 -46.15 31.24 4.76
CA GLY A 248 -47.49 31.04 4.23
C GLY A 248 -48.46 32.03 4.87
N GLY A 249 -49.24 32.70 4.04
CA GLY A 249 -50.21 33.68 4.53
C GLY A 249 -49.85 35.10 4.20
N GLU A 250 -48.71 35.29 3.53
CA GLU A 250 -48.19 36.63 3.24
C GLU A 250 -48.46 37.06 1.80
N THR A 251 -48.53 38.38 1.60
CA THR A 251 -48.51 38.97 0.28
C THR A 251 -47.10 39.47 0.05
N ILE A 252 -46.54 39.16 -1.11
CA ILE A 252 -45.23 39.67 -1.50
C ILE A 252 -45.42 40.44 -2.79
N TYR A 253 -44.42 41.23 -3.20
CA TYR A 253 -44.60 42.13 -4.35
C TYR A 253 -43.52 41.93 -5.39
N LEU A 254 -43.90 42.00 -6.65
CA LEU A 254 -43.02 41.70 -7.76
C LEU A 254 -42.87 42.88 -8.69
N ASP A 255 -41.62 43.26 -8.92
CA ASP A 255 -41.25 44.32 -9.84
C ASP A 255 -40.59 43.66 -11.05
N VAL A 256 -41.29 43.70 -12.18
CA VAL A 256 -40.88 42.94 -13.37
C VAL A 256 -39.85 43.70 -14.23
N LEU A 257 -39.73 45.00 -13.98
CA LEU A 257 -38.67 45.81 -14.59
C LEU A 257 -38.14 46.75 -13.52
N PRO A 258 -37.10 46.32 -12.78
CA PRO A 258 -36.61 47.17 -11.68
C PRO A 258 -35.80 48.34 -12.25
N GLN A 259 -35.53 48.27 -13.55
CA GLN A 259 -34.76 49.25 -14.31
C GLN A 259 -35.45 50.61 -14.44
N MET A 260 -36.66 50.58 -14.99
CA MET A 260 -37.44 51.78 -15.26
C MET A 260 -38.38 52.11 -14.10
N SER A 261 -38.41 53.36 -13.67
CA SER A 261 -39.43 53.84 -12.73
C SER A 261 -40.69 54.21 -13.52
N GLN A 262 -41.78 54.47 -12.80
CA GLN A 262 -43.09 54.70 -13.42
C GLN A 262 -43.04 55.56 -14.71
N GLN A 263 -42.25 56.63 -14.69
CA GLN A 263 -42.18 57.58 -15.81
C GLN A 263 -41.56 57.01 -17.11
N ASP A 264 -40.44 56.29 -17.00
CA ASP A 264 -39.75 55.75 -18.18
C ASP A 264 -40.70 54.90 -19.00
N LEU A 265 -41.43 54.06 -18.26
CA LEU A 265 -42.51 53.24 -18.79
C LEU A 265 -43.54 54.08 -19.54
N ALA A 266 -44.12 55.08 -18.86
CA ALA A 266 -45.10 56.00 -19.46
C ALA A 266 -44.61 56.59 -20.78
N ASP A 267 -43.35 57.04 -20.79
CA ASP A 267 -42.72 57.58 -21.99
C ASP A 267 -42.57 56.52 -23.09
N PHE A 268 -42.15 55.33 -22.68
CA PHE A 268 -41.94 54.20 -23.60
C PHE A 268 -43.19 53.85 -24.42
N LEU A 269 -44.36 53.93 -23.78
CA LEU A 269 -45.66 53.71 -24.42
C LEU A 269 -45.96 54.69 -25.54
N GLU A 270 -45.78 55.98 -25.25
CA GLU A 270 -46.06 57.06 -26.19
C GLU A 270 -45.29 56.90 -27.50
N GLU A 271 -44.07 56.38 -27.40
CA GLU A 271 -43.26 56.11 -28.57
C GLU A 271 -43.84 54.97 -29.43
N HIS A 272 -44.62 54.08 -28.79
CA HIS A 272 -45.25 52.97 -29.50
C HIS A 272 -46.78 52.99 -29.42
N ARG A 273 -47.38 54.18 -29.25
CA ARG A 273 -48.84 54.39 -29.29
C ARG A 273 -49.52 53.89 -30.60
N GLU A 274 -48.70 53.39 -31.53
CA GLU A 274 -49.20 52.81 -32.79
C GLU A 274 -49.38 51.29 -32.77
N LYS A 275 -48.46 50.58 -32.13
CA LYS A 275 -48.53 49.10 -32.01
C LYS A 275 -49.58 48.67 -30.99
N SER A 276 -49.92 47.38 -30.99
CA SER A 276 -50.78 46.81 -29.94
C SER A 276 -50.07 46.76 -28.59
N LEU A 277 -50.78 47.08 -27.52
CA LEU A 277 -50.25 47.05 -26.15
C LEU A 277 -49.46 45.79 -25.79
N LYS A 278 -49.97 44.62 -26.18
CA LYS A 278 -49.20 43.37 -26.07
C LYS A 278 -47.85 43.46 -26.82
N ASN A 279 -47.90 43.83 -28.11
CA ASN A 279 -46.70 44.02 -28.95
C ASN A 279 -45.72 45.06 -28.43
N CYS A 280 -46.25 46.16 -27.89
CA CYS A 280 -45.42 47.13 -27.22
C CYS A 280 -44.56 46.43 -26.18
N LEU A 281 -45.20 45.84 -25.17
CA LEU A 281 -44.52 45.18 -24.05
C LEU A 281 -43.72 43.95 -24.45
N LYS A 282 -44.02 43.40 -25.62
CA LYS A 282 -43.36 42.20 -26.15
C LYS A 282 -41.88 42.48 -26.40
N ILE A 283 -41.55 43.74 -26.61
CA ILE A 283 -40.19 44.17 -26.87
C ILE A 283 -39.43 44.30 -25.56
N LEU A 284 -40.12 44.70 -24.49
CA LEU A 284 -39.49 44.78 -23.16
C LEU A 284 -39.54 43.51 -22.30
N LEU A 285 -40.37 42.55 -22.69
CA LEU A 285 -40.64 41.37 -21.87
C LEU A 285 -40.81 40.11 -22.71
N PRO A 286 -40.77 38.92 -22.07
CA PRO A 286 -41.12 37.68 -22.79
C PRO A 286 -42.61 37.70 -23.18
N GLU A 287 -42.95 37.08 -24.30
CA GLU A 287 -44.30 37.22 -24.89
C GLU A 287 -45.45 36.80 -23.96
N ARG A 288 -45.30 35.67 -23.28
CA ARG A 288 -46.33 35.19 -22.38
C ARG A 288 -46.52 36.08 -21.15
N ILE A 289 -45.46 36.79 -20.73
CA ILE A 289 -45.60 37.80 -19.66
C ILE A 289 -46.33 39.02 -20.18
N ALA A 290 -46.11 39.36 -21.45
CA ALA A 290 -46.81 40.47 -22.08
C ALA A 290 -48.34 40.21 -22.13
N ASP A 291 -48.72 39.08 -22.72
CA ASP A 291 -50.11 38.56 -22.68
C ASP A 291 -50.73 38.74 -21.32
N PHE A 292 -50.01 38.30 -20.29
CA PHE A 292 -50.53 38.27 -18.95
C PHE A 292 -50.96 39.65 -18.45
N PHE A 293 -50.12 40.65 -18.64
CA PHE A 293 -50.39 41.98 -18.09
C PHE A 293 -51.47 42.73 -18.86
N THR A 294 -51.51 42.49 -20.17
CA THR A 294 -52.25 43.31 -21.10
C THR A 294 -53.50 42.65 -21.66
N GLN A 295 -53.88 41.51 -21.08
CA GLN A 295 -55.10 40.81 -21.47
C GLN A 295 -56.36 41.62 -21.12
N PRO A 296 -56.44 42.12 -19.88
CA PRO A 296 -57.66 42.84 -19.49
C PRO A 296 -57.83 44.25 -20.06
N PHE A 297 -56.80 44.76 -20.75
CA PHE A 297 -56.79 46.17 -21.17
C PHE A 297 -57.06 46.29 -22.66
N PRO A 298 -57.29 47.53 -23.16
CA PRO A 298 -57.55 47.78 -24.59
C PRO A 298 -56.46 47.23 -25.49
N GLU A 299 -56.85 46.88 -26.71
CA GLU A 299 -55.92 46.24 -27.63
C GLU A 299 -54.68 47.11 -27.85
N LYS A 300 -54.92 48.41 -28.05
CA LYS A 300 -53.89 49.34 -28.54
C LYS A 300 -53.47 50.38 -27.49
N VAL A 301 -52.17 50.68 -27.50
CA VAL A 301 -51.57 51.54 -26.48
C VAL A 301 -52.26 52.88 -26.40
N LYS A 302 -52.57 53.44 -27.57
CA LYS A 302 -53.28 54.72 -27.65
C LYS A 302 -54.73 54.65 -27.16
N GLN A 303 -55.39 53.50 -27.34
CA GLN A 303 -56.78 53.33 -26.87
C GLN A 303 -56.88 53.39 -25.35
N LEU A 304 -55.75 53.19 -24.65
CA LEU A 304 -55.66 53.39 -23.20
C LEU A 304 -56.04 54.81 -22.82
N ASN A 305 -56.69 54.97 -21.68
CA ASN A 305 -56.84 56.28 -21.04
C ASN A 305 -55.82 56.45 -19.90
N LEU A 306 -55.88 57.56 -19.19
CA LEU A 306 -54.93 57.88 -18.14
C LEU A 306 -54.96 56.83 -17.04
N SER A 307 -56.16 56.56 -16.50
CA SER A 307 -56.33 55.60 -15.40
C SER A 307 -55.86 54.18 -15.71
N GLU A 308 -56.04 53.77 -16.97
CA GLU A 308 -55.53 52.48 -17.46
C GLU A 308 -54.00 52.46 -17.49
N LYS A 309 -53.40 53.54 -18.00
CA LYS A 309 -51.93 53.71 -17.97
C LYS A 309 -51.36 53.61 -16.55
N GLU A 310 -51.93 54.35 -15.60
CA GLU A 310 -51.43 54.35 -14.22
C GLU A 310 -51.59 53.00 -13.52
N ALA A 311 -52.74 52.35 -13.71
CA ALA A 311 -53.04 51.04 -13.12
C ALA A 311 -52.15 49.96 -13.70
N LEU A 312 -52.03 49.94 -15.02
CA LEU A 312 -51.15 49.00 -15.71
C LEU A 312 -49.73 49.09 -15.17
N ILE A 313 -49.19 50.30 -15.15
CA ILE A 313 -47.82 50.55 -14.70
C ILE A 313 -47.63 50.04 -13.27
N LYS A 314 -48.57 50.35 -12.39
CA LYS A 314 -48.50 49.84 -11.00
C LYS A 314 -48.54 48.29 -10.87
N GLN A 315 -49.07 47.61 -11.88
CA GLN A 315 -49.06 46.14 -11.91
C GLN A 315 -47.68 45.65 -12.33
N ILE A 316 -47.17 46.23 -13.41
CA ILE A 316 -45.81 46.03 -13.91
C ILE A 316 -44.71 46.23 -12.84
N LYS A 317 -44.94 47.19 -11.95
CA LYS A 317 -43.96 47.57 -10.94
C LYS A 317 -44.25 46.99 -9.57
N GLU A 318 -45.48 46.58 -9.33
CA GLU A 318 -45.88 46.19 -7.99
C GLU A 318 -46.99 45.12 -7.92
N LEU A 319 -46.90 44.10 -8.77
CA LEU A 319 -47.86 42.99 -8.78
C LEU A 319 -47.88 42.25 -7.45
N PRO A 320 -48.98 42.37 -6.69
CA PRO A 320 -49.04 41.59 -5.44
C PRO A 320 -49.32 40.11 -5.72
N ILE A 321 -48.56 39.25 -5.05
CA ILE A 321 -48.66 37.81 -5.20
C ILE A 321 -48.98 37.22 -3.85
N SER A 322 -49.84 36.22 -3.81
CA SER A 322 -50.21 35.66 -2.52
C SER A 322 -49.52 34.32 -2.26
N VAL A 323 -48.68 34.31 -1.23
CA VAL A 323 -47.93 33.12 -0.91
C VAL A 323 -48.73 32.27 0.07
N THR A 324 -48.97 31.01 -0.28
CA THR A 324 -49.69 30.10 0.61
C THR A 324 -48.78 29.05 1.24
N GLY A 325 -47.48 29.30 1.21
CA GLY A 325 -46.51 28.43 1.88
C GLY A 325 -45.34 28.06 1.00
N LYS A 326 -44.42 27.27 1.56
CA LYS A 326 -43.25 26.84 0.80
C LYS A 326 -43.06 25.32 0.85
N MET A 327 -42.13 24.81 0.05
CA MET A 327 -41.75 23.40 0.11
C MET A 327 -41.11 23.05 1.45
N SER A 328 -41.30 21.81 1.86
CA SER A 328 -40.70 21.24 3.06
C SER A 328 -39.21 20.96 2.85
N LEU A 329 -38.53 20.63 3.95
CA LEU A 329 -37.15 20.22 3.91
C LEU A 329 -36.92 19.20 2.80
N ALA A 330 -37.70 18.12 2.81
CA ALA A 330 -37.63 17.07 1.79
C ALA A 330 -37.45 17.60 0.38
N LYS A 331 -38.11 18.69 0.05
CA LYS A 331 -38.21 19.17 -1.33
C LYS A 331 -37.51 20.50 -1.53
N SER A 332 -36.86 21.00 -0.48
CA SER A 332 -36.00 22.17 -0.57
C SER A 332 -34.61 21.76 -1.04
N PHE A 333 -33.91 22.68 -1.72
CA PHE A 333 -32.56 22.44 -2.23
C PHE A 333 -31.46 22.39 -1.13
N VAL A 334 -31.69 23.09 -0.02
CA VAL A 334 -30.70 23.21 1.04
C VAL A 334 -31.27 22.94 2.43
N THR A 335 -30.48 22.25 3.27
CA THR A 335 -30.78 22.07 4.68
C THR A 335 -30.10 23.16 5.51
N LYS A 336 -30.93 24.03 6.09
CA LYS A 336 -30.46 24.95 7.12
C LYS A 336 -30.35 24.17 8.43
N GLY A 337 -29.13 24.12 8.95
CA GLY A 337 -28.85 23.35 10.14
C GLY A 337 -27.84 22.24 9.90
N GLY A 338 -27.39 21.65 11.00
CA GLY A 338 -26.46 20.53 10.93
C GLY A 338 -25.59 20.42 12.16
N VAL A 339 -24.43 19.80 11.99
CA VAL A 339 -23.54 19.60 13.11
C VAL A 339 -23.05 20.98 13.52
N SER A 340 -23.01 21.21 14.83
CA SER A 340 -22.76 22.55 15.39
C SER A 340 -21.30 22.97 15.32
N LEU A 341 -21.10 24.12 14.68
CA LEU A 341 -19.78 24.66 14.43
C LEU A 341 -19.01 25.10 15.67
N LYS A 342 -19.67 25.21 16.81
CA LYS A 342 -18.97 25.59 18.04
C LYS A 342 -18.13 24.43 18.61
N GLU A 343 -18.25 23.25 18.01
CA GLU A 343 -17.47 22.08 18.42
C GLU A 343 -16.52 21.56 17.31
N ILE A 344 -16.26 22.40 16.31
CA ILE A 344 -15.44 22.02 15.17
C ILE A 344 -14.31 23.04 15.00
N ASN A 345 -13.09 22.57 14.77
CA ASN A 345 -11.97 23.46 14.46
C ASN A 345 -12.10 24.10 13.08
N PRO A 346 -12.17 25.44 13.03
CA PRO A 346 -12.41 26.12 11.72
C PRO A 346 -11.31 25.96 10.65
N LYS A 347 -10.17 25.41 11.06
CA LYS A 347 -8.97 25.34 10.23
C LYS A 347 -8.70 23.92 9.71
N THR A 348 -9.06 22.91 10.51
CA THR A 348 -8.80 21.51 10.18
C THR A 348 -10.08 20.74 9.96
N LEU A 349 -11.17 21.30 10.46
CA LEU A 349 -12.50 20.69 10.44
C LEU A 349 -12.57 19.43 11.26
N GLU A 350 -11.60 19.28 12.17
CA GLU A 350 -11.62 18.21 13.14
C GLU A 350 -12.57 18.53 14.27
N SER A 351 -13.26 17.50 14.76
CA SER A 351 -14.08 17.60 15.96
C SER A 351 -13.22 17.98 17.17
N LYS A 352 -13.75 18.88 18.00
CA LYS A 352 -13.10 19.24 19.25
C LYS A 352 -13.36 18.25 20.37
N LEU A 353 -14.27 17.30 20.17
CA LEU A 353 -14.64 16.36 21.23
C LEU A 353 -14.12 14.96 20.95
N VAL A 354 -13.89 14.66 19.68
CA VAL A 354 -13.26 13.39 19.31
C VAL A 354 -12.11 13.63 18.33
N PRO A 355 -10.88 13.32 18.77
CA PRO A 355 -9.73 13.43 17.86
C PRO A 355 -9.81 12.35 16.78
N GLY A 356 -9.37 12.70 15.57
CA GLY A 356 -9.48 11.80 14.41
C GLY A 356 -10.75 12.01 13.59
N LEU A 357 -11.81 12.50 14.23
CA LEU A 357 -13.10 12.71 13.60
C LEU A 357 -13.20 14.09 12.95
N HIS A 358 -13.71 14.11 11.72
CA HIS A 358 -13.85 15.31 10.93
C HIS A 358 -15.22 15.30 10.24
N PHE A 359 -15.68 16.49 9.86
CA PHE A 359 -16.98 16.68 9.19
C PHE A 359 -16.78 17.72 8.08
N ALA A 360 -17.29 17.44 6.89
CA ALA A 360 -17.29 18.47 5.85
C ALA A 360 -18.56 18.38 5.00
N GLY A 361 -18.86 19.47 4.29
CA GLY A 361 -20.06 19.55 3.45
C GLY A 361 -21.30 19.98 4.22
N GLU A 362 -22.46 19.64 3.69
CA GLU A 362 -23.74 20.13 4.19
C GLU A 362 -24.11 19.56 5.57
N VAL A 363 -23.51 18.44 5.94
CA VAL A 363 -23.70 17.82 7.25
C VAL A 363 -23.39 18.77 8.41
N LEU A 364 -22.59 19.80 8.14
CA LEU A 364 -22.28 20.87 9.08
C LEU A 364 -23.38 21.91 9.08
N ASP A 365 -23.54 22.65 10.17
CA ASP A 365 -24.44 23.81 10.20
C ASP A 365 -23.92 24.98 9.33
N ILE A 366 -23.71 24.72 8.05
CA ILE A 366 -23.49 25.78 7.08
C ILE A 366 -24.56 25.63 6.01
N ASN A 367 -25.10 26.76 5.56
CA ASN A 367 -26.06 26.77 4.46
C ASN A 367 -25.86 27.95 3.52
N ALA A 368 -25.99 27.71 2.22
CA ALA A 368 -25.72 28.76 1.23
C ALA A 368 -26.79 28.88 0.12
N HIS A 369 -26.71 29.93 -0.68
CA HIS A 369 -27.53 30.01 -1.87
C HIS A 369 -27.09 29.03 -2.95
N THR A 370 -28.05 28.58 -3.74
CA THR A 370 -27.79 27.94 -5.03
C THR A 370 -27.07 28.94 -5.96
N GLY A 371 -26.32 28.44 -6.94
CA GLY A 371 -25.44 29.28 -7.75
C GLY A 371 -23.96 28.89 -7.59
N GLY A 372 -23.72 27.82 -6.83
CA GLY A 372 -22.39 27.26 -6.70
C GLY A 372 -21.83 27.37 -5.29
N PHE A 373 -22.50 28.12 -4.42
CA PHE A 373 -21.98 28.40 -3.07
C PHE A 373 -22.05 27.22 -2.11
N ASN A 374 -22.97 26.29 -2.33
CA ASN A 374 -23.04 25.11 -1.50
C ASN A 374 -22.00 24.14 -1.97
N ILE A 375 -21.97 23.92 -3.27
CA ILE A 375 -20.99 23.01 -3.86
C ILE A 375 -19.56 23.50 -3.57
N THR A 376 -19.32 24.81 -3.78
CA THR A 376 -18.03 25.43 -3.47
C THR A 376 -17.70 25.20 -2.00
N SER A 377 -18.70 25.33 -1.17
CA SER A 377 -18.52 25.12 0.25
C SER A 377 -18.14 23.68 0.59
N ALA A 378 -18.60 22.73 -0.21
CA ALA A 378 -18.42 21.31 0.12
C ALA A 378 -17.07 20.79 -0.39
N LEU A 379 -16.73 21.24 -1.59
CA LEU A 379 -15.46 20.89 -2.19
C LEU A 379 -14.32 21.43 -1.33
N CYS A 380 -14.44 22.69 -0.91
CA CYS A 380 -13.37 23.30 -0.10
C CYS A 380 -13.29 22.65 1.27
N THR A 381 -14.37 22.65 2.01
CA THR A 381 -14.33 22.08 3.34
C THR A 381 -13.82 20.65 3.26
N GLY A 382 -14.16 20.00 2.13
CA GLY A 382 -13.79 18.62 1.87
C GLY A 382 -12.29 18.54 1.71
N TRP A 383 -11.77 19.35 0.79
CA TRP A 383 -10.34 19.48 0.55
C TRP A 383 -9.56 19.64 1.86
N VAL A 384 -10.00 20.60 2.68
CA VAL A 384 -9.35 20.87 3.96
C VAL A 384 -9.40 19.66 4.90
N ALA A 385 -10.60 19.10 5.10
CA ALA A 385 -10.77 17.98 6.02
C ALA A 385 -9.83 16.85 5.65
N GLY A 386 -9.70 16.60 4.34
CA GLY A 386 -8.89 15.49 3.84
C GLY A 386 -7.40 15.76 3.93
N SER A 387 -7.04 17.04 3.78
CA SER A 387 -5.65 17.46 3.87
C SER A 387 -5.09 17.26 5.29
N LEU A 388 -3.77 17.33 5.41
CA LEU A 388 -3.06 17.06 6.67
C LEU A 388 -2.52 18.33 7.32
N HIS A 389 -2.59 18.38 8.64
CA HIS A 389 -1.99 19.45 9.37
C HIS A 389 -1.33 18.80 10.56
N TYR A 390 -0.18 19.31 10.93
CA TYR A 390 0.61 18.73 12.02
C TYR A 390 1.30 19.80 12.84
N ASP A 391 1.23 19.65 14.15
CA ASP A 391 1.98 20.48 15.08
C ASP A 391 1.53 20.27 16.51
N MET B 1 16.59 -6.28 -2.76
CA MET B 1 16.33 -5.16 -3.70
C MET B 1 17.02 -3.89 -3.20
N ASN B 2 18.03 -3.45 -3.94
CA ASN B 2 18.89 -2.30 -3.53
C ASN B 2 18.35 -0.90 -3.87
N HIS B 3 17.02 -0.75 -3.86
CA HIS B 3 16.40 0.53 -4.16
C HIS B 3 15.54 1.01 -2.99
N PHE B 4 15.77 2.26 -2.62
CA PHE B 4 15.08 2.92 -1.52
C PHE B 4 14.56 4.26 -2.01
N ASP B 5 13.44 4.69 -1.44
CA ASP B 5 12.97 6.05 -1.62
C ASP B 5 14.07 7.06 -1.20
N THR B 6 14.69 6.81 -0.05
CA THR B 6 15.68 7.73 0.54
C THR B 6 16.92 7.01 1.11
N ILE B 7 18.09 7.50 0.71
CA ILE B 7 19.36 7.06 1.23
C ILE B 7 20.07 8.21 1.93
N ILE B 8 20.71 7.90 3.06
CA ILE B 8 21.47 8.86 3.87
C ILE B 8 22.91 8.38 4.00
N ILE B 9 23.85 9.25 3.68
CA ILE B 9 25.26 8.92 3.83
C ILE B 9 25.84 9.57 5.07
N GLY B 10 25.63 8.96 6.24
CA GLY B 10 26.25 9.44 7.48
C GLY B 10 25.54 9.15 8.79
N GLY B 11 26.10 8.24 9.57
CA GLY B 11 25.52 7.82 10.86
C GLY B 11 25.69 8.75 12.06
N GLY B 12 26.15 9.99 11.84
CA GLY B 12 26.15 11.03 12.86
C GLY B 12 24.75 11.41 13.32
N PRO B 13 24.63 12.46 14.15
CA PRO B 13 23.29 12.83 14.63
C PRO B 13 22.39 13.41 13.53
N ALA B 14 22.99 13.97 12.48
CA ALA B 14 22.23 14.46 11.34
C ALA B 14 21.68 13.25 10.57
N GLY B 15 22.59 12.38 10.13
CA GLY B 15 22.22 11.14 9.47
C GLY B 15 21.14 10.36 10.21
N MET B 16 21.38 10.12 11.50
CA MET B 16 20.47 9.31 12.31
C MET B 16 19.09 9.94 12.41
N MET B 17 19.05 11.25 12.65
CA MET B 17 17.78 11.91 12.83
C MET B 17 17.04 12.00 11.51
N ALA B 18 17.79 12.18 10.42
CA ALA B 18 17.23 12.15 9.08
C ALA B 18 16.56 10.81 8.80
N THR B 19 17.28 9.73 9.10
CA THR B 19 16.76 8.38 8.97
C THR B 19 15.43 8.18 9.67
N ILE B 20 15.28 8.78 10.84
CA ILE B 20 14.06 8.66 11.63
C ILE B 20 12.92 9.51 11.02
N SER B 21 13.22 10.78 10.74
CA SER B 21 12.34 11.68 10.03
C SER B 21 11.74 11.02 8.79
N SER B 22 12.62 10.42 7.98
CA SER B 22 12.25 9.81 6.73
C SER B 22 11.30 8.65 6.98
N SER B 23 11.77 7.66 7.70
CA SER B 23 10.93 6.53 8.03
C SER B 23 9.59 6.93 8.68
N PHE B 24 9.57 8.01 9.46
CA PHE B 24 8.32 8.48 10.10
C PHE B 24 7.26 8.85 9.04
N TYR B 25 7.73 9.42 7.93
CA TYR B 25 6.84 9.89 6.86
C TYR B 25 6.56 8.82 5.78
N GLY B 26 6.84 7.55 6.09
CA GLY B 26 6.55 6.44 5.19
C GLY B 26 7.52 6.27 4.04
N GLN B 27 8.70 6.86 4.12
CA GLN B 27 9.72 6.65 3.11
C GLN B 27 10.57 5.46 3.50
N LYS B 28 10.73 4.52 2.57
CA LYS B 28 11.59 3.38 2.81
C LYS B 28 13.03 3.86 2.75
N THR B 29 13.64 3.97 3.93
CA THR B 29 14.93 4.64 4.07
C THR B 29 16.09 3.74 4.41
N LEU B 30 17.23 4.00 3.78
CA LEU B 30 18.50 3.35 4.10
C LEU B 30 19.49 4.36 4.64
N LEU B 31 20.16 3.97 5.72
CA LEU B 31 21.25 4.76 6.29
C LEU B 31 22.59 4.02 6.17
N LEU B 32 23.54 4.66 5.51
CA LEU B 32 24.85 4.08 5.26
C LEU B 32 25.95 4.79 6.05
N GLU B 33 26.55 4.04 6.98
CA GLU B 33 27.66 4.51 7.82
C GLU B 33 28.98 3.81 7.49
N LYS B 34 30.08 4.59 7.47
CA LYS B 34 31.45 4.12 7.23
C LYS B 34 32.07 3.27 8.38
N ASN B 35 31.90 3.71 9.62
CA ASN B 35 32.38 2.99 10.81
C ASN B 35 31.50 1.77 11.13
N LYS B 36 31.94 0.94 12.07
CA LYS B 36 31.11 -0.16 12.56
C LYS B 36 30.11 0.34 13.58
N ARG B 37 30.38 1.52 14.15
CA ARG B 37 29.51 2.12 15.17
C ARG B 37 28.94 3.48 14.70
N LEU B 38 27.65 3.66 14.95
CA LEU B 38 26.98 4.92 14.63
C LEU B 38 27.37 6.04 15.58
N GLY B 39 27.66 7.20 15.00
CA GLY B 39 27.88 8.42 15.77
C GLY B 39 29.11 8.33 16.62
N LYS B 40 30.25 8.10 15.96
CA LYS B 40 31.53 8.04 16.64
C LYS B 40 31.89 9.39 17.29
N LYS B 41 31.72 10.47 16.54
CA LYS B 41 32.03 11.82 17.03
C LYS B 41 31.05 12.27 18.12
N LEU B 42 29.76 11.99 17.91
CA LEU B 42 28.71 12.30 18.88
C LEU B 42 28.92 11.65 20.28
N ALA B 43 29.54 10.47 20.28
CA ALA B 43 29.88 9.75 21.52
C ALA B 43 30.88 10.52 22.36
N GLY B 44 31.94 11.02 21.71
CA GLY B 44 33.01 11.76 22.38
C GLY B 44 32.74 13.25 22.60
N THR B 45 31.47 13.63 22.80
CA THR B 45 31.09 15.01 23.14
C THR B 45 30.64 15.10 24.61
N GLY B 46 30.78 16.28 25.19
CA GLY B 46 30.58 16.49 26.65
C GLY B 46 31.64 15.72 27.43
N GLY B 47 32.89 15.80 26.95
CA GLY B 47 33.97 14.94 27.43
C GLY B 47 33.54 13.48 27.63
N GLY B 48 32.99 12.86 26.59
CA GLY B 48 32.58 11.47 26.64
C GLY B 48 31.17 11.17 27.17
N ARG B 49 30.48 12.18 27.71
CA ARG B 49 29.16 11.95 28.34
C ARG B 49 27.95 12.22 27.43
N CYS B 50 28.23 12.72 26.21
CA CYS B 50 27.22 12.99 25.17
C CYS B 50 26.31 14.20 25.42
N ASN B 51 26.76 15.36 24.96
CA ASN B 51 25.97 16.59 24.98
C ASN B 51 24.94 16.54 23.87
N VAL B 52 23.73 16.07 24.19
CA VAL B 52 22.74 15.80 23.16
C VAL B 52 22.08 17.07 22.59
N THR B 53 21.94 18.10 23.41
CA THR B 53 21.33 19.37 22.99
C THR B 53 21.56 20.44 24.05
N ASN B 54 20.93 21.60 23.87
CA ASN B 54 20.95 22.70 24.84
C ASN B 54 19.52 23.11 25.08
N ASN B 55 19.18 23.42 26.31
CA ASN B 55 17.78 23.69 26.60
C ASN B 55 17.48 25.17 26.61
N GLY B 56 18.38 25.93 25.96
CA GLY B 56 18.27 27.38 25.94
C GLY B 56 17.01 27.79 25.21
N ASN B 57 16.60 29.03 25.43
CA ASN B 57 15.52 29.64 24.67
CA ASN B 57 15.51 29.57 24.64
C ASN B 57 16.04 30.18 23.33
N LEU B 58 15.19 30.92 22.60
CA LEU B 58 15.55 31.39 21.24
C LEU B 58 16.77 32.30 21.22
N ASP B 59 16.81 33.25 22.15
CA ASP B 59 18.02 33.98 22.57
C ASP B 59 19.27 33.15 22.49
N ASP B 60 19.29 32.14 23.34
CA ASP B 60 20.47 31.35 23.66
C ASP B 60 20.86 30.52 22.44
N LEU B 61 19.84 30.00 21.75
CA LEU B 61 20.05 29.28 20.50
C LEU B 61 20.79 30.13 19.49
N MET B 62 20.24 31.31 19.18
CA MET B 62 20.89 32.22 18.25
C MET B 62 22.29 32.68 18.73
N ALA B 63 22.41 32.98 20.03
CA ALA B 63 23.72 33.33 20.61
C ALA B 63 24.68 32.16 20.53
N GLY B 64 24.15 30.94 20.63
CA GLY B 64 24.95 29.72 20.51
C GLY B 64 25.39 29.30 19.11
N ILE B 65 24.85 29.97 18.07
CA ILE B 65 25.14 29.62 16.68
C ILE B 65 25.50 30.88 15.87
N PRO B 66 26.68 31.47 16.13
CA PRO B 66 27.01 32.73 15.46
C PRO B 66 27.31 32.58 13.96
N GLY B 67 27.65 31.37 13.53
CA GLY B 67 28.00 31.12 12.14
C GLY B 67 26.77 30.72 11.36
N ASN B 68 26.06 31.76 10.86
CA ASN B 68 24.88 31.62 9.98
C ASN B 68 23.65 30.97 10.63
N GLY B 69 23.40 31.33 11.88
CA GLY B 69 22.26 30.83 12.62
C GLY B 69 20.92 31.37 12.13
N ARG B 70 20.93 32.55 11.52
CA ARG B 70 19.68 33.15 11.01
C ARG B 70 19.04 32.26 9.95
N PHE B 71 19.88 31.54 9.21
CA PHE B 71 19.46 30.59 8.20
C PHE B 71 18.55 29.49 8.73
N LEU B 72 18.55 29.25 10.03
CA LEU B 72 17.81 28.12 10.57
C LEU B 72 16.43 28.46 11.13
N TYR B 73 15.92 29.65 10.83
CA TYR B 73 14.60 30.07 11.30
C TYR B 73 13.55 29.03 10.89
N SER B 74 13.64 28.59 9.62
CA SER B 74 12.69 27.64 9.01
C SER B 74 12.77 26.27 9.63
N VAL B 75 14.00 25.79 9.82
CA VAL B 75 14.27 24.53 10.51
C VAL B 75 13.71 24.57 11.94
N PHE B 76 14.16 25.54 12.75
CA PHE B 76 13.76 25.58 14.17
C PHE B 76 12.27 25.75 14.35
N SER B 77 11.61 26.39 13.39
CA SER B 77 10.14 26.51 13.45
C SER B 77 9.44 25.20 13.12
N GLN B 78 10.13 24.32 12.39
CA GLN B 78 9.62 22.98 12.15
C GLN B 78 9.99 22.00 13.25
N PHE B 79 11.19 22.16 13.80
CA PHE B 79 11.74 21.22 14.77
C PHE B 79 12.83 21.98 15.51
N ASP B 80 12.77 22.02 16.84
CA ASP B 80 13.77 22.76 17.63
C ASP B 80 14.33 21.93 18.78
N ASN B 81 15.21 22.54 19.57
CA ASN B 81 15.86 21.89 20.72
C ASN B 81 14.87 21.33 21.77
N HIS B 82 13.71 21.96 21.92
CA HIS B 82 12.70 21.43 22.84
C HIS B 82 12.09 20.12 22.30
N ASP B 83 11.91 20.05 20.98
CA ASP B 83 11.41 18.85 20.29
C ASP B 83 12.39 17.68 20.37
N ILE B 84 13.69 17.98 20.27
CA ILE B 84 14.75 16.99 20.48
C ILE B 84 14.61 16.34 21.86
N ILE B 85 14.24 17.17 22.84
CA ILE B 85 14.15 16.74 24.23
C ILE B 85 12.95 15.81 24.42
N ASN B 86 11.75 16.28 24.06
CA ASN B 86 10.56 15.42 24.06
C ASN B 86 10.80 14.10 23.35
N PHE B 87 11.37 14.14 22.15
CA PHE B 87 11.69 12.92 21.45
C PHE B 87 12.39 11.89 22.34
N PHE B 88 13.53 12.26 22.93
CA PHE B 88 14.29 11.32 23.75
C PHE B 88 13.54 10.84 25.01
N THR B 89 12.84 11.76 25.68
CA THR B 89 12.14 11.43 26.94
C THR B 89 10.90 10.57 26.67
N GLU B 90 10.08 11.03 25.73
CA GLU B 90 8.88 10.30 25.30
C GLU B 90 9.22 9.06 24.46
N ASN B 91 10.49 8.64 24.49
CA ASN B 91 10.93 7.38 23.90
C ASN B 91 11.80 6.58 24.88
N GLY B 92 11.64 6.87 26.18
CA GLY B 92 12.27 6.13 27.27
C GLY B 92 13.71 6.45 27.67
N VAL B 93 14.16 7.68 27.44
CA VAL B 93 15.50 8.14 27.87
C VAL B 93 15.42 9.47 28.65
N LYS B 94 15.87 9.44 29.91
CA LYS B 94 15.78 10.61 30.82
C LYS B 94 16.98 11.55 30.74
N LEU B 95 16.67 12.84 30.84
CA LEU B 95 17.63 13.89 30.55
C LEU B 95 17.82 14.92 31.68
N LYS B 96 19.09 15.19 31.99
CA LYS B 96 19.44 16.21 32.97
C LYS B 96 19.98 17.49 32.32
N VAL B 97 19.38 18.62 32.71
CA VAL B 97 19.86 19.94 32.33
C VAL B 97 20.92 20.42 33.33
N GLU B 98 22.18 20.47 32.89
CA GLU B 98 23.30 21.01 33.69
C GLU B 98 23.52 22.51 33.47
N ASP B 99 24.77 22.95 33.64
CA ASP B 99 25.14 24.37 33.59
C ASP B 99 25.06 24.93 32.17
N HIS B 100 24.64 26.19 32.05
CA HIS B 100 24.62 26.89 30.76
C HIS B 100 23.71 26.19 29.76
N GLY B 101 22.60 25.66 30.26
CA GLY B 101 21.60 24.99 29.43
C GLY B 101 22.00 23.68 28.76
N ARG B 102 23.16 23.12 29.12
CA ARG B 102 23.65 21.86 28.52
C ARG B 102 22.85 20.64 28.94
N VAL B 103 22.37 19.87 27.95
CA VAL B 103 21.53 18.70 28.21
C VAL B 103 22.31 17.39 28.05
N PHE B 104 21.99 16.43 28.94
CA PHE B 104 22.74 15.18 29.04
C PHE B 104 21.86 13.99 29.34
N PRO B 105 22.28 12.79 28.88
CA PRO B 105 21.60 11.59 29.34
C PRO B 105 21.90 11.40 30.84
N VAL B 106 20.85 11.26 31.66
CA VAL B 106 21.00 11.03 33.11
C VAL B 106 22.04 9.95 33.42
N THR B 107 22.04 8.91 32.60
CA THR B 107 22.97 7.78 32.69
C THR B 107 24.44 8.15 32.44
N ASP B 108 24.67 9.35 31.94
CA ASP B 108 26.02 9.86 31.68
C ASP B 108 26.89 8.99 30.75
N LYS B 109 26.31 7.96 30.15
CA LYS B 109 27.01 7.21 29.10
C LYS B 109 26.37 7.46 27.73
N SER B 110 27.21 7.47 26.69
CA SER B 110 26.78 7.82 25.34
C SER B 110 25.81 6.81 24.74
N ARG B 111 26.12 5.52 24.87
CA ARG B 111 25.30 4.47 24.27
C ARG B 111 23.83 4.50 24.73
N THR B 112 23.52 5.32 25.74
CA THR B 112 22.12 5.58 26.08
C THR B 112 21.43 6.33 24.95
N ILE B 113 22.15 7.27 24.34
CA ILE B 113 21.61 8.11 23.28
C ILE B 113 21.61 7.32 21.95
N ILE B 114 22.80 6.92 21.51
CA ILE B 114 23.01 6.20 20.24
C ILE B 114 22.06 5.01 20.07
N GLU B 115 22.06 4.11 21.04
CA GLU B 115 21.24 2.91 20.92
C GLU B 115 19.74 3.18 20.96
N ALA B 116 19.32 4.30 21.54
CA ALA B 116 17.90 4.66 21.60
C ALA B 116 17.42 5.15 20.23
N LEU B 117 18.35 5.77 19.50
CA LEU B 117 18.14 6.15 18.10
C LEU B 117 18.11 4.91 17.20
N GLU B 118 19.12 4.05 17.35
CA GLU B 118 19.17 2.76 16.66
C GLU B 118 17.92 1.93 16.88
N LYS B 119 17.41 1.97 18.12
CA LYS B 119 16.18 1.30 18.48
C LYS B 119 14.98 1.94 17.77
N LYS B 120 15.04 3.26 17.58
CA LYS B 120 13.94 3.96 16.93
C LYS B 120 13.93 3.78 15.42
N ILE B 121 15.11 3.79 14.79
CA ILE B 121 15.20 3.50 13.36
C ILE B 121 14.54 2.15 13.07
N ALA B 122 15.14 1.07 13.60
CA ALA B 122 14.60 -0.28 13.44
C ALA B 122 13.08 -0.36 13.72
N GLU B 123 12.59 0.31 14.76
CA GLU B 123 11.13 0.35 15.01
C GLU B 123 10.34 0.79 13.78
N LEU B 124 10.61 2.00 13.28
CA LEU B 124 9.87 2.57 12.15
C LEU B 124 10.22 1.92 10.81
N GLY B 125 10.96 0.82 10.87
CA GLY B 125 11.32 0.03 9.69
C GLY B 125 12.33 0.75 8.80
N GLY B 126 13.30 1.40 9.41
CA GLY B 126 14.43 1.96 8.68
C GLY B 126 15.42 0.84 8.48
N THR B 127 16.50 1.10 7.76
CA THR B 127 17.51 0.09 7.47
C THR B 127 18.86 0.73 7.61
N VAL B 128 19.69 0.14 8.45
CA VAL B 128 21.00 0.71 8.71
C VAL B 128 22.06 -0.28 8.28
N ILE B 129 22.99 0.19 7.45
CA ILE B 129 24.10 -0.66 7.01
C ILE B 129 25.43 0.01 7.32
N THR B 130 26.12 -0.53 8.33
CA THR B 130 27.38 0.04 8.87
C THR B 130 28.61 -0.76 8.51
N ASN B 131 29.80 -0.11 8.66
CA ASN B 131 31.10 -0.53 8.15
C ASN B 131 31.39 -0.28 6.64
N THR B 132 30.38 0.14 5.88
CA THR B 132 30.54 0.40 4.44
C THR B 132 30.95 1.85 4.17
N GLU B 133 32.12 2.06 3.57
CA GLU B 133 32.49 3.39 3.11
C GLU B 133 31.93 3.66 1.72
N ILE B 134 31.00 4.61 1.62
CA ILE B 134 30.54 5.07 0.33
C ILE B 134 31.69 5.81 -0.37
N VAL B 135 31.91 5.46 -1.64
CA VAL B 135 33.03 5.99 -2.41
C VAL B 135 32.57 6.73 -3.65
N SER B 136 31.36 6.42 -4.12
CA SER B 136 30.84 7.01 -5.37
C SER B 136 29.35 7.40 -5.34
N VAL B 137 29.06 8.63 -5.73
CA VAL B 137 27.68 9.04 -6.03
C VAL B 137 27.58 9.84 -7.34
N LYS B 138 26.79 9.32 -8.27
CA LYS B 138 26.43 10.05 -9.50
C LYS B 138 24.89 10.08 -9.63
N LYS B 139 24.40 10.87 -10.58
CA LYS B 139 22.97 10.94 -10.88
C LYS B 139 22.71 10.88 -12.39
N THR B 140 21.92 9.91 -12.82
CA THR B 140 21.43 9.91 -14.19
C THR B 140 19.91 9.98 -14.12
N ASP B 141 19.38 11.02 -14.77
CA ASP B 141 17.95 11.32 -14.77
C ASP B 141 17.49 11.57 -13.35
N GLU B 142 16.55 10.76 -12.88
CA GLU B 142 15.82 11.02 -11.65
C GLU B 142 16.31 10.11 -10.54
N LEU B 143 17.45 9.46 -10.79
CA LEU B 143 17.97 8.42 -9.91
C LEU B 143 19.44 8.63 -9.49
N PHE B 144 19.66 8.55 -8.17
CA PHE B 144 20.98 8.60 -7.58
C PHE B 144 21.62 7.22 -7.49
N THR B 145 22.90 7.15 -7.81
CA THR B 145 23.65 5.90 -7.67
C THR B 145 24.75 5.97 -6.59
N VAL B 146 24.41 5.35 -5.45
CA VAL B 146 25.26 5.34 -4.26
C VAL B 146 26.05 4.03 -4.28
N ARG B 147 27.37 4.17 -4.27
CA ARG B 147 28.28 3.03 -4.44
C ARG B 147 29.43 3.00 -3.43
N SER B 148 29.51 1.91 -2.68
CA SER B 148 30.77 1.49 -2.06
C SER B 148 31.56 0.75 -3.14
N SER B 149 32.77 0.28 -2.84
CA SER B 149 33.55 -0.46 -3.86
C SER B 149 32.90 -1.82 -4.21
N ASP B 150 32.09 -2.34 -3.28
CA ASP B 150 31.38 -3.60 -3.43
C ASP B 150 30.03 -3.47 -4.14
N GLN B 151 29.26 -2.45 -3.74
CA GLN B 151 27.84 -2.43 -4.06
C GLN B 151 27.32 -1.20 -4.77
N ALA B 152 26.03 -1.26 -5.08
CA ALA B 152 25.28 -0.18 -5.68
C ALA B 152 23.89 -0.12 -5.05
N TRP B 153 23.46 1.08 -4.70
CA TRP B 153 22.10 1.31 -4.28
C TRP B 153 21.48 2.45 -5.10
N THR B 154 20.16 2.44 -5.16
CA THR B 154 19.43 3.50 -5.84
C THR B 154 18.40 4.15 -4.91
N CYS B 155 18.17 5.43 -5.15
CA CYS B 155 17.15 6.20 -4.45
C CYS B 155 16.77 7.39 -5.33
N GLN B 156 15.63 8.00 -5.01
CA GLN B 156 15.23 9.26 -5.62
C GLN B 156 15.71 10.44 -4.76
N LYS B 157 15.79 10.21 -3.45
CA LYS B 157 16.21 11.25 -2.51
C LYS B 157 17.53 10.92 -1.80
N LEU B 158 18.53 11.76 -1.99
CA LEU B 158 19.80 11.63 -1.28
C LEU B 158 20.05 12.76 -0.25
N ILE B 159 20.28 12.37 1.01
CA ILE B 159 20.69 13.32 2.06
C ILE B 159 22.15 13.08 2.46
N VAL B 160 22.95 14.11 2.34
CA VAL B 160 24.38 14.04 2.67
C VAL B 160 24.67 14.58 4.10
N THR B 161 25.23 13.72 4.94
CA THR B 161 25.41 14.02 6.37
C THR B 161 26.73 13.45 6.85
N THR B 162 27.82 13.89 6.21
CA THR B 162 29.14 13.32 6.42
C THR B 162 30.01 14.11 7.43
N GLY B 163 29.39 15.03 8.17
CA GLY B 163 30.10 15.90 9.11
C GLY B 163 30.94 16.94 8.39
N GLY B 164 31.93 17.49 9.10
CA GLY B 164 32.88 18.43 8.52
C GLY B 164 34.24 17.80 8.40
N LYS B 165 35.28 18.59 8.68
CA LYS B 165 36.66 18.16 8.51
C LYS B 165 37.44 17.95 9.84
N SER B 166 36.83 18.33 10.97
CA SER B 166 37.47 18.28 12.29
C SER B 166 37.43 16.91 12.96
N TYR B 167 38.59 16.40 13.35
CA TYR B 167 38.74 15.07 13.98
C TYR B 167 38.58 13.91 12.99
N PRO B 168 39.44 13.86 11.94
CA PRO B 168 39.37 12.85 10.87
C PRO B 168 39.15 11.45 11.40
N SER B 169 39.80 11.12 12.52
CA SER B 169 39.69 9.82 13.18
C SER B 169 38.27 9.41 13.66
N THR B 170 37.28 10.29 13.53
CA THR B 170 35.90 9.90 13.87
C THR B 170 35.13 9.34 12.67
N GLY B 171 35.57 9.66 11.46
CA GLY B 171 34.88 9.31 10.24
C GLY B 171 34.52 10.52 9.40
N SER B 172 34.55 11.70 10.02
CA SER B 172 34.33 12.95 9.31
C SER B 172 35.59 13.41 8.60
N THR B 173 35.81 12.84 7.41
CA THR B 173 37.02 13.11 6.63
C THR B 173 36.79 13.95 5.35
N GLY B 174 35.52 14.20 5.02
CA GLY B 174 35.18 15.25 4.04
C GLY B 174 34.51 14.83 2.74
N PHE B 175 33.88 13.66 2.75
CA PHE B 175 33.28 13.10 1.55
C PHE B 175 32.08 13.89 1.05
N GLY B 176 31.34 14.50 1.98
CA GLY B 176 30.19 15.33 1.62
C GLY B 176 30.56 16.54 0.78
N HIS B 177 31.77 17.05 0.99
CA HIS B 177 32.27 18.23 0.30
C HIS B 177 32.66 17.84 -1.11
N ASP B 178 32.98 16.55 -1.29
CA ASP B 178 33.28 15.98 -2.62
C ASP B 178 32.00 15.88 -3.44
N ILE B 179 31.01 15.19 -2.87
CA ILE B 179 29.66 15.15 -3.42
C ILE B 179 29.18 16.53 -3.86
N ALA B 180 29.33 17.52 -3.00
CA ALA B 180 28.78 18.84 -3.23
C ALA B 180 29.38 19.52 -4.47
N ARG B 181 30.70 19.39 -4.66
CA ARG B 181 31.36 19.97 -5.84
C ARG B 181 31.08 19.19 -7.13
N HIS B 182 31.00 17.87 -7.04
CA HIS B 182 30.57 17.01 -8.15
C HIS B 182 29.23 17.48 -8.73
N PHE B 183 28.38 18.09 -7.90
CA PHE B 183 27.09 18.63 -8.35
C PHE B 183 27.11 20.16 -8.42
N LYS B 184 28.30 20.72 -8.60
CA LYS B 184 28.48 22.16 -8.90
C LYS B 184 28.18 23.15 -7.76
N HIS B 185 28.13 22.67 -6.52
CA HIS B 185 27.94 23.53 -5.35
C HIS B 185 29.22 24.23 -4.92
N THR B 186 29.12 25.45 -4.39
CA THR B 186 30.23 26.06 -3.70
C THR B 186 30.42 25.37 -2.34
N VAL B 187 31.68 25.13 -1.99
CA VAL B 187 32.05 24.89 -0.60
C VAL B 187 33.00 26.02 -0.21
N THR B 188 32.67 26.72 0.88
CA THR B 188 33.39 27.92 1.30
C THR B 188 34.74 27.56 1.91
N ASP B 189 35.56 28.58 2.24
CA ASP B 189 36.81 28.39 2.99
C ASP B 189 36.57 27.54 4.24
N LEU B 190 37.48 26.61 4.51
CA LEU B 190 37.37 25.73 5.68
C LEU B 190 38.44 26.06 6.71
N GLU B 191 38.02 26.61 7.85
CA GLU B 191 38.96 26.97 8.91
C GLU B 191 38.52 26.45 10.29
N ALA B 192 39.44 26.48 11.25
CA ALA B 192 39.17 25.98 12.59
C ALA B 192 38.32 26.92 13.43
N ALA B 193 37.47 26.34 14.27
CA ALA B 193 36.66 27.09 15.23
C ALA B 193 36.49 26.25 16.48
N GLU B 194 36.41 26.90 17.65
CA GLU B 194 36.29 26.20 18.92
C GLU B 194 37.54 25.35 19.11
N SER B 195 38.69 26.02 19.03
CA SER B 195 40.01 25.40 19.09
C SER B 195 40.59 25.63 20.48
N PRO B 196 41.05 24.56 21.16
CA PRO B 196 41.82 24.83 22.38
C PRO B 196 43.05 25.73 22.16
N LEU B 197 43.47 26.42 23.21
CA LEU B 197 44.62 27.32 23.15
C LEU B 197 45.89 26.70 23.72
N LEU B 198 47.02 26.98 23.07
CA LEU B 198 48.35 26.60 23.53
C LEU B 198 48.97 27.80 24.26
N THR B 199 49.28 27.65 25.54
CA THR B 199 49.88 28.76 26.29
C THR B 199 51.33 28.45 26.72
N ASP B 200 52.07 29.51 27.01
CA ASP B 200 53.38 29.42 27.65
C ASP B 200 53.19 29.73 29.14
N PHE B 201 53.32 28.69 29.95
CA PHE B 201 52.78 28.67 31.29
C PHE B 201 53.28 27.43 32.05
N PRO B 202 53.41 27.54 33.39
CA PRO B 202 53.62 26.38 34.28
C PRO B 202 52.38 25.46 34.40
N HIS B 203 52.08 24.71 33.35
CA HIS B 203 50.81 23.96 33.26
C HIS B 203 50.53 23.01 34.42
N LYS B 204 51.58 22.34 34.89
CA LYS B 204 51.45 21.32 35.94
C LYS B 204 50.82 21.91 37.20
N ALA B 205 51.19 23.14 37.52
CA ALA B 205 50.63 23.82 38.69
C ALA B 205 49.10 23.91 38.67
N LEU B 206 48.50 23.98 37.48
CA LEU B 206 47.04 24.19 37.38
C LEU B 206 46.22 23.18 36.55
N GLN B 207 46.88 22.33 35.74
CA GLN B 207 46.16 21.42 34.84
C GLN B 207 45.14 20.55 35.57
N GLY B 208 43.90 20.68 35.12
CA GLY B 208 42.80 19.99 35.76
C GLY B 208 41.80 20.95 36.35
N ILE B 209 42.23 22.13 36.79
CA ILE B 209 41.28 23.06 37.38
C ILE B 209 40.30 23.66 36.36
N SER B 210 39.01 23.55 36.71
CA SER B 210 37.92 24.23 36.01
CA SER B 210 37.94 24.24 36.01
C SER B 210 37.54 25.46 36.80
N LEU B 211 37.19 26.54 36.11
CA LEU B 211 36.67 27.73 36.76
C LEU B 211 35.34 28.12 36.13
N ASP B 212 34.45 28.69 36.93
CA ASP B 212 33.11 29.02 36.45
C ASP B 212 32.94 30.51 36.24
N ASP B 213 32.27 30.87 35.15
CA ASP B 213 32.04 32.27 34.74
C ASP B 213 33.20 33.19 35.09
N VAL B 214 34.37 32.89 34.55
CA VAL B 214 35.51 33.81 34.62
C VAL B 214 35.68 34.58 33.32
N THR B 215 36.59 35.56 33.29
CA THR B 215 36.69 36.50 32.17
C THR B 215 38.03 36.46 31.45
N LEU B 216 38.00 36.07 30.17
CA LEU B 216 39.16 36.20 29.28
C LEU B 216 39.03 37.44 28.41
N SER B 217 40.08 38.25 28.40
CA SER B 217 40.11 39.52 27.64
C SER B 217 41.22 39.57 26.64
N TYR B 218 40.96 40.24 25.53
CA TYR B 218 41.98 40.56 24.55
C TYR B 218 41.41 41.67 23.70
N GLY B 219 42.06 42.82 23.70
CA GLY B 219 41.53 43.99 23.00
C GLY B 219 40.06 44.22 23.31
N LYS B 220 39.24 44.37 22.27
CA LYS B 220 37.80 44.63 22.43
C LYS B 220 37.00 43.40 22.90
N HIS B 221 37.58 42.20 22.79
CA HIS B 221 36.88 40.95 23.07
C HIS B 221 36.95 40.48 24.55
N ILE B 222 35.87 40.73 25.29
CA ILE B 222 35.68 40.31 26.68
C ILE B 222 34.70 39.12 26.74
N ILE B 223 35.16 37.97 27.22
CA ILE B 223 34.35 36.74 27.26
C ILE B 223 34.21 36.21 28.69
N THR B 224 32.98 36.08 29.18
CA THR B 224 32.75 35.55 30.49
C THR B 224 32.14 34.17 30.32
N HIS B 225 32.89 33.12 30.65
CA HIS B 225 32.40 31.74 30.57
C HIS B 225 33.31 30.79 31.37
N ASP B 226 33.02 29.49 31.34
CA ASP B 226 33.83 28.50 32.04
C ASP B 226 35.18 28.30 31.37
N LEU B 227 36.18 27.90 32.18
CA LEU B 227 37.57 27.81 31.73
C LEU B 227 38.29 26.58 32.31
N LEU B 228 38.87 25.79 31.43
CA LEU B 228 39.59 24.57 31.83
C LEU B 228 41.10 24.74 31.64
N PHE B 229 41.86 24.50 32.71
CA PHE B 229 43.33 24.50 32.62
C PHE B 229 43.81 23.13 32.20
N THR B 230 44.65 23.11 31.17
CA THR B 230 45.11 21.85 30.59
C THR B 230 46.62 21.72 30.60
N HIS B 231 47.10 20.60 30.05
CA HIS B 231 48.53 20.31 30.08
C HIS B 231 49.27 21.04 28.97
N PHE B 232 48.53 21.66 28.06
CA PHE B 232 49.15 22.36 26.93
C PHE B 232 48.82 23.84 26.93
N GLY B 233 47.71 24.20 27.57
CA GLY B 233 47.24 25.57 27.67
C GLY B 233 45.83 25.67 28.27
N LEU B 234 44.89 26.19 27.47
CA LEU B 234 43.53 26.44 27.95
C LEU B 234 42.46 25.79 27.07
N SER B 235 41.35 25.39 27.68
CA SER B 235 40.21 24.85 26.95
C SER B 235 38.93 25.28 27.64
N GLY B 236 37.82 24.61 27.34
CA GLY B 236 36.52 25.03 27.86
C GLY B 236 36.00 26.30 27.21
N PRO B 237 34.70 26.55 27.38
CA PRO B 237 33.95 27.64 26.76
C PRO B 237 34.69 28.99 26.51
N ALA B 238 35.29 29.57 27.54
CA ALA B 238 35.94 30.88 27.38
C ALA B 238 37.13 30.88 26.40
N ALA B 239 37.91 29.80 26.43
CA ALA B 239 39.06 29.68 25.56
C ALA B 239 38.63 29.43 24.12
N LEU B 240 37.71 28.49 23.94
CA LEU B 240 37.18 28.15 22.61
C LEU B 240 36.59 29.38 21.89
N ARG B 241 35.70 30.11 22.57
CA ARG B 241 35.14 31.36 22.04
CA ARG B 241 35.15 31.35 22.03
C ARG B 241 36.24 32.37 21.69
N LEU B 242 37.29 32.42 22.50
CA LEU B 242 38.37 33.37 22.24
C LEU B 242 39.31 32.89 21.14
N SER B 243 39.21 31.62 20.77
CA SER B 243 40.11 31.10 19.74
C SER B 243 39.80 31.67 18.35
N SER B 244 38.59 32.17 18.16
CA SER B 244 38.24 32.91 16.94
C SER B 244 39.01 34.22 16.75
N PHE B 245 39.47 34.83 17.84
CA PHE B 245 40.08 36.16 17.75
C PHE B 245 41.57 36.18 18.09
N VAL B 246 42.25 35.05 17.94
CA VAL B 246 43.61 34.85 18.46
C VAL B 246 44.32 33.70 17.73
N LYS B 247 45.62 33.87 17.46
CA LYS B 247 46.37 32.87 16.66
C LYS B 247 47.77 32.49 17.19
N GLY B 248 48.32 33.28 18.09
CA GLY B 248 49.69 33.06 18.56
C GLY B 248 50.38 34.39 18.76
N GLY B 249 51.30 34.46 19.72
CA GLY B 249 52.03 35.70 20.00
C GLY B 249 51.23 36.77 20.73
N GLU B 250 49.97 36.50 21.06
CA GLU B 250 49.17 37.48 21.80
C GLU B 250 49.25 37.24 23.31
N THR B 251 49.05 38.32 24.07
CA THR B 251 48.88 38.26 25.52
C THR B 251 47.41 38.50 25.87
N ILE B 252 46.76 37.48 26.44
CA ILE B 252 45.38 37.60 26.91
C ILE B 252 45.36 37.80 28.44
N TYR B 253 44.18 38.06 29.00
CA TYR B 253 44.05 38.50 30.40
C TYR B 253 42.93 37.75 31.07
N LEU B 254 43.21 37.33 32.30
CA LEU B 254 42.29 36.52 33.05
C LEU B 254 41.86 37.22 34.30
N ASP B 255 40.56 37.29 34.49
CA ASP B 255 39.97 37.82 35.69
C ASP B 255 39.39 36.58 36.34
N VAL B 256 39.92 36.23 37.51
CA VAL B 256 39.55 34.97 38.14
C VAL B 256 38.42 35.17 39.15
N LEU B 257 38.16 36.44 39.49
CA LEU B 257 37.10 36.84 40.41
C LEU B 257 36.29 38.03 39.85
N PRO B 258 35.45 37.78 38.83
CA PRO B 258 34.81 38.90 38.14
C PRO B 258 33.72 39.57 38.94
N GLN B 259 33.12 38.86 39.90
CA GLN B 259 32.09 39.45 40.76
C GLN B 259 32.63 40.44 41.81
N MET B 260 33.96 40.53 41.96
CA MET B 260 34.57 41.36 43.00
C MET B 260 35.47 42.43 42.40
N SER B 261 35.33 43.65 42.89
CA SER B 261 36.23 44.70 42.43
C SER B 261 37.55 44.67 43.22
N GLN B 262 38.54 45.42 42.74
CA GLN B 262 39.85 45.52 43.42
C GLN B 262 39.69 45.98 44.87
N GLN B 263 38.94 47.06 45.06
CA GLN B 263 38.65 47.54 46.40
C GLN B 263 37.93 46.46 47.23
N ASP B 264 37.15 45.59 46.57
CA ASP B 264 36.41 44.56 47.29
C ASP B 264 37.40 43.56 47.87
N LEU B 265 38.37 43.16 47.04
CA LEU B 265 39.45 42.31 47.48
C LEU B 265 40.29 42.96 48.57
N ALA B 266 40.67 44.21 48.34
CA ALA B 266 41.45 44.93 49.31
C ALA B 266 40.77 44.82 50.69
N ASP B 267 39.45 45.04 50.72
CA ASP B 267 38.66 44.95 51.96
C ASP B 267 38.58 43.53 52.53
N PHE B 268 38.50 42.55 51.65
CA PHE B 268 38.50 41.14 52.02
C PHE B 268 39.79 40.78 52.79
N LEU B 269 40.94 41.24 52.28
CA LEU B 269 42.22 40.97 52.94
C LEU B 269 42.31 41.52 54.33
N GLU B 270 41.80 42.73 54.51
CA GLU B 270 41.78 43.35 55.82
C GLU B 270 40.91 42.57 56.82
N GLU B 271 39.73 42.13 56.40
CA GLU B 271 38.86 41.35 57.27
C GLU B 271 39.48 40.01 57.69
N HIS B 272 40.48 39.55 56.92
CA HIS B 272 41.11 38.27 57.14
C HIS B 272 42.62 38.44 57.44
N ARG B 273 42.96 39.57 58.05
CA ARG B 273 44.37 39.96 58.24
C ARG B 273 45.18 39.05 59.19
N GLU B 274 44.47 38.28 60.02
CA GLU B 274 45.11 37.36 60.95
C GLU B 274 45.45 36.01 60.31
N LYS B 275 44.88 35.76 59.14
CA LYS B 275 45.08 34.53 58.39
C LYS B 275 46.35 34.50 57.53
N SER B 276 46.78 33.28 57.17
CA SER B 276 47.79 33.12 56.13
C SER B 276 47.14 33.42 54.80
N LEU B 277 47.91 34.04 53.92
CA LEU B 277 47.43 34.52 52.62
C LEU B 277 46.74 33.43 51.78
N LYS B 278 47.37 32.26 51.69
CA LYS B 278 46.80 31.13 50.95
C LYS B 278 45.47 30.69 51.55
N ASN B 279 45.34 30.73 52.87
CA ASN B 279 44.13 30.27 53.55
C ASN B 279 42.98 31.26 53.48
N CYS B 280 43.34 32.54 53.37
CA CYS B 280 42.38 33.62 53.12
C CYS B 280 41.68 33.46 51.75
N LEU B 281 42.45 33.08 50.74
CA LEU B 281 41.97 32.99 49.36
C LEU B 281 41.26 31.70 49.03
N LYS B 282 41.56 30.67 49.81
CA LYS B 282 40.90 29.38 49.73
C LYS B 282 39.40 29.59 49.71
N ILE B 283 38.94 30.57 50.47
CA ILE B 283 37.52 30.88 50.59
C ILE B 283 36.86 31.13 49.22
N LEU B 284 37.53 31.92 48.38
CA LEU B 284 36.99 32.36 47.10
C LEU B 284 37.56 31.66 45.88
N LEU B 285 38.64 30.90 46.05
CA LEU B 285 39.28 30.26 44.91
C LEU B 285 39.61 28.79 45.20
N PRO B 286 39.67 27.95 44.15
CA PRO B 286 40.21 26.62 44.45
C PRO B 286 41.58 26.72 45.13
N GLU B 287 41.87 25.79 46.06
CA GLU B 287 43.14 25.77 46.80
C GLU B 287 44.39 25.82 45.91
N ARG B 288 44.37 25.09 44.79
CA ARG B 288 45.53 25.08 43.90
C ARG B 288 45.79 26.43 43.18
N ILE B 289 44.74 27.24 43.02
CA ILE B 289 44.85 28.56 42.40
C ILE B 289 45.42 29.50 43.43
N ALA B 290 44.88 29.42 44.64
CA ALA B 290 45.36 30.20 45.77
C ALA B 290 46.85 29.98 45.93
N ASP B 291 47.25 28.72 45.89
CA ASP B 291 48.65 28.34 45.99
C ASP B 291 49.47 29.01 44.90
N PHE B 292 48.97 28.95 43.65
CA PHE B 292 49.66 29.54 42.51
C PHE B 292 50.01 31.04 42.65
N PHE B 293 49.09 31.85 43.18
CA PHE B 293 49.30 33.30 43.39
C PHE B 293 50.10 33.65 44.64
N THR B 294 49.87 32.91 45.73
CA THR B 294 50.41 33.27 47.02
C THR B 294 51.84 32.79 47.27
N GLN B 295 52.29 31.83 46.46
CA GLN B 295 53.63 31.24 46.64
C GLN B 295 54.82 32.19 46.82
N PRO B 296 54.89 33.33 46.07
CA PRO B 296 56.06 34.21 46.29
C PRO B 296 55.85 35.34 47.30
N PHE B 297 54.74 35.32 48.00
CA PHE B 297 54.45 36.39 48.96
C PHE B 297 54.66 35.96 50.42
N PRO B 298 54.87 36.92 51.33
CA PRO B 298 54.91 36.58 52.76
C PRO B 298 53.75 35.68 53.16
N GLU B 299 53.90 34.97 54.27
CA GLU B 299 53.00 33.88 54.61
C GLU B 299 51.62 34.36 55.09
N LYS B 300 51.61 35.49 55.80
CA LYS B 300 50.39 36.03 56.41
C LYS B 300 49.96 37.33 55.73
N VAL B 301 48.65 37.56 55.74
CA VAL B 301 48.06 38.77 55.14
C VAL B 301 48.67 40.04 55.75
N LYS B 302 48.78 40.05 57.07
CA LYS B 302 49.31 41.22 57.76
C LYS B 302 50.78 41.50 57.45
N GLN B 303 51.52 40.46 57.03
CA GLN B 303 52.94 40.58 56.69
C GLN B 303 53.20 41.31 55.37
N LEU B 304 52.14 41.50 54.57
CA LEU B 304 52.25 42.12 53.26
C LEU B 304 52.33 43.62 53.40
N ASN B 305 53.16 44.25 52.57
CA ASN B 305 53.14 45.69 52.46
C ASN B 305 52.14 46.12 51.38
N LEU B 306 51.91 47.43 51.26
CA LEU B 306 50.89 47.93 50.35
C LEU B 306 51.19 47.60 48.88
N SER B 307 52.44 47.79 48.45
CA SER B 307 52.86 47.40 47.10
C SER B 307 52.53 45.95 46.76
N GLU B 308 52.74 45.05 47.73
CA GLU B 308 52.47 43.62 47.55
C GLU B 308 50.98 43.34 47.49
N LYS B 309 50.23 43.96 48.40
CA LYS B 309 48.77 43.90 48.39
C LYS B 309 48.24 44.26 46.99
N GLU B 310 48.78 45.33 46.41
CA GLU B 310 48.29 45.85 45.15
C GLU B 310 48.69 45.04 43.93
N ALA B 311 49.91 44.53 43.91
CA ALA B 311 50.36 43.65 42.84
C ALA B 311 49.56 42.33 42.80
N LEU B 312 49.42 41.70 43.96
CA LEU B 312 48.67 40.46 44.06
C LEU B 312 47.24 40.67 43.55
N ILE B 313 46.57 41.70 44.07
CA ILE B 313 45.19 41.99 43.69
C ILE B 313 45.10 42.17 42.16
N LYS B 314 46.01 42.94 41.60
CA LYS B 314 46.08 43.09 40.16
C LYS B 314 46.27 41.75 39.42
N GLN B 315 47.15 40.88 39.91
CA GLN B 315 47.30 39.55 39.34
C GLN B 315 46.02 38.73 39.31
N ILE B 316 45.26 38.77 40.40
CA ILE B 316 44.01 38.02 40.47
C ILE B 316 42.99 38.59 39.46
N LYS B 317 42.91 39.91 39.36
CA LYS B 317 41.92 40.55 38.50
C LYS B 317 42.35 40.59 37.04
N GLU B 318 43.65 40.53 36.80
CA GLU B 318 44.19 40.85 35.49
C GLU B 318 45.49 40.09 35.18
N LEU B 319 45.37 38.79 34.98
CA LEU B 319 46.53 37.92 34.90
C LEU B 319 47.03 37.80 33.46
N PRO B 320 48.29 38.21 33.18
CA PRO B 320 48.71 38.07 31.79
C PRO B 320 49.12 36.65 31.42
N ILE B 321 48.39 36.05 30.50
CA ILE B 321 48.71 34.74 29.99
C ILE B 321 49.16 34.91 28.55
N SER B 322 50.24 34.24 28.17
CA SER B 322 50.72 34.47 26.82
C SER B 322 50.40 33.27 25.90
N VAL B 323 49.78 33.57 24.75
CA VAL B 323 49.27 32.55 23.84
C VAL B 323 50.30 32.33 22.74
N THR B 324 50.49 31.07 22.39
CA THR B 324 51.55 30.66 21.47
C THR B 324 50.95 30.03 20.22
N GLY B 325 49.66 29.75 20.24
CA GLY B 325 48.98 29.14 19.10
C GLY B 325 47.69 28.49 19.53
N LYS B 326 46.97 27.93 18.57
CA LYS B 326 45.77 27.14 18.87
C LYS B 326 45.76 25.85 18.07
N MET B 327 44.79 24.98 18.34
CA MET B 327 44.75 23.68 17.70
C MET B 327 44.49 23.76 16.18
N SER B 328 44.93 22.72 15.48
CA SER B 328 44.76 22.63 14.04
C SER B 328 43.29 22.40 13.71
N LEU B 329 42.93 22.62 12.45
CA LEU B 329 41.58 22.36 11.98
C LEU B 329 41.14 20.91 12.28
N ALA B 330 42.09 19.98 12.17
CA ALA B 330 41.83 18.58 12.49
C ALA B 330 41.65 18.38 13.98
N LYS B 331 42.34 19.20 14.78
CA LYS B 331 42.33 19.08 16.25
C LYS B 331 41.34 20.00 16.99
N SER B 332 40.65 20.86 16.24
CA SER B 332 39.60 21.72 16.82
C SER B 332 38.26 20.99 16.91
N PHE B 333 37.25 21.61 17.51
CA PHE B 333 35.98 20.91 17.71
C PHE B 333 34.91 21.12 16.63
N VAL B 334 35.06 22.16 15.83
CA VAL B 334 34.07 22.53 14.82
C VAL B 334 34.77 23.06 13.56
N THR B 335 34.25 22.70 12.40
CA THR B 335 34.69 23.28 11.14
C THR B 335 33.94 24.57 10.89
N LYS B 336 34.66 25.66 10.68
CA LYS B 336 34.02 26.87 10.17
C LYS B 336 34.07 26.81 8.65
N GLY B 337 32.92 26.52 8.04
CA GLY B 337 32.82 26.37 6.60
C GLY B 337 32.01 25.17 6.14
N GLY B 338 31.51 25.28 4.93
CA GLY B 338 30.86 24.15 4.30
C GLY B 338 30.18 24.52 3.02
N VAL B 339 29.30 23.64 2.58
CA VAL B 339 28.45 23.85 1.42
C VAL B 339 27.74 25.19 1.61
N SER B 340 27.90 26.08 0.63
CA SER B 340 27.33 27.42 0.71
C SER B 340 25.82 27.36 0.91
N LEU B 341 25.30 28.27 1.72
CA LEU B 341 23.89 28.23 2.10
C LEU B 341 22.97 28.87 1.06
N LYS B 342 23.57 29.71 0.21
CA LYS B 342 22.89 30.41 -0.88
C LYS B 342 22.24 29.41 -1.85
N GLU B 343 22.91 28.26 -2.01
CA GLU B 343 22.43 27.17 -2.87
C GLU B 343 21.58 26.09 -2.15
N ILE B 344 21.08 26.39 -0.96
CA ILE B 344 20.27 25.41 -0.21
C ILE B 344 18.92 26.02 0.17
N ASN B 345 17.84 25.30 -0.10
CA ASN B 345 16.53 25.73 0.36
C ASN B 345 16.43 25.56 1.88
N PRO B 346 16.29 26.69 2.61
CA PRO B 346 16.23 26.66 4.07
C PRO B 346 14.99 25.96 4.65
N LYS B 347 13.96 25.72 3.84
CA LYS B 347 12.74 25.10 4.35
C LYS B 347 12.81 23.59 4.31
N THR B 348 13.57 23.06 3.36
CA THR B 348 13.58 21.62 3.03
C THR B 348 14.98 21.06 3.05
N LEU B 349 15.95 21.98 3.06
CA LEU B 349 17.37 21.67 3.01
C LEU B 349 17.77 20.97 1.72
N GLU B 350 16.88 21.02 0.73
CA GLU B 350 17.15 20.52 -0.61
C GLU B 350 18.11 21.44 -1.33
N SER B 351 18.90 20.86 -2.23
CA SER B 351 19.76 21.63 -3.11
C SER B 351 18.93 22.51 -4.03
N LYS B 352 19.48 23.66 -4.39
CA LYS B 352 18.86 24.54 -5.37
C LYS B 352 19.32 24.20 -6.80
N LEU B 353 20.18 23.19 -6.92
CA LEU B 353 20.78 22.82 -8.21
C LEU B 353 20.39 21.41 -8.69
N VAL B 354 20.41 20.44 -7.78
CA VAL B 354 20.06 19.07 -8.09
C VAL B 354 18.85 18.68 -7.26
N PRO B 355 17.69 18.52 -7.91
CA PRO B 355 16.50 17.95 -7.27
C PRO B 355 16.83 16.67 -6.52
N GLY B 356 16.22 16.51 -5.34
CA GLY B 356 16.39 15.32 -4.50
C GLY B 356 17.75 15.17 -3.78
N LEU B 357 18.62 16.15 -3.92
CA LEU B 357 19.85 16.17 -3.16
C LEU B 357 19.68 17.10 -1.96
N HIS B 358 19.96 16.60 -0.76
CA HIS B 358 19.87 17.38 0.48
C HIS B 358 21.14 17.37 1.31
N PHE B 359 21.29 18.35 2.19
CA PHE B 359 22.38 18.37 3.16
C PHE B 359 21.85 18.72 4.54
N ALA B 360 22.37 18.02 5.55
CA ALA B 360 22.16 18.34 6.96
C ALA B 360 23.46 18.15 7.76
N GLY B 361 23.58 18.87 8.88
CA GLY B 361 24.75 18.72 9.74
C GLY B 361 25.89 19.67 9.44
N GLU B 362 27.08 19.34 9.97
CA GLU B 362 28.26 20.21 9.98
C GLU B 362 28.84 20.43 8.57
N VAL B 363 28.40 19.60 7.63
CA VAL B 363 28.78 19.70 6.23
C VAL B 363 28.31 21.02 5.62
N LEU B 364 27.23 21.57 6.19
CA LEU B 364 26.74 22.89 5.82
C LEU B 364 27.63 23.99 6.41
N ASP B 365 27.63 25.16 5.78
CA ASP B 365 28.32 26.37 6.29
C ASP B 365 27.55 26.99 7.49
N ILE B 366 27.38 26.15 8.50
CA ILE B 366 26.78 26.52 9.77
C ILE B 366 27.76 26.03 10.83
N ASN B 367 28.11 26.92 11.74
CA ASN B 367 28.92 26.53 12.87
C ASN B 367 28.43 27.14 14.18
N ALA B 368 28.53 26.35 15.24
CA ALA B 368 28.07 26.78 16.55
C ALA B 368 29.16 26.75 17.63
N HIS B 369 28.77 27.23 18.80
CA HIS B 369 29.51 26.99 20.04
C HIS B 369 29.26 25.55 20.55
N THR B 370 30.24 24.99 21.25
CA THR B 370 30.02 23.78 22.05
C THR B 370 29.12 24.14 23.23
N GLY B 371 28.44 23.17 23.79
CA GLY B 371 27.38 23.45 24.74
C GLY B 371 26.13 22.79 24.24
N GLY B 372 26.27 22.00 23.18
CA GLY B 372 25.14 21.30 22.56
C GLY B 372 24.56 21.99 21.35
N PHE B 373 25.17 23.11 20.92
CA PHE B 373 24.58 23.94 19.85
C PHE B 373 24.77 23.33 18.45
N ASN B 374 25.99 22.89 18.13
CA ASN B 374 26.21 22.09 16.92
C ASN B 374 25.30 20.85 16.84
N ILE B 375 25.23 20.06 17.91
CA ILE B 375 24.46 18.83 17.88
C ILE B 375 22.96 19.10 17.73
N THR B 376 22.47 20.17 18.34
CA THR B 376 21.11 20.65 18.13
C THR B 376 20.86 20.96 16.66
N SER B 377 21.77 21.76 16.09
CA SER B 377 21.79 22.07 14.68
C SER B 377 21.69 20.79 13.80
N ALA B 378 22.63 19.87 14.02
CA ALA B 378 22.70 18.59 13.32
C ALA B 378 21.42 17.76 13.42
N LEU B 379 20.83 17.70 14.61
CA LEU B 379 19.58 16.96 14.78
C LEU B 379 18.40 17.62 14.10
N CYS B 380 18.27 18.94 14.29
CA CYS B 380 17.14 19.67 13.75
C CYS B 380 17.20 19.72 12.23
N THR B 381 18.39 19.96 11.66
CA THR B 381 18.56 19.93 10.20
C THR B 381 18.25 18.52 9.65
N GLY B 382 18.86 17.49 10.25
CA GLY B 382 18.61 16.10 9.89
C GLY B 382 17.13 15.80 9.75
N TRP B 383 16.38 16.14 10.79
CA TRP B 383 14.94 15.91 10.77
C TRP B 383 14.26 16.63 9.59
N VAL B 384 14.59 17.89 9.37
CA VAL B 384 13.90 18.64 8.33
C VAL B 384 14.26 18.13 6.93
N ALA B 385 15.52 17.76 6.73
CA ALA B 385 15.95 17.14 5.47
C ALA B 385 15.16 15.87 5.16
N GLY B 386 15.09 14.96 6.14
CA GLY B 386 14.43 13.68 5.95
C GLY B 386 12.92 13.70 5.82
N SER B 387 12.28 14.82 6.20
CA SER B 387 10.81 14.93 6.14
C SER B 387 10.31 15.30 4.72
N LEU B 388 8.99 15.30 4.53
CA LEU B 388 8.37 15.69 3.26
C LEU B 388 7.38 16.84 3.44
N HIS B 389 7.15 17.60 2.37
CA HIS B 389 6.24 18.74 2.41
C HIS B 389 5.28 18.73 1.21
N TYR B 390 4.00 18.97 1.48
CA TYR B 390 2.98 19.02 0.43
C TYR B 390 2.28 20.40 0.45
N ASP B 391 2.20 21.07 -0.71
CA ASP B 391 1.61 22.42 -0.81
C ASP B 391 1.23 22.80 -2.26
N MET C 1 5.77 8.78 -3.83
CA MET C 1 5.79 7.34 -4.20
C MET C 1 5.63 7.10 -5.72
N ASN C 2 6.76 7.21 -6.42
CA ASN C 2 6.84 6.84 -7.83
C ASN C 2 7.43 5.46 -8.02
N HIS C 3 7.30 4.65 -6.98
CA HIS C 3 7.71 3.26 -7.00
C HIS C 3 6.53 2.37 -6.64
N PHE C 4 6.26 1.36 -7.49
CA PHE C 4 5.17 0.42 -7.26
C PHE C 4 5.76 -0.98 -7.19
N ASP C 5 5.12 -1.89 -6.46
CA ASP C 5 5.53 -3.28 -6.52
C ASP C 5 5.35 -3.81 -7.95
N THR C 6 4.15 -3.59 -8.51
CA THR C 6 3.81 -4.07 -9.84
C THR C 6 3.37 -2.93 -10.73
N ILE C 7 3.91 -2.88 -11.94
CA ILE C 7 3.40 -2.00 -12.97
C ILE C 7 2.88 -2.80 -14.17
N ILE C 8 1.76 -2.34 -14.74
CA ILE C 8 1.10 -3.03 -15.86
C ILE C 8 0.88 -2.04 -16.99
N ILE C 9 1.40 -2.34 -18.17
CA ILE C 9 1.28 -1.42 -19.30
C ILE C 9 0.21 -1.91 -20.26
N GLY C 10 -0.82 -1.10 -20.47
CA GLY C 10 -1.95 -1.47 -21.33
C GLY C 10 -3.20 -1.91 -20.58
N GLY C 11 -4.27 -1.14 -20.74
CA GLY C 11 -5.54 -1.43 -20.08
C GLY C 11 -6.65 -1.94 -21.01
N GLY C 12 -6.36 -3.03 -21.75
CA GLY C 12 -7.38 -3.87 -22.36
C GLY C 12 -7.83 -4.93 -21.35
N PRO C 13 -8.42 -6.05 -21.82
CA PRO C 13 -8.87 -7.02 -20.81
C PRO C 13 -7.71 -7.62 -20.03
N ALA C 14 -6.60 -7.88 -20.69
CA ALA C 14 -5.45 -8.54 -20.00
C ALA C 14 -4.95 -7.67 -18.85
N GLY C 15 -4.55 -6.46 -19.18
CA GLY C 15 -4.11 -5.49 -18.18
C GLY C 15 -5.05 -5.31 -17.01
N MET C 16 -6.31 -5.03 -17.30
CA MET C 16 -7.33 -4.82 -16.28
C MET C 16 -7.43 -6.00 -15.34
N MET C 17 -7.46 -7.21 -15.90
CA MET C 17 -7.57 -8.39 -15.09
C MET C 17 -6.34 -8.60 -14.22
N ALA C 18 -5.18 -8.20 -14.75
CA ALA C 18 -3.90 -8.35 -14.05
C ALA C 18 -3.88 -7.41 -12.85
N THR C 19 -4.31 -6.17 -13.10
CA THR C 19 -4.47 -5.19 -12.05
C THR C 19 -5.36 -5.69 -10.91
N ILE C 20 -6.41 -6.45 -11.23
CA ILE C 20 -7.32 -6.93 -10.19
C ILE C 20 -6.64 -8.00 -9.35
N SER C 21 -6.08 -9.00 -10.04
CA SER C 21 -5.40 -10.08 -9.34
CA SER C 21 -5.36 -10.08 -9.41
C SER C 21 -4.20 -9.52 -8.58
N SER C 22 -3.41 -8.66 -9.21
CA SER C 22 -2.24 -8.11 -8.56
C SER C 22 -2.62 -7.37 -7.27
N SER C 23 -3.66 -6.53 -7.35
CA SER C 23 -4.10 -5.77 -6.20
C SER C 23 -4.71 -6.66 -5.14
N PHE C 24 -5.51 -7.64 -5.55
CA PHE C 24 -6.11 -8.52 -4.56
C PHE C 24 -5.02 -9.13 -3.68
N TYR C 25 -3.94 -9.57 -4.31
CA TYR C 25 -2.86 -10.24 -3.61
C TYR C 25 -1.87 -9.28 -2.88
N GLY C 26 -2.28 -8.05 -2.63
CA GLY C 26 -1.52 -7.14 -1.78
C GLY C 26 -0.48 -6.29 -2.48
N GLN C 27 -0.35 -6.45 -3.78
CA GLN C 27 0.65 -5.69 -4.52
C GLN C 27 0.23 -4.24 -4.71
N LYS C 28 1.14 -3.31 -4.45
CA LYS C 28 0.89 -1.91 -4.75
C LYS C 28 1.08 -1.73 -6.24
N THR C 29 -0.06 -1.63 -6.94
CA THR C 29 -0.15 -1.81 -8.37
C THR C 29 -0.53 -0.56 -9.15
N LEU C 30 0.06 -0.40 -10.33
CA LEU C 30 -0.28 0.70 -11.20
C LEU C 30 -0.57 0.20 -12.62
N LEU C 31 -1.67 0.68 -13.19
CA LEU C 31 -2.01 0.36 -14.55
C LEU C 31 -1.88 1.63 -15.42
N LEU C 32 -1.03 1.57 -16.44
CA LEU C 32 -0.83 2.70 -17.33
C LEU C 32 -1.54 2.51 -18.66
N GLU C 33 -2.25 3.53 -19.13
CA GLU C 33 -2.94 3.35 -20.39
C GLU C 33 -2.78 4.54 -21.34
N LYS C 34 -2.45 4.27 -22.58
CA LYS C 34 -2.27 5.30 -23.61
C LYS C 34 -3.55 6.14 -23.80
N ASN C 35 -4.71 5.48 -23.89
CA ASN C 35 -5.98 6.14 -24.20
C ASN C 35 -6.54 6.81 -22.96
N LYS C 36 -7.39 7.82 -23.16
CA LYS C 36 -8.14 8.45 -22.07
C LYS C 36 -9.07 7.45 -21.36
N ARG C 37 -9.34 6.31 -21.98
CA ARG C 37 -10.26 5.29 -21.46
C ARG C 37 -9.70 3.89 -21.52
N LEU C 38 -10.05 3.09 -20.51
CA LEU C 38 -9.71 1.69 -20.50
C LEU C 38 -10.63 0.94 -21.47
N GLY C 39 -10.14 -0.18 -22.02
CA GLY C 39 -10.97 -1.08 -22.83
C GLY C 39 -11.47 -0.58 -24.19
N LYS C 40 -10.78 0.40 -24.76
CA LYS C 40 -11.15 0.92 -26.08
C LYS C 40 -11.40 -0.15 -27.15
N LYS C 41 -10.48 -1.10 -27.33
CA LYS C 41 -10.74 -2.17 -28.29
C LYS C 41 -11.85 -3.11 -27.77
N LEU C 42 -11.84 -3.39 -26.47
CA LEU C 42 -12.78 -4.35 -25.89
C LEU C 42 -14.24 -3.87 -26.10
N ALA C 43 -14.43 -2.55 -26.06
CA ALA C 43 -15.74 -1.90 -26.24
C ALA C 43 -16.41 -2.22 -27.57
N GLY C 44 -15.61 -2.59 -28.56
CA GLY C 44 -16.16 -2.84 -29.88
C GLY C 44 -16.36 -4.30 -30.20
N THR C 45 -15.99 -5.19 -29.28
CA THR C 45 -16.09 -6.62 -29.55
C THR C 45 -17.55 -7.12 -29.50
N GLY C 46 -17.82 -8.29 -30.07
CA GLY C 46 -19.18 -8.84 -30.16
C GLY C 46 -20.17 -7.82 -30.73
N GLY C 47 -19.79 -7.18 -31.84
CA GLY C 47 -20.55 -6.08 -32.43
C GLY C 47 -20.92 -4.97 -31.46
N GLY C 48 -20.06 -4.69 -30.48
CA GLY C 48 -20.34 -3.67 -29.47
C GLY C 48 -21.05 -4.17 -28.23
N ARG C 49 -21.38 -5.46 -28.21
CA ARG C 49 -22.13 -6.04 -27.09
C ARG C 49 -21.29 -6.93 -26.18
N CYS C 50 -20.02 -7.05 -26.55
CA CYS C 50 -19.02 -7.83 -25.83
C CYS C 50 -19.17 -9.29 -25.46
N ASN C 51 -18.97 -10.06 -26.51
CA ASN C 51 -18.87 -11.48 -26.46
C ASN C 51 -17.83 -11.48 -25.35
N VAL C 52 -18.18 -11.87 -24.13
CA VAL C 52 -17.14 -11.92 -23.07
C VAL C 52 -16.39 -13.25 -22.79
N THR C 53 -16.98 -14.38 -23.20
CA THR C 53 -16.40 -15.71 -22.97
C THR C 53 -17.36 -16.82 -23.48
N ASN C 54 -16.97 -18.07 -23.33
CA ASN C 54 -17.76 -19.19 -23.79
C ASN C 54 -18.07 -20.05 -22.58
N ASN C 55 -19.22 -20.72 -22.61
CA ASN C 55 -19.60 -21.58 -21.50
C ASN C 55 -19.18 -23.03 -21.68
N GLY C 56 -18.34 -23.31 -22.68
CA GLY C 56 -17.95 -24.69 -23.01
C GLY C 56 -17.06 -25.36 -21.98
N ASN C 57 -16.68 -26.61 -22.28
CA ASN C 57 -15.73 -27.33 -21.48
C ASN C 57 -14.31 -27.00 -22.04
N LEU C 58 -13.29 -27.59 -21.44
CA LEU C 58 -11.90 -27.35 -21.82
C LEU C 58 -11.65 -27.64 -23.31
N ASP C 59 -11.99 -28.84 -23.79
CA ASP C 59 -11.91 -29.18 -25.21
C ASP C 59 -12.42 -28.07 -26.12
N ASP C 60 -13.50 -27.41 -25.70
CA ASP C 60 -14.14 -26.39 -26.52
C ASP C 60 -13.28 -25.16 -26.64
N LEU C 61 -12.73 -24.72 -25.51
CA LEU C 61 -11.76 -23.63 -25.48
C LEU C 61 -10.56 -23.92 -26.39
N MET C 62 -9.96 -25.11 -26.24
CA MET C 62 -8.86 -25.47 -27.09
C MET C 62 -9.24 -25.38 -28.56
N ALA C 63 -10.41 -25.92 -28.92
CA ALA C 63 -10.93 -25.83 -30.30
C ALA C 63 -11.04 -24.39 -30.81
N GLY C 64 -11.39 -23.45 -29.94
CA GLY C 64 -11.53 -22.04 -30.31
C GLY C 64 -10.25 -21.22 -30.19
N ILE C 65 -9.16 -21.89 -29.81
CA ILE C 65 -7.83 -21.27 -29.75
C ILE C 65 -6.84 -22.11 -30.56
N PRO C 66 -6.97 -22.07 -31.90
CA PRO C 66 -6.15 -22.98 -32.70
C PRO C 66 -4.68 -22.52 -32.76
N GLY C 67 -4.44 -21.23 -32.56
CA GLY C 67 -3.08 -20.68 -32.50
C GLY C 67 -2.46 -20.80 -31.13
N ASN C 68 -1.84 -21.96 -30.88
CA ASN C 68 -1.12 -22.30 -29.62
C ASN C 68 -1.92 -22.44 -28.31
N GLY C 69 -3.20 -22.78 -28.42
CA GLY C 69 -4.08 -22.95 -27.25
C GLY C 69 -3.68 -24.05 -26.29
N ARG C 70 -2.93 -25.01 -26.83
CA ARG C 70 -2.06 -25.97 -26.15
C ARG C 70 -1.16 -25.41 -25.02
N PHE C 71 -0.82 -24.12 -25.11
CA PHE C 71 0.02 -23.46 -24.11
C PHE C 71 -0.74 -23.13 -22.84
N LEU C 72 -2.06 -23.10 -22.89
CA LEU C 72 -2.84 -22.49 -21.82
C LEU C 72 -3.40 -23.44 -20.77
N TYR C 73 -3.05 -24.72 -20.83
CA TYR C 73 -3.55 -25.65 -19.83
C TYR C 73 -3.36 -25.20 -18.40
N SER C 74 -2.14 -24.76 -18.06
CA SER C 74 -1.83 -24.34 -16.69
CA SER C 74 -1.82 -24.32 -16.69
C SER C 74 -2.61 -23.09 -16.32
N VAL C 75 -2.69 -22.14 -17.23
CA VAL C 75 -3.46 -20.91 -17.00
C VAL C 75 -4.92 -21.27 -16.72
N PHE C 76 -5.51 -22.13 -17.56
CA PHE C 76 -6.90 -22.49 -17.41
C PHE C 76 -7.18 -23.30 -16.16
N SER C 77 -6.19 -24.05 -15.68
CA SER C 77 -6.39 -24.79 -14.45
C SER C 77 -6.41 -23.85 -13.27
N GLN C 78 -5.92 -22.63 -13.47
CA GLN C 78 -5.94 -21.60 -12.43
C GLN C 78 -7.13 -20.63 -12.58
N PHE C 79 -7.50 -20.33 -13.82
CA PHE C 79 -8.60 -19.41 -14.07
C PHE C 79 -9.15 -19.62 -15.47
N ASP C 80 -10.37 -20.16 -15.55
CA ASP C 80 -10.95 -20.49 -16.85
C ASP C 80 -12.22 -19.71 -17.18
N ASN C 81 -12.92 -20.20 -18.19
CA ASN C 81 -14.10 -19.54 -18.67
C ASN C 81 -15.18 -19.45 -17.60
N HIS C 82 -15.38 -20.53 -16.84
CA HIS C 82 -16.37 -20.51 -15.75
C HIS C 82 -16.04 -19.52 -14.63
N ASP C 83 -14.75 -19.34 -14.36
CA ASP C 83 -14.30 -18.34 -13.39
C ASP C 83 -14.64 -16.94 -13.84
N ILE C 84 -14.60 -16.69 -15.15
CA ILE C 84 -14.97 -15.38 -15.68
C ILE C 84 -16.45 -15.17 -15.49
N ILE C 85 -17.24 -16.18 -15.86
CA ILE C 85 -18.68 -16.14 -15.64
C ILE C 85 -18.92 -15.82 -14.17
N ASN C 86 -18.34 -16.64 -13.30
CA ASN C 86 -18.37 -16.37 -11.88
C ASN C 86 -17.94 -14.97 -11.51
N PHE C 87 -16.80 -14.52 -12.04
CA PHE C 87 -16.30 -13.21 -11.68
C PHE C 87 -17.35 -12.14 -11.95
N PHE C 88 -17.88 -12.08 -13.17
CA PHE C 88 -18.84 -11.04 -13.49
C PHE C 88 -20.15 -11.14 -12.74
N THR C 89 -20.69 -12.35 -12.60
CA THR C 89 -21.95 -12.44 -11.87
C THR C 89 -21.73 -12.05 -10.42
N GLU C 90 -20.57 -12.39 -9.84
CA GLU C 90 -20.28 -11.94 -8.48
C GLU C 90 -20.12 -10.44 -8.32
N ASN C 91 -19.82 -9.72 -9.40
CA ASN C 91 -19.63 -8.28 -9.29
C ASN C 91 -20.77 -7.52 -9.98
N GLY C 92 -21.95 -8.12 -9.91
CA GLY C 92 -23.22 -7.46 -10.25
C GLY C 92 -23.42 -7.14 -11.71
N VAL C 93 -23.15 -8.10 -12.58
CA VAL C 93 -23.56 -8.00 -13.98
C VAL C 93 -24.18 -9.32 -14.34
N LYS C 94 -25.41 -9.22 -14.85
CA LYS C 94 -26.21 -10.36 -15.26
C LYS C 94 -25.84 -10.76 -16.66
N LEU C 95 -25.69 -12.07 -16.84
CA LEU C 95 -25.22 -12.60 -18.08
C LEU C 95 -26.26 -13.46 -18.76
N LYS C 96 -26.14 -13.55 -20.09
CA LYS C 96 -26.96 -14.46 -20.85
C LYS C 96 -26.06 -15.26 -21.74
N VAL C 97 -26.55 -16.41 -22.16
CA VAL C 97 -25.86 -17.14 -23.19
C VAL C 97 -26.73 -17.22 -24.43
N GLU C 98 -26.18 -16.77 -25.55
CA GLU C 98 -26.86 -16.87 -26.83
C GLU C 98 -26.41 -18.13 -27.58
N ASP C 99 -26.08 -17.98 -28.86
CA ASP C 99 -25.73 -19.13 -29.68
C ASP C 99 -24.24 -19.47 -29.58
N HIS C 100 -23.90 -20.70 -29.94
CA HIS C 100 -22.52 -21.21 -29.88
C HIS C 100 -21.80 -21.05 -28.52
N GLY C 101 -22.59 -20.89 -27.44
CA GLY C 101 -22.05 -20.74 -26.09
C GLY C 101 -21.58 -19.33 -25.73
N ARG C 102 -21.81 -18.37 -26.60
CA ARG C 102 -21.30 -17.05 -26.38
C ARG C 102 -22.00 -16.43 -25.20
N VAL C 103 -21.21 -15.93 -24.25
CA VAL C 103 -21.73 -15.26 -23.07
C VAL C 103 -21.75 -13.75 -23.30
N PHE C 104 -22.84 -13.10 -22.91
CA PHE C 104 -23.00 -11.67 -23.10
C PHE C 104 -23.54 -11.00 -21.85
N PRO C 105 -23.38 -9.67 -21.72
CA PRO C 105 -24.17 -9.06 -20.64
C PRO C 105 -25.63 -8.83 -21.08
N VAL C 106 -26.57 -9.09 -20.18
CA VAL C 106 -27.99 -8.84 -20.46
C VAL C 106 -28.22 -7.49 -21.14
N THR C 107 -27.51 -6.46 -20.69
CA THR C 107 -27.69 -5.09 -21.17
C THR C 107 -27.29 -4.89 -22.62
N ASP C 108 -26.59 -5.87 -23.19
CA ASP C 108 -26.11 -5.82 -24.58
C ASP C 108 -25.14 -4.66 -24.88
N LYS C 109 -24.53 -4.14 -23.83
CA LYS C 109 -23.53 -3.10 -23.94
C LYS C 109 -22.19 -3.54 -23.34
N SER C 110 -21.12 -3.33 -24.10
CA SER C 110 -19.80 -3.74 -23.67
C SER C 110 -19.30 -2.87 -22.52
N ARG C 111 -19.82 -1.66 -22.38
CA ARG C 111 -19.42 -0.78 -21.30
C ARG C 111 -19.92 -1.26 -19.91
N THR C 112 -20.94 -2.11 -19.88
CA THR C 112 -21.32 -2.80 -18.65
C THR C 112 -20.18 -3.69 -18.14
N ILE C 113 -19.47 -4.32 -19.07
CA ILE C 113 -18.35 -5.19 -18.78
C ILE C 113 -17.13 -4.39 -18.34
N ILE C 114 -16.83 -3.31 -19.06
CA ILE C 114 -15.70 -2.44 -18.74
C ILE C 114 -15.89 -1.70 -17.41
N GLU C 115 -17.10 -1.20 -17.16
CA GLU C 115 -17.38 -0.55 -15.89
C GLU C 115 -17.20 -1.51 -14.73
N ALA C 116 -17.56 -2.77 -14.94
CA ALA C 116 -17.43 -3.74 -13.86
C ALA C 116 -15.95 -4.03 -13.52
N LEU C 117 -15.09 -3.96 -14.53
CA LEU C 117 -13.66 -4.15 -14.32
C LEU C 117 -13.02 -2.92 -13.68
N GLU C 118 -13.40 -1.73 -14.14
CA GLU C 118 -12.96 -0.47 -13.51
C GLU C 118 -13.46 -0.36 -12.08
N LYS C 119 -14.71 -0.76 -11.87
CA LYS C 119 -15.31 -0.85 -10.54
C LYS C 119 -14.42 -1.67 -9.60
N LYS C 120 -14.06 -2.89 -10.00
CA LYS C 120 -13.28 -3.77 -9.13
C LYS C 120 -11.88 -3.25 -8.81
N ILE C 121 -11.25 -2.61 -9.79
CA ILE C 121 -9.93 -2.02 -9.60
C ILE C 121 -9.98 -0.98 -8.49
N ALA C 122 -10.97 -0.08 -8.53
CA ALA C 122 -11.09 0.97 -7.51
C ALA C 122 -11.45 0.40 -6.12
N GLU C 123 -12.15 -0.72 -6.07
CA GLU C 123 -12.41 -1.41 -4.80
C GLU C 123 -11.17 -2.04 -4.19
N LEU C 124 -10.10 -2.16 -4.97
CA LEU C 124 -8.93 -2.88 -4.49
C LEU C 124 -7.75 -1.94 -4.35
N GLY C 125 -7.96 -0.67 -4.68
CA GLY C 125 -6.97 0.38 -4.48
C GLY C 125 -5.96 0.47 -5.60
N GLY C 126 -6.24 -0.21 -6.70
CA GLY C 126 -5.33 -0.22 -7.84
C GLY C 126 -5.20 1.20 -8.29
N THR C 127 -4.03 1.58 -8.81
CA THR C 127 -3.85 2.94 -9.29
C THR C 127 -3.94 2.94 -10.81
N VAL C 128 -4.76 3.84 -11.35
CA VAL C 128 -4.80 3.91 -12.78
C VAL C 128 -4.63 5.30 -13.32
N ILE C 129 -3.64 5.43 -14.18
CA ILE C 129 -3.27 6.67 -14.80
C ILE C 129 -3.46 6.41 -16.29
N THR C 130 -4.29 7.25 -16.89
CA THR C 130 -4.72 7.06 -18.26
C THR C 130 -4.13 8.20 -19.05
N ASN C 131 -4.44 8.27 -20.34
CA ASN C 131 -3.88 9.30 -21.23
C ASN C 131 -2.35 9.38 -21.18
N THR C 132 -1.70 8.24 -21.06
CA THR C 132 -0.29 8.18 -20.76
C THR C 132 0.37 7.11 -21.60
N GLU C 133 1.13 7.54 -22.61
CA GLU C 133 1.83 6.64 -23.51
C GLU C 133 3.24 6.38 -23.05
N ILE C 134 3.54 5.10 -22.87
CA ILE C 134 4.85 4.63 -22.44
C ILE C 134 5.77 4.49 -23.64
N VAL C 135 6.96 5.06 -23.51
CA VAL C 135 7.87 5.13 -24.64
C VAL C 135 9.11 4.33 -24.37
N SER C 136 9.34 4.04 -23.11
CA SER C 136 10.62 3.45 -22.75
C SER C 136 10.43 2.57 -21.54
N VAL C 137 11.05 1.39 -21.59
CA VAL C 137 11.10 0.47 -20.47
C VAL C 137 12.50 -0.11 -20.43
N LYS C 138 13.03 -0.25 -19.21
CA LYS C 138 14.40 -0.69 -18.96
C LYS C 138 14.58 -1.37 -17.61
N LYS C 139 15.57 -2.24 -17.53
CA LYS C 139 15.90 -2.86 -16.27
C LYS C 139 17.38 -2.73 -15.93
N THR C 140 17.67 -2.34 -14.70
CA THR C 140 19.01 -2.41 -14.13
C THR C 140 18.90 -3.05 -12.75
N ASP C 141 19.83 -3.96 -12.46
CA ASP C 141 19.79 -4.78 -11.25
C ASP C 141 18.40 -5.37 -11.15
N GLU C 142 17.66 -5.03 -10.10
CA GLU C 142 16.33 -5.59 -9.90
C GLU C 142 15.18 -4.60 -10.13
N LEU C 143 15.43 -3.56 -10.91
CA LEU C 143 14.52 -2.44 -10.94
C LEU C 143 14.17 -2.02 -12.37
N PHE C 144 12.89 -2.11 -12.71
CA PHE C 144 12.44 -1.69 -14.03
C PHE C 144 12.15 -0.22 -13.91
N THR C 145 12.44 0.51 -14.98
CA THR C 145 12.09 1.89 -15.08
C THR C 145 11.16 2.01 -16.28
N VAL C 146 10.08 2.77 -16.08
CA VAL C 146 9.01 2.84 -17.04
C VAL C 146 8.76 4.32 -17.22
N ARG C 147 8.81 4.76 -18.47
CA ARG C 147 8.71 6.18 -18.76
C ARG C 147 7.66 6.51 -19.83
N SER C 148 6.88 7.55 -19.57
CA SER C 148 6.25 8.31 -20.63
C SER C 148 7.24 9.42 -21.00
N SER C 149 6.80 10.41 -21.76
CA SER C 149 7.74 11.42 -22.17
C SER C 149 7.98 12.46 -21.07
N ASP C 150 7.09 12.55 -20.08
CA ASP C 150 7.25 13.54 -19.00
C ASP C 150 7.46 12.90 -17.64
N GLN C 151 7.52 11.58 -17.57
CA GLN C 151 7.33 10.92 -16.28
C GLN C 151 7.90 9.52 -16.21
N ALA C 152 8.33 9.13 -15.02
CA ALA C 152 8.98 7.83 -14.84
C ALA C 152 8.46 7.16 -13.61
N TRP C 153 8.38 5.83 -13.66
CA TRP C 153 7.97 5.05 -12.50
C TRP C 153 8.91 3.88 -12.45
N THR C 154 9.13 3.36 -11.26
CA THR C 154 9.97 2.19 -11.10
C THR C 154 9.14 1.02 -10.56
N CYS C 155 9.62 -0.21 -10.78
CA CYS C 155 9.00 -1.36 -10.10
C CYS C 155 9.86 -2.59 -10.11
N GLN C 156 9.42 -3.58 -9.34
CA GLN C 156 10.01 -4.90 -9.25
C GLN C 156 9.42 -5.95 -10.24
N LYS C 157 8.13 -5.82 -10.56
CA LYS C 157 7.45 -6.76 -11.43
C LYS C 157 6.82 -5.95 -12.54
N LEU C 158 6.92 -6.43 -13.75
CA LEU C 158 6.36 -5.69 -14.87
C LEU C 158 5.48 -6.60 -15.68
N ILE C 159 4.28 -6.13 -16.01
CA ILE C 159 3.39 -6.94 -16.83
C ILE C 159 3.10 -6.19 -18.11
N VAL C 160 3.40 -6.82 -19.24
CA VAL C 160 3.14 -6.20 -20.54
C VAL C 160 1.87 -6.74 -21.18
N THR C 161 0.90 -5.87 -21.39
CA THR C 161 -0.41 -6.25 -21.92
C THR C 161 -0.84 -5.20 -22.95
N THR C 162 0.00 -5.02 -23.97
CA THR C 162 -0.20 -3.92 -24.92
C THR C 162 -0.91 -4.31 -26.20
N GLY C 163 -1.25 -5.59 -26.31
CA GLY C 163 -2.08 -6.04 -27.41
C GLY C 163 -1.30 -6.55 -28.59
N GLY C 164 -1.99 -6.72 -29.72
CA GLY C 164 -1.34 -7.07 -30.96
C GLY C 164 -1.19 -5.83 -31.81
N LYS C 165 -1.32 -6.01 -33.11
CA LYS C 165 -1.10 -4.95 -34.08
C LYS C 165 -2.27 -4.62 -35.02
N SER C 166 -3.47 -5.11 -34.73
CA SER C 166 -4.64 -4.78 -35.55
C SER C 166 -5.36 -3.61 -34.93
N TYR C 167 -6.19 -2.92 -35.71
CA TYR C 167 -6.92 -1.76 -35.20
C TYR C 167 -6.02 -0.86 -34.35
N PRO C 168 -4.94 -0.32 -34.95
CA PRO C 168 -3.98 0.50 -34.22
C PRO C 168 -4.58 1.80 -33.70
N SER C 169 -5.72 2.22 -34.26
CA SER C 169 -6.46 3.35 -33.67
C SER C 169 -7.09 3.00 -32.30
N THR C 170 -7.05 1.75 -31.86
CA THR C 170 -7.53 1.45 -30.50
C THR C 170 -6.42 1.57 -29.48
N GLY C 171 -5.19 1.52 -29.98
CA GLY C 171 -4.01 1.75 -29.17
C GLY C 171 -3.01 0.64 -29.35
N SER C 172 -3.44 -0.49 -29.90
CA SER C 172 -2.56 -1.64 -30.07
C SER C 172 -1.65 -1.45 -31.28
N THR C 173 -0.51 -0.83 -31.04
CA THR C 173 0.41 -0.42 -32.12
C THR C 173 1.72 -1.19 -32.14
N GLY C 174 2.00 -1.94 -31.08
CA GLY C 174 3.10 -2.89 -31.08
C GLY C 174 4.16 -2.65 -30.02
N PHE C 175 3.92 -1.66 -29.16
CA PHE C 175 4.92 -1.28 -28.19
C PHE C 175 5.44 -2.44 -27.34
N GLY C 176 4.57 -3.37 -26.99
CA GLY C 176 5.00 -4.49 -26.18
C GLY C 176 5.94 -5.43 -26.91
N HIS C 177 5.87 -5.46 -28.24
CA HIS C 177 6.83 -6.25 -29.01
C HIS C 177 8.24 -5.63 -28.87
N ASP C 178 8.30 -4.29 -28.94
CA ASP C 178 9.53 -3.56 -28.72
C ASP C 178 10.16 -3.93 -27.37
N ILE C 179 9.34 -4.01 -26.32
CA ILE C 179 9.83 -4.47 -25.03
C ILE C 179 10.40 -5.90 -25.14
N ALA C 180 9.67 -6.81 -25.77
CA ALA C 180 10.18 -8.17 -25.88
C ALA C 180 11.54 -8.16 -26.58
N ARG C 181 11.63 -7.41 -27.68
CA ARG C 181 12.85 -7.41 -28.49
C ARG C 181 14.05 -6.81 -27.73
N HIS C 182 13.81 -5.71 -27.03
CA HIS C 182 14.79 -5.08 -26.16
C HIS C 182 15.38 -6.08 -25.17
N PHE C 183 14.53 -6.85 -24.51
CA PHE C 183 14.99 -7.89 -23.59
C PHE C 183 15.26 -9.22 -24.28
N LYS C 184 15.67 -9.16 -25.53
CA LYS C 184 16.22 -10.34 -26.24
C LYS C 184 15.24 -11.51 -26.44
N HIS C 185 13.94 -11.22 -26.37
CA HIS C 185 12.93 -12.19 -26.72
C HIS C 185 12.71 -12.25 -28.23
N THR C 186 12.29 -13.40 -28.73
CA THR C 186 11.89 -13.51 -30.13
C THR C 186 10.43 -13.06 -30.30
N VAL C 187 10.18 -12.29 -31.34
CA VAL C 187 8.83 -11.99 -31.71
C VAL C 187 8.65 -12.67 -33.06
N THR C 188 7.76 -13.64 -33.10
CA THR C 188 7.49 -14.42 -34.30
C THR C 188 6.99 -13.48 -35.41
N ASP C 189 6.86 -14.00 -36.61
CA ASP C 189 6.25 -13.20 -37.67
C ASP C 189 4.82 -12.79 -37.29
N LEU C 190 4.45 -11.58 -37.66
CA LEU C 190 3.13 -11.06 -37.38
C LEU C 190 2.29 -11.08 -38.64
N GLU C 191 1.06 -11.58 -38.53
CA GLU C 191 0.16 -11.57 -39.68
C GLU C 191 -1.29 -11.50 -39.28
N ALA C 192 -2.11 -11.12 -40.24
CA ALA C 192 -3.55 -11.11 -40.06
C ALA C 192 -4.12 -12.50 -39.89
N ALA C 193 -5.04 -12.63 -38.94
CA ALA C 193 -5.98 -13.76 -38.83
C ALA C 193 -7.37 -13.14 -38.64
N GLU C 194 -8.42 -13.96 -38.74
CA GLU C 194 -9.81 -13.48 -38.63
C GLU C 194 -10.00 -12.19 -39.43
N SER C 195 -9.90 -12.28 -40.76
CA SER C 195 -9.96 -11.10 -41.64
C SER C 195 -11.22 -11.15 -42.50
N PRO C 196 -12.10 -10.13 -42.38
CA PRO C 196 -13.25 -10.09 -43.29
C PRO C 196 -12.81 -10.22 -44.78
N LEU C 197 -13.62 -10.88 -45.61
CA LEU C 197 -13.30 -11.08 -47.04
C LEU C 197 -13.92 -9.98 -47.94
N LEU C 198 -13.16 -9.54 -48.94
CA LEU C 198 -13.66 -8.58 -49.94
C LEU C 198 -14.12 -9.42 -51.12
N THR C 199 -15.32 -9.12 -51.61
CA THR C 199 -15.84 -9.91 -52.70
C THR C 199 -16.34 -9.04 -53.84
N ASP C 200 -16.30 -9.60 -55.04
CA ASP C 200 -16.86 -9.00 -56.23
C ASP C 200 -18.28 -9.51 -56.35
N PHE C 201 -19.23 -8.64 -56.00
CA PHE C 201 -20.58 -9.06 -55.67
C PHE C 201 -21.52 -7.87 -55.53
N PRO C 202 -22.82 -8.05 -55.88
CA PRO C 202 -23.88 -7.05 -55.63
C PRO C 202 -24.21 -6.82 -54.14
N HIS C 203 -23.34 -6.09 -53.46
CA HIS C 203 -23.40 -5.97 -52.02
C HIS C 203 -24.69 -5.46 -51.43
N LYS C 204 -25.31 -4.41 -52.01
CA LYS C 204 -26.50 -3.76 -51.40
C LYS C 204 -27.68 -4.72 -51.19
N ALA C 205 -27.78 -5.72 -52.06
CA ALA C 205 -28.90 -6.65 -52.01
C ALA C 205 -28.92 -7.45 -50.71
N LEU C 206 -27.74 -7.79 -50.19
CA LEU C 206 -27.64 -8.64 -49.00
C LEU C 206 -27.03 -7.98 -47.77
N GLN C 207 -26.41 -6.82 -47.96
CA GLN C 207 -25.66 -6.21 -46.86
C GLN C 207 -26.58 -6.03 -45.65
N GLY C 208 -26.13 -6.55 -44.50
CA GLY C 208 -26.91 -6.50 -43.28
C GLY C 208 -27.53 -7.82 -42.87
N ILE C 209 -27.57 -8.80 -43.77
CA ILE C 209 -28.16 -10.10 -43.47
C ILE C 209 -27.17 -11.03 -42.79
N SER C 210 -27.69 -11.74 -41.77
CA SER C 210 -26.94 -12.77 -41.07
CA SER C 210 -26.94 -12.78 -41.07
C SER C 210 -27.58 -14.14 -41.31
N LEU C 211 -26.79 -15.10 -41.74
CA LEU C 211 -27.27 -16.44 -41.96
C LEU C 211 -26.64 -17.36 -40.94
N ASP C 212 -27.43 -18.27 -40.36
CA ASP C 212 -26.92 -19.16 -39.32
C ASP C 212 -26.53 -20.53 -39.83
N ASP C 213 -25.31 -20.93 -39.48
CA ASP C 213 -24.78 -22.24 -39.79
C ASP C 213 -24.92 -22.64 -41.25
N VAL C 214 -24.17 -21.94 -42.10
CA VAL C 214 -24.04 -22.25 -43.52
C VAL C 214 -22.63 -22.79 -43.77
N THR C 215 -22.41 -23.46 -44.89
CA THR C 215 -21.10 -23.97 -45.29
C THR C 215 -20.44 -23.06 -46.34
N LEU C 216 -19.15 -22.77 -46.14
CA LEU C 216 -18.32 -22.10 -47.14
C LEU C 216 -17.23 -23.07 -47.48
N SER C 217 -16.89 -23.18 -48.76
CA SER C 217 -15.96 -24.19 -49.25
C SER C 217 -14.89 -23.62 -50.18
N TYR C 218 -13.65 -23.98 -49.90
CA TYR C 218 -12.54 -23.67 -50.77
C TYR C 218 -11.54 -24.78 -50.63
N GLY C 219 -11.36 -25.55 -51.71
CA GLY C 219 -10.49 -26.73 -51.69
C GLY C 219 -10.97 -27.74 -50.66
N LYS C 220 -10.05 -28.16 -49.79
CA LYS C 220 -10.33 -29.18 -48.79
C LYS C 220 -10.87 -28.53 -47.52
N HIS C 221 -10.92 -27.20 -47.50
CA HIS C 221 -11.44 -26.46 -46.35
C HIS C 221 -12.95 -26.24 -46.50
N ILE C 222 -13.71 -26.88 -45.61
CA ILE C 222 -15.17 -26.76 -45.57
C ILE C 222 -15.56 -26.25 -44.19
N ILE C 223 -16.06 -25.03 -44.09
CA ILE C 223 -16.44 -24.46 -42.81
C ILE C 223 -17.94 -24.23 -42.69
N THR C 224 -18.52 -24.71 -41.59
CA THR C 224 -19.92 -24.49 -41.25
C THR C 224 -20.06 -23.60 -40.04
N HIS C 225 -20.70 -22.45 -40.21
CA HIS C 225 -20.88 -21.49 -39.12
C HIS C 225 -21.68 -20.30 -39.64
N ASP C 226 -21.94 -19.34 -38.78
CA ASP C 226 -22.67 -18.15 -39.17
C ASP C 226 -21.89 -17.24 -40.14
N LEU C 227 -22.62 -16.54 -41.00
CA LEU C 227 -22.04 -15.71 -42.04
C LEU C 227 -22.79 -14.42 -42.04
N LEU C 228 -22.07 -13.32 -42.26
CA LEU C 228 -22.67 -12.01 -42.25
C LEU C 228 -22.30 -11.30 -43.53
N PHE C 229 -23.30 -10.76 -44.25
CA PHE C 229 -23.05 -10.04 -45.52
C PHE C 229 -22.85 -8.56 -45.17
N THR C 230 -21.75 -8.00 -45.65
CA THR C 230 -21.42 -6.61 -45.35
C THR C 230 -21.46 -5.83 -46.66
N HIS C 231 -21.27 -4.52 -46.58
CA HIS C 231 -21.28 -3.68 -47.79
C HIS C 231 -20.02 -3.85 -48.67
N PHE C 232 -19.07 -4.67 -48.24
CA PHE C 232 -17.82 -4.88 -48.99
C PHE C 232 -17.50 -6.35 -49.31
N GLY C 233 -18.24 -7.28 -48.72
CA GLY C 233 -17.99 -8.71 -48.86
C GLY C 233 -18.63 -9.51 -47.74
N LEU C 234 -17.83 -10.36 -47.10
CA LEU C 234 -18.32 -11.28 -46.07
C LEU C 234 -17.59 -11.14 -44.74
N SER C 235 -18.36 -11.17 -43.65
CA SER C 235 -17.82 -11.28 -42.30
C SER C 235 -18.51 -12.38 -41.51
N GLY C 236 -18.35 -12.35 -40.19
CA GLY C 236 -18.86 -13.41 -39.32
C GLY C 236 -17.99 -14.64 -39.32
N PRO C 237 -18.15 -15.52 -38.31
CA PRO C 237 -17.31 -16.70 -38.11
C PRO C 237 -16.87 -17.43 -39.36
N ALA C 238 -17.84 -17.86 -40.17
CA ALA C 238 -17.56 -18.70 -41.33
C ALA C 238 -16.59 -18.05 -42.32
N ALA C 239 -16.71 -16.74 -42.52
CA ALA C 239 -15.79 -16.03 -43.42
C ALA C 239 -14.43 -15.82 -42.71
N LEU C 240 -14.48 -15.32 -41.47
CA LEU C 240 -13.29 -15.11 -40.68
C LEU C 240 -12.44 -16.37 -40.49
N ARG C 241 -13.07 -17.51 -40.26
CA ARG C 241 -12.30 -18.75 -40.16
C ARG C 241 -11.64 -19.04 -41.51
N LEU C 242 -12.41 -18.91 -42.58
CA LEU C 242 -11.91 -19.22 -43.91
C LEU C 242 -10.85 -18.23 -44.42
N SER C 243 -10.69 -17.08 -43.78
CA SER C 243 -9.81 -16.05 -44.33
C SER C 243 -8.36 -16.48 -44.23
N SER C 244 -8.09 -17.36 -43.27
CA SER C 244 -6.79 -17.96 -43.11
C SER C 244 -6.29 -18.66 -44.36
N PHE C 245 -7.19 -19.25 -45.15
CA PHE C 245 -6.76 -20.06 -46.31
C PHE C 245 -6.95 -19.39 -47.70
N VAL C 246 -7.24 -18.10 -47.72
CA VAL C 246 -7.67 -17.46 -48.96
C VAL C 246 -7.07 -16.04 -49.05
N LYS C 247 -6.56 -15.63 -50.20
CA LYS C 247 -5.79 -14.36 -50.27
C LYS C 247 -6.28 -13.32 -51.28
N GLY C 248 -7.05 -13.76 -52.28
CA GLY C 248 -7.47 -12.91 -53.39
C GLY C 248 -7.35 -13.72 -54.66
N GLY C 249 -8.33 -13.55 -55.54
CA GLY C 249 -8.34 -14.22 -56.84
C GLY C 249 -9.01 -15.58 -56.86
N GLU C 250 -9.37 -16.12 -55.70
CA GLU C 250 -10.01 -17.43 -55.63
C GLU C 250 -11.53 -17.37 -55.77
N THR C 251 -12.11 -18.53 -56.01
CA THR C 251 -13.55 -18.70 -56.01
C THR C 251 -13.94 -19.58 -54.82
N ILE C 252 -14.75 -19.04 -53.91
CA ILE C 252 -15.26 -19.85 -52.81
C ILE C 252 -16.74 -20.23 -53.08
N TYR C 253 -17.25 -21.29 -52.45
CA TYR C 253 -18.62 -21.74 -52.68
C TYR C 253 -19.46 -21.66 -51.45
N LEU C 254 -20.64 -21.09 -51.59
CA LEU C 254 -21.54 -20.91 -50.47
C LEU C 254 -22.69 -21.87 -50.61
N ASP C 255 -22.98 -22.59 -49.52
CA ASP C 255 -24.11 -23.51 -49.44
C ASP C 255 -25.01 -23.00 -48.33
N VAL C 256 -26.13 -22.40 -48.73
CA VAL C 256 -26.93 -21.64 -47.80
C VAL C 256 -27.90 -22.53 -46.99
N LEU C 257 -27.98 -23.81 -47.35
CA LEU C 257 -28.86 -24.76 -46.67
C LEU C 257 -28.13 -26.09 -46.53
N PRO C 258 -27.19 -26.17 -45.58
CA PRO C 258 -26.36 -27.37 -45.58
C PRO C 258 -27.08 -28.61 -45.05
N GLN C 259 -28.25 -28.44 -44.43
CA GLN C 259 -29.03 -29.61 -44.02
C GLN C 259 -29.71 -30.38 -45.15
N MET C 260 -30.18 -29.66 -46.16
CA MET C 260 -30.99 -30.25 -47.22
C MET C 260 -30.19 -30.61 -48.44
N SER C 261 -30.33 -31.86 -48.88
CA SER C 261 -29.72 -32.31 -50.11
C SER C 261 -30.43 -31.73 -51.34
N GLN C 262 -29.80 -31.86 -52.51
CA GLN C 262 -30.41 -31.46 -53.79
C GLN C 262 -31.80 -32.11 -53.93
N GLN C 263 -31.86 -33.42 -53.73
CA GLN C 263 -33.13 -34.12 -53.66
C GLN C 263 -34.15 -33.52 -52.67
N ASP C 264 -33.74 -33.16 -51.45
CA ASP C 264 -34.69 -32.56 -50.51
C ASP C 264 -35.33 -31.31 -51.09
N LEU C 265 -34.49 -30.55 -51.81
CA LEU C 265 -34.90 -29.26 -52.37
C LEU C 265 -35.81 -29.45 -53.55
N ALA C 266 -35.48 -30.41 -54.41
CA ALA C 266 -36.38 -30.84 -55.47
C ALA C 266 -37.78 -31.08 -54.92
N ASP C 267 -37.88 -32.05 -54.01
CA ASP C 267 -39.14 -32.42 -53.36
C ASP C 267 -39.81 -31.27 -52.63
N PHE C 268 -39.01 -30.41 -51.99
CA PHE C 268 -39.55 -29.30 -51.24
C PHE C 268 -40.23 -28.33 -52.19
N LEU C 269 -39.59 -28.05 -53.32
CA LEU C 269 -40.18 -27.17 -54.34
C LEU C 269 -41.47 -27.73 -54.93
N GLU C 270 -41.46 -29.01 -55.29
CA GLU C 270 -42.65 -29.70 -55.78
C GLU C 270 -43.78 -29.62 -54.76
N GLU C 271 -43.46 -29.87 -53.50
CA GLU C 271 -44.42 -29.76 -52.40
C GLU C 271 -45.11 -28.37 -52.30
N HIS C 272 -44.51 -27.34 -52.89
CA HIS C 272 -45.06 -25.97 -52.78
C HIS C 272 -45.28 -25.31 -54.13
N ARG C 273 -45.44 -26.14 -55.17
CA ARG C 273 -45.59 -25.67 -56.55
C ARG C 273 -46.62 -24.55 -56.82
N GLU C 274 -47.65 -24.46 -55.99
CA GLU C 274 -48.64 -23.38 -56.14
C GLU C 274 -48.09 -21.99 -55.79
N LYS C 275 -47.16 -21.95 -54.83
CA LYS C 275 -46.58 -20.70 -54.32
C LYS C 275 -45.73 -19.93 -55.34
N SER C 276 -45.63 -18.61 -55.15
CA SER C 276 -44.61 -17.83 -55.85
C SER C 276 -43.24 -18.37 -55.41
N LEU C 277 -42.27 -18.30 -56.29
CA LEU C 277 -40.94 -18.85 -55.99
C LEU C 277 -40.31 -18.23 -54.71
N LYS C 278 -40.45 -16.92 -54.58
CA LYS C 278 -39.89 -16.17 -53.46
C LYS C 278 -40.50 -16.61 -52.13
N ASN C 279 -41.81 -16.85 -52.07
CA ASN C 279 -42.42 -17.29 -50.80
C ASN C 279 -42.12 -18.71 -50.42
N CYS C 280 -41.91 -19.55 -51.43
CA CYS C 280 -41.55 -20.94 -51.18
C CYS C 280 -40.20 -21.00 -50.44
N LEU C 281 -39.22 -20.24 -50.94
CA LEU C 281 -37.89 -20.11 -50.35
C LEU C 281 -37.87 -19.32 -49.04
N LYS C 282 -38.75 -18.32 -48.94
CA LYS C 282 -38.93 -17.54 -47.71
C LYS C 282 -39.27 -18.43 -46.50
N ILE C 283 -39.81 -19.62 -46.75
CA ILE C 283 -40.12 -20.57 -45.70
C ILE C 283 -38.84 -21.07 -45.04
N LEU C 284 -37.77 -21.11 -45.81
CA LEU C 284 -36.51 -21.68 -45.37
C LEU C 284 -35.41 -20.66 -45.15
N LEU C 285 -35.55 -19.48 -45.77
CA LEU C 285 -34.49 -18.47 -45.75
C LEU C 285 -35.03 -17.06 -45.47
N PRO C 286 -34.14 -16.12 -45.09
CA PRO C 286 -34.59 -14.74 -44.91
C PRO C 286 -35.09 -14.17 -46.22
N GLU C 287 -36.11 -13.32 -46.15
CA GLU C 287 -36.74 -12.72 -47.33
C GLU C 287 -35.71 -12.22 -48.32
N ARG C 288 -34.77 -11.41 -47.83
CA ARG C 288 -33.82 -10.74 -48.69
C ARG C 288 -32.95 -11.72 -49.46
N ILE C 289 -32.70 -12.88 -48.85
CA ILE C 289 -31.99 -13.97 -49.52
C ILE C 289 -32.87 -14.61 -50.58
N ALA C 290 -34.10 -14.97 -50.19
CA ALA C 290 -35.06 -15.58 -51.13
C ALA C 290 -35.26 -14.71 -52.36
N ASP C 291 -35.48 -13.41 -52.14
CA ASP C 291 -35.58 -12.42 -53.20
C ASP C 291 -34.35 -12.44 -54.13
N PHE C 292 -33.18 -12.64 -53.54
CA PHE C 292 -31.92 -12.59 -54.28
C PHE C 292 -31.75 -13.77 -55.26
N PHE C 293 -32.11 -14.99 -54.83
CA PHE C 293 -32.02 -16.15 -55.71
C PHE C 293 -33.10 -16.15 -56.79
N THR C 294 -34.31 -15.76 -56.40
CA THR C 294 -35.48 -16.02 -57.23
C THR C 294 -35.70 -14.90 -58.23
N GLN C 295 -34.97 -13.81 -58.09
CA GLN C 295 -35.25 -12.63 -58.88
C GLN C 295 -35.32 -12.88 -60.39
N PRO C 296 -34.32 -13.54 -61.00
CA PRO C 296 -34.34 -13.70 -62.47
C PRO C 296 -35.14 -14.91 -62.97
N PHE C 297 -35.82 -15.59 -62.06
CA PHE C 297 -36.53 -16.81 -62.40
C PHE C 297 -38.02 -16.55 -62.52
N PRO C 298 -38.76 -17.48 -63.12
CA PRO C 298 -40.21 -17.34 -63.17
C PRO C 298 -40.82 -17.01 -61.82
N GLU C 299 -41.99 -16.39 -61.86
CA GLU C 299 -42.66 -15.90 -60.68
C GLU C 299 -43.20 -17.02 -59.77
N LYS C 300 -43.69 -18.11 -60.36
CA LYS C 300 -44.29 -19.20 -59.59
C LYS C 300 -43.53 -20.51 -59.75
N VAL C 301 -43.42 -21.28 -58.65
CA VAL C 301 -42.73 -22.58 -58.66
C VAL C 301 -43.18 -23.48 -59.81
N LYS C 302 -44.49 -23.68 -59.98
CA LYS C 302 -44.99 -24.51 -61.07
C LYS C 302 -44.42 -24.10 -62.44
N GLN C 303 -44.32 -22.79 -62.71
CA GLN C 303 -43.74 -22.29 -63.97
C GLN C 303 -42.29 -22.68 -64.30
N LEU C 304 -41.49 -23.08 -63.33
CA LEU C 304 -40.11 -23.55 -63.61
C LEU C 304 -40.02 -24.76 -64.55
N ASN C 305 -39.17 -24.70 -65.56
CA ASN C 305 -38.88 -25.96 -66.26
C ASN C 305 -37.77 -26.74 -65.54
N LEU C 306 -37.38 -27.93 -66.04
CA LEU C 306 -36.36 -28.74 -65.39
C LEU C 306 -34.99 -28.04 -65.32
N SER C 307 -34.54 -27.48 -66.43
CA SER C 307 -33.31 -26.71 -66.46
C SER C 307 -33.27 -25.64 -65.37
N GLU C 308 -34.29 -24.78 -65.33
CA GLU C 308 -34.34 -23.70 -64.35
C GLU C 308 -34.30 -24.22 -62.91
N LYS C 309 -35.06 -25.28 -62.66
CA LYS C 309 -35.12 -25.86 -61.33
C LYS C 309 -33.73 -26.40 -60.92
N GLU C 310 -33.09 -27.14 -61.80
CA GLU C 310 -31.79 -27.70 -61.51
C GLU C 310 -30.71 -26.64 -61.38
N ALA C 311 -30.86 -25.55 -62.14
CA ALA C 311 -29.93 -24.42 -62.03
C ALA C 311 -30.10 -23.66 -60.72
N LEU C 312 -31.34 -23.57 -60.23
CA LEU C 312 -31.62 -22.87 -58.98
C LEU C 312 -31.10 -23.64 -57.78
N ILE C 313 -31.22 -24.97 -57.83
CA ILE C 313 -30.74 -25.81 -56.73
C ILE C 313 -29.21 -25.74 -56.63
N LYS C 314 -28.54 -25.82 -57.77
CA LYS C 314 -27.10 -25.65 -57.77
C LYS C 314 -26.71 -24.32 -57.13
N GLN C 315 -27.51 -23.27 -57.30
CA GLN C 315 -27.13 -21.96 -56.74
C GLN C 315 -27.32 -21.90 -55.24
N ILE C 316 -28.32 -22.62 -54.72
CA ILE C 316 -28.58 -22.58 -53.30
C ILE C 316 -27.50 -23.38 -52.56
N LYS C 317 -27.04 -24.45 -53.19
CA LYS C 317 -26.10 -25.39 -52.59
C LYS C 317 -24.64 -25.12 -52.93
N GLU C 318 -24.37 -24.33 -53.95
CA GLU C 318 -23.03 -24.21 -54.50
C GLU C 318 -22.83 -22.81 -55.16
N LEU C 319 -23.21 -21.75 -54.45
CA LEU C 319 -23.09 -20.40 -54.97
C LEU C 319 -21.62 -20.06 -55.14
N PRO C 320 -21.18 -19.75 -56.37
CA PRO C 320 -19.80 -19.27 -56.47
C PRO C 320 -19.71 -17.80 -56.08
N ILE C 321 -18.72 -17.48 -55.25
CA ILE C 321 -18.43 -16.14 -54.82
C ILE C 321 -16.96 -15.86 -55.11
N SER C 322 -16.73 -14.74 -55.79
CA SER C 322 -15.40 -14.35 -56.22
C SER C 322 -14.71 -13.46 -55.19
N VAL C 323 -13.61 -13.96 -54.65
CA VAL C 323 -12.93 -13.28 -53.57
C VAL C 323 -11.83 -12.39 -54.13
N THR C 324 -11.90 -11.10 -53.85
CA THR C 324 -10.95 -10.16 -54.45
C THR C 324 -9.75 -9.94 -53.53
N GLY C 325 -9.95 -10.19 -52.23
CA GLY C 325 -8.89 -10.15 -51.23
C GLY C 325 -9.46 -10.22 -49.83
N LYS C 326 -8.60 -10.23 -48.82
CA LYS C 326 -9.04 -10.09 -47.42
C LYS C 326 -8.57 -8.78 -46.83
N MET C 327 -9.08 -8.42 -45.65
CA MET C 327 -8.64 -7.22 -44.95
C MET C 327 -7.16 -7.29 -44.57
N SER C 328 -6.49 -6.14 -44.62
CA SER C 328 -5.13 -5.97 -44.11
C SER C 328 -5.07 -6.26 -42.60
N LEU C 329 -3.88 -6.57 -42.08
CA LEU C 329 -3.69 -6.76 -40.67
C LEU C 329 -4.33 -5.65 -39.82
N ALA C 330 -4.16 -4.40 -40.25
CA ALA C 330 -4.68 -3.27 -39.48
C ALA C 330 -6.18 -3.32 -39.42
N LYS C 331 -6.78 -3.92 -40.43
CA LYS C 331 -8.23 -3.99 -40.50
C LYS C 331 -8.79 -5.37 -40.13
N SER C 332 -7.94 -6.23 -39.56
CA SER C 332 -8.31 -7.57 -39.11
C SER C 332 -8.64 -7.62 -37.63
N PHE C 333 -9.28 -8.69 -37.19
CA PHE C 333 -9.71 -8.79 -35.78
C PHE C 333 -8.63 -9.33 -34.86
N VAL C 334 -7.84 -10.27 -35.37
CA VAL C 334 -6.74 -10.85 -34.58
C VAL C 334 -5.35 -10.71 -35.25
N THR C 335 -4.31 -10.63 -34.43
CA THR C 335 -2.93 -10.76 -34.91
C THR C 335 -2.49 -12.18 -34.62
N LYS C 336 -2.07 -12.92 -35.65
CA LYS C 336 -1.41 -14.19 -35.43
C LYS C 336 0.08 -13.90 -35.30
N GLY C 337 0.64 -14.31 -34.16
CA GLY C 337 2.04 -14.10 -33.83
C GLY C 337 2.20 -13.16 -32.65
N GLY C 338 3.40 -13.12 -32.10
CA GLY C 338 3.71 -12.24 -31.00
C GLY C 338 4.96 -12.73 -30.29
N VAL C 339 5.03 -12.47 -28.99
CA VAL C 339 6.18 -12.92 -28.22
C VAL C 339 6.18 -14.43 -28.24
N SER C 340 7.33 -15.01 -28.52
CA SER C 340 7.48 -16.47 -28.61
C SER C 340 7.20 -17.11 -27.27
N LEU C 341 6.51 -18.24 -27.31
CA LEU C 341 6.10 -18.93 -26.08
C LEU C 341 7.19 -19.84 -25.53
N LYS C 342 8.16 -20.18 -26.36
CA LYS C 342 9.26 -21.04 -25.93
C LYS C 342 9.93 -20.40 -24.72
N GLU C 343 9.78 -19.08 -24.61
CA GLU C 343 10.55 -18.25 -23.70
C GLU C 343 9.72 -17.70 -22.53
N ILE C 344 8.61 -18.36 -22.22
CA ILE C 344 7.64 -17.85 -21.25
C ILE C 344 7.20 -19.00 -20.38
N ASN C 345 7.22 -18.80 -19.07
CA ASN C 345 6.74 -19.83 -18.17
C ASN C 345 5.21 -19.96 -18.27
N PRO C 346 4.73 -21.16 -18.67
CA PRO C 346 3.28 -21.30 -18.86
C PRO C 346 2.49 -21.28 -17.56
N LYS C 347 3.14 -21.49 -16.41
CA LYS C 347 2.46 -21.40 -15.10
C LYS C 347 2.31 -19.97 -14.58
N THR C 348 3.20 -19.07 -14.99
CA THR C 348 3.25 -17.76 -14.34
C THR C 348 3.28 -16.65 -15.36
N LEU C 349 3.59 -17.00 -16.60
CA LEU C 349 3.76 -16.02 -17.67
C LEU C 349 4.93 -15.10 -17.42
N GLU C 350 5.86 -15.55 -16.57
CA GLU C 350 7.11 -14.82 -16.42
C GLU C 350 8.03 -15.23 -17.58
N SER C 351 8.73 -14.23 -18.13
CA SER C 351 9.84 -14.42 -19.06
C SER C 351 10.89 -15.36 -18.47
N LYS C 352 11.32 -16.33 -19.26
CA LYS C 352 12.38 -17.23 -18.84
C LYS C 352 13.71 -16.50 -18.99
N LEU C 353 13.71 -15.33 -19.61
CA LEU C 353 14.93 -14.55 -19.85
C LEU C 353 15.20 -13.41 -18.87
N VAL C 354 14.16 -12.80 -18.32
CA VAL C 354 14.35 -11.65 -17.44
C VAL C 354 13.42 -11.85 -16.27
N PRO C 355 13.96 -12.14 -15.07
CA PRO C 355 13.11 -12.28 -13.87
C PRO C 355 12.24 -11.05 -13.67
N GLY C 356 11.00 -11.25 -13.24
CA GLY C 356 10.04 -10.15 -12.99
C GLY C 356 9.35 -9.51 -14.21
N LEU C 357 9.67 -9.97 -15.42
CA LEU C 357 9.02 -9.48 -16.65
C LEU C 357 7.97 -10.49 -17.12
N HIS C 358 6.75 -10.02 -17.31
CA HIS C 358 5.61 -10.88 -17.66
C HIS C 358 4.89 -10.34 -18.86
N PHE C 359 4.37 -11.27 -19.65
CA PHE C 359 3.48 -10.98 -20.77
C PHE C 359 2.16 -11.69 -20.61
N ALA C 360 1.09 -11.05 -21.08
CA ALA C 360 -0.28 -11.58 -21.01
C ALA C 360 -1.07 -10.92 -22.11
N GLY C 361 -2.01 -11.67 -22.69
CA GLY C 361 -2.89 -11.09 -23.70
C GLY C 361 -2.42 -11.35 -25.11
N GLU C 362 -2.94 -10.56 -26.03
CA GLU C 362 -2.70 -10.77 -27.45
C GLU C 362 -1.22 -10.52 -27.80
N VAL C 363 -0.51 -9.80 -26.93
CA VAL C 363 0.91 -9.56 -27.13
C VAL C 363 1.70 -10.87 -27.24
N LEU C 364 1.16 -11.96 -26.71
CA LEU C 364 1.79 -13.26 -26.82
C LEU C 364 1.51 -13.88 -28.20
N ASP C 365 2.24 -14.92 -28.58
CA ASP C 365 1.94 -15.66 -29.81
C ASP C 365 0.77 -16.64 -29.61
N ILE C 366 -0.37 -16.12 -29.14
CA ILE C 366 -1.58 -16.91 -29.05
C ILE C 366 -2.66 -16.25 -29.88
N ASN C 367 -3.27 -16.98 -30.79
CA ASN C 367 -4.37 -16.42 -31.54
C ASN C 367 -5.61 -17.32 -31.51
N ALA C 368 -6.77 -16.73 -31.23
CA ALA C 368 -8.03 -17.48 -31.09
C ALA C 368 -9.12 -17.03 -32.08
N HIS C 369 -10.17 -17.84 -32.24
CA HIS C 369 -11.34 -17.40 -33.00
C HIS C 369 -12.03 -16.24 -32.28
N THR C 370 -12.55 -15.29 -33.05
CA THR C 370 -13.44 -14.27 -32.50
C THR C 370 -14.72 -15.00 -32.10
N GLY C 371 -15.55 -14.36 -31.30
CA GLY C 371 -16.67 -15.06 -30.67
C GLY C 371 -16.41 -15.31 -29.20
N GLY C 372 -15.41 -14.63 -28.64
CA GLY C 372 -15.16 -14.66 -27.19
C GLY C 372 -13.88 -15.34 -26.73
N PHE C 373 -13.23 -16.10 -27.60
CA PHE C 373 -12.03 -16.86 -27.25
C PHE C 373 -10.74 -16.06 -27.08
N ASN C 374 -10.56 -14.98 -27.84
CA ASN C 374 -9.40 -14.13 -27.61
C ASN C 374 -9.56 -13.37 -26.32
N ILE C 375 -10.79 -12.91 -26.06
CA ILE C 375 -11.08 -12.20 -24.82
C ILE C 375 -10.93 -13.13 -23.64
N THR C 376 -11.26 -14.41 -23.83
CA THR C 376 -11.15 -15.34 -22.71
C THR C 376 -9.68 -15.47 -22.39
N SER C 377 -8.91 -15.71 -23.45
CA SER C 377 -7.48 -15.82 -23.30
C SER C 377 -6.84 -14.63 -22.60
N ALA C 378 -7.29 -13.43 -22.94
CA ALA C 378 -6.68 -12.23 -22.38
C ALA C 378 -6.95 -12.11 -20.89
N LEU C 379 -8.18 -12.43 -20.49
CA LEU C 379 -8.59 -12.25 -19.11
C LEU C 379 -7.88 -13.26 -18.22
N CYS C 380 -7.74 -14.49 -18.73
CA CYS C 380 -7.19 -15.56 -17.92
C CYS C 380 -5.68 -15.44 -17.80
N THR C 381 -5.01 -15.06 -18.90
CA THR C 381 -3.57 -14.83 -18.84
C THR C 381 -3.25 -13.59 -18.02
N GLY C 382 -4.08 -12.55 -18.16
CA GLY C 382 -3.99 -11.33 -17.35
C GLY C 382 -4.07 -11.73 -15.90
N TRP C 383 -5.11 -12.49 -15.56
CA TRP C 383 -5.38 -12.85 -14.18
C TRP C 383 -4.18 -13.55 -13.59
N VAL C 384 -3.69 -14.56 -14.31
CA VAL C 384 -2.62 -15.40 -13.83
C VAL C 384 -1.30 -14.62 -13.71
N ALA C 385 -0.98 -13.81 -14.72
CA ALA C 385 0.21 -12.96 -14.71
C ALA C 385 0.23 -12.07 -13.47
N GLY C 386 -0.91 -11.46 -13.17
CA GLY C 386 -1.04 -10.57 -12.00
C GLY C 386 -1.01 -11.31 -10.66
N SER C 387 -1.27 -12.62 -10.68
CA SER C 387 -1.15 -13.44 -9.47
C SER C 387 0.28 -13.45 -8.93
N LEU C 388 0.40 -13.68 -7.62
CA LEU C 388 1.69 -13.81 -6.94
C LEU C 388 2.20 -15.24 -6.90
N HIS C 389 3.26 -15.51 -7.66
CA HIS C 389 3.93 -16.79 -7.55
C HIS C 389 5.29 -16.58 -6.86
N TYR C 390 6.05 -17.66 -6.65
CA TYR C 390 7.29 -17.62 -5.86
C TYR C 390 8.10 -18.87 -6.24
N ASP C 391 9.34 -18.70 -6.69
CA ASP C 391 10.12 -19.86 -7.15
C ASP C 391 11.62 -19.82 -6.89
N MET D 1 -1.21 3.55 17.35
CA MET D 1 -1.27 2.46 16.33
C MET D 1 -0.86 1.11 16.93
N ASN D 2 -1.80 0.47 17.64
CA ASN D 2 -1.63 -0.91 18.08
C ASN D 2 -2.45 -1.87 17.24
N HIS D 3 -2.76 -1.45 16.01
CA HIS D 3 -3.60 -2.21 15.08
C HIS D 3 -2.76 -2.76 13.94
N PHE D 4 -2.94 -4.06 13.67
CA PHE D 4 -2.29 -4.75 12.57
C PHE D 4 -3.34 -5.45 11.71
N ASP D 5 -3.00 -5.75 10.46
CA ASP D 5 -3.88 -6.56 9.61
C ASP D 5 -3.93 -7.98 10.12
N THR D 6 -2.76 -8.56 10.31
CA THR D 6 -2.60 -9.94 10.71
C THR D 6 -1.70 -10.02 11.92
N ILE D 7 -2.18 -10.72 12.93
CA ILE D 7 -1.44 -10.97 14.17
C ILE D 7 -1.22 -12.47 14.27
N ILE D 8 0.03 -12.87 14.45
CA ILE D 8 0.38 -14.27 14.67
C ILE D 8 0.85 -14.46 16.12
N ILE D 9 0.27 -15.47 16.79
CA ILE D 9 0.65 -15.79 18.16
C ILE D 9 1.46 -17.06 18.21
N GLY D 10 2.74 -16.93 18.54
CA GLY D 10 3.60 -18.07 18.73
C GLY D 10 4.64 -18.09 17.65
N GLY D 11 5.90 -17.89 18.03
CA GLY D 11 7.01 -17.85 17.09
C GLY D 11 7.79 -19.15 16.96
N GLY D 12 7.09 -20.25 16.79
CA GLY D 12 7.75 -21.51 16.39
C GLY D 12 7.98 -21.51 14.89
N PRO D 13 8.20 -22.70 14.31
CA PRO D 13 8.34 -22.76 12.83
C PRO D 13 7.04 -22.34 12.07
N ALA D 14 5.87 -22.69 12.57
CA ALA D 14 4.61 -22.28 11.94
C ALA D 14 4.41 -20.75 11.93
N GLY D 15 4.55 -20.15 13.11
CA GLY D 15 4.33 -18.71 13.26
C GLY D 15 5.33 -17.86 12.51
N MET D 16 6.56 -18.31 12.44
CA MET D 16 7.57 -17.58 11.69
C MET D 16 7.24 -17.59 10.20
N MET D 17 6.87 -18.77 9.67
CA MET D 17 6.54 -18.82 8.26
C MET D 17 5.31 -18.00 7.94
N ALA D 18 4.30 -18.08 8.82
CA ALA D 18 3.08 -17.29 8.65
C ALA D 18 3.39 -15.81 8.52
N THR D 19 4.38 -15.36 9.27
CA THR D 19 4.74 -13.96 9.31
C THR D 19 5.35 -13.56 7.97
N ILE D 20 6.04 -14.52 7.36
CA ILE D 20 6.73 -14.29 6.12
C ILE D 20 5.69 -14.28 5.01
N SER D 21 4.83 -15.30 5.03
CA SER D 21 3.71 -15.42 4.11
C SER D 21 2.91 -14.14 4.11
N SER D 22 2.43 -13.83 5.31
CA SER D 22 1.52 -12.75 5.49
C SER D 22 2.15 -11.46 4.98
N SER D 23 3.42 -11.25 5.28
CA SER D 23 4.08 -10.00 4.91
C SER D 23 4.36 -9.95 3.42
N PHE D 24 4.65 -11.10 2.86
CA PHE D 24 4.82 -11.25 1.42
C PHE D 24 3.55 -10.89 0.68
N TYR D 25 2.40 -11.30 1.22
CA TYR D 25 1.12 -11.03 0.60
C TYR D 25 0.59 -9.62 0.89
N GLY D 26 1.47 -8.74 1.36
CA GLY D 26 1.12 -7.35 1.58
C GLY D 26 0.40 -6.99 2.86
N GLN D 27 0.21 -7.95 3.76
CA GLN D 27 -0.46 -7.69 5.03
C GLN D 27 0.51 -7.11 6.07
N LYS D 28 0.12 -6.04 6.78
CA LYS D 28 0.89 -5.54 7.94
C LYS D 28 0.81 -6.58 9.04
N THR D 29 1.94 -7.19 9.37
CA THR D 29 1.92 -8.34 10.23
C THR D 29 2.73 -8.20 11.52
N LEU D 30 2.21 -8.80 12.59
CA LEU D 30 2.85 -8.77 13.89
C LEU D 30 2.92 -10.17 14.43
N LEU D 31 4.12 -10.64 14.71
CA LEU D 31 4.33 -11.95 15.34
C LEU D 31 4.60 -11.78 16.83
N LEU D 32 3.87 -12.53 17.66
CA LEU D 32 4.01 -12.40 19.13
C LEU D 32 4.53 -13.67 19.79
N GLU D 33 5.71 -13.58 20.41
CA GLU D 33 6.35 -14.71 21.07
C GLU D 33 6.53 -14.51 22.58
N LYS D 34 6.12 -15.54 23.32
CA LYS D 34 6.21 -15.64 24.77
C LYS D 34 7.64 -15.60 25.31
N ASN D 35 8.50 -16.49 24.81
CA ASN D 35 9.92 -16.50 25.18
C ASN D 35 10.66 -15.23 24.71
N LYS D 36 11.91 -15.11 25.16
CA LYS D 36 12.82 -14.09 24.66
C LYS D 36 13.32 -14.47 23.26
N ARG D 37 13.21 -15.76 22.92
CA ARG D 37 13.78 -16.28 21.67
C ARG D 37 12.78 -17.02 20.76
N LEU D 38 12.87 -16.72 19.47
CA LEU D 38 12.10 -17.43 18.45
C LEU D 38 12.66 -18.81 18.24
N GLY D 39 11.77 -19.76 17.97
CA GLY D 39 12.18 -21.13 17.64
C GLY D 39 12.87 -21.93 18.73
N LYS D 40 12.47 -21.73 19.99
CA LYS D 40 13.07 -22.44 21.11
C LYS D 40 12.95 -23.97 21.05
N LYS D 41 11.73 -24.48 20.84
CA LYS D 41 11.57 -25.92 20.65
C LYS D 41 12.32 -26.35 19.39
N LEU D 42 12.23 -25.54 18.33
CA LEU D 42 12.89 -25.86 17.05
C LEU D 42 14.40 -26.01 17.21
N ALA D 43 15.01 -25.08 17.95
CA ALA D 43 16.46 -25.02 18.12
C ALA D 43 17.07 -26.25 18.82
N GLY D 44 16.22 -27.06 19.44
CA GLY D 44 16.64 -28.35 20.00
C GLY D 44 16.33 -29.60 19.17
N THR D 45 15.86 -29.44 17.94
CA THR D 45 15.56 -30.60 17.09
C THR D 45 16.83 -31.16 16.44
N GLY D 46 16.80 -32.42 16.06
CA GLY D 46 17.99 -33.06 15.49
C GLY D 46 19.24 -32.77 16.31
N GLY D 47 19.13 -32.92 17.63
CA GLY D 47 20.24 -32.76 18.56
C GLY D 47 20.87 -31.38 18.58
N GLY D 48 20.05 -30.35 18.51
CA GLY D 48 20.54 -28.97 18.49
C GLY D 48 21.04 -28.49 17.13
N ARG D 49 21.17 -29.39 16.17
CA ARG D 49 21.56 -29.03 14.81
C ARG D 49 20.40 -28.74 13.83
N CYS D 50 19.17 -28.81 14.37
CA CYS D 50 17.94 -28.35 13.73
C CYS D 50 17.22 -28.96 12.51
N ASN D 51 16.74 -30.20 12.62
CA ASN D 51 16.23 -31.00 11.49
C ASN D 51 15.18 -30.01 10.93
N VAL D 52 15.53 -29.40 9.81
CA VAL D 52 14.65 -28.38 9.22
C VAL D 52 13.54 -28.92 8.30
N THR D 53 13.75 -30.08 7.70
CA THR D 53 12.76 -30.72 6.85
C THR D 53 13.25 -32.10 6.41
N ASN D 54 12.45 -32.82 5.63
CA ASN D 54 12.87 -34.08 5.05
C ASN D 54 12.95 -33.91 3.57
N ASN D 55 13.66 -34.78 2.87
CA ASN D 55 13.78 -34.53 1.44
C ASN D 55 13.16 -35.56 0.49
N GLY D 56 12.30 -36.42 1.02
CA GLY D 56 11.55 -37.35 0.18
C GLY D 56 10.48 -36.69 -0.68
N ASN D 57 9.79 -37.53 -1.44
CA ASN D 57 8.68 -37.12 -2.28
C ASN D 57 7.38 -37.04 -1.48
N LEU D 58 6.29 -36.60 -2.12
CA LEU D 58 5.01 -36.43 -1.40
C LEU D 58 4.52 -37.72 -0.74
N ASP D 59 4.85 -38.86 -1.32
CA ASP D 59 4.52 -40.15 -0.74
C ASP D 59 5.29 -40.41 0.58
N ASP D 60 6.61 -40.29 0.55
CA ASP D 60 7.42 -40.32 1.78
C ASP D 60 6.85 -39.36 2.83
N LEU D 61 6.41 -38.19 2.40
CA LEU D 61 5.86 -37.21 3.30
C LEU D 61 4.60 -37.70 3.98
N MET D 62 3.72 -38.35 3.22
CA MET D 62 2.48 -38.87 3.79
C MET D 62 2.82 -40.02 4.72
N ALA D 63 3.75 -40.87 4.31
CA ALA D 63 4.19 -41.99 5.12
C ALA D 63 4.82 -41.57 6.46
N GLY D 64 5.31 -40.34 6.54
CA GLY D 64 5.90 -39.84 7.79
C GLY D 64 4.97 -38.92 8.55
N ILE D 65 3.71 -38.80 8.09
CA ILE D 65 2.68 -38.05 8.81
C ILE D 65 1.43 -38.93 9.04
N PRO D 66 1.56 -40.00 9.85
CA PRO D 66 0.40 -40.89 10.01
C PRO D 66 -0.79 -40.24 10.71
N GLY D 67 -0.54 -39.20 11.49
CA GLY D 67 -1.59 -38.51 12.20
C GLY D 67 -2.27 -37.47 11.35
N ASN D 68 -3.14 -37.93 10.45
CA ASN D 68 -3.96 -37.04 9.60
C ASN D 68 -3.20 -36.39 8.48
N GLY D 69 -2.13 -37.06 8.03
CA GLY D 69 -1.34 -36.59 6.91
C GLY D 69 -2.18 -36.22 5.70
N ARG D 70 -3.16 -37.07 5.38
CA ARG D 70 -3.92 -36.93 4.14
C ARG D 70 -4.74 -35.64 4.07
N PHE D 71 -4.91 -35.01 5.22
CA PHE D 71 -5.50 -33.68 5.32
C PHE D 71 -4.63 -32.59 4.62
N LEU D 72 -3.35 -32.89 4.43
CA LEU D 72 -2.41 -31.85 4.03
C LEU D 72 -2.16 -31.73 2.53
N TYR D 73 -2.87 -32.53 1.72
CA TYR D 73 -2.68 -32.50 0.27
C TYR D 73 -2.72 -31.08 -0.33
N SER D 74 -3.71 -30.32 0.12
CA SER D 74 -3.89 -28.98 -0.37
C SER D 74 -2.73 -28.06 0.05
N VAL D 75 -2.36 -28.11 1.33
CA VAL D 75 -1.26 -27.30 1.85
C VAL D 75 0.03 -27.58 1.06
N PHE D 76 0.31 -28.88 0.88
CA PHE D 76 1.54 -29.34 0.21
C PHE D 76 1.64 -28.98 -1.28
N SER D 77 0.50 -28.89 -1.95
CA SER D 77 0.52 -28.47 -3.34
C SER D 77 0.79 -26.96 -3.43
N GLN D 78 0.54 -26.22 -2.35
CA GLN D 78 0.84 -24.78 -2.30
C GLN D 78 2.30 -24.50 -1.89
N PHE D 79 2.74 -25.16 -0.81
CA PHE D 79 4.11 -25.07 -0.27
C PHE D 79 4.52 -26.46 0.25
N ASP D 80 5.67 -26.99 -0.16
CA ASP D 80 6.06 -28.32 0.31
C ASP D 80 7.55 -28.40 0.69
N ASN D 81 8.03 -29.60 1.06
CA ASN D 81 9.41 -29.74 1.55
C ASN D 81 10.44 -29.16 0.61
N HIS D 82 10.23 -29.28 -0.69
CA HIS D 82 11.22 -28.75 -1.64
C HIS D 82 11.16 -27.24 -1.73
N ASP D 83 9.99 -26.68 -1.42
CA ASP D 83 9.86 -25.25 -1.35
C ASP D 83 10.66 -24.76 -0.14
N ILE D 84 10.52 -25.45 0.98
CA ILE D 84 11.34 -25.17 2.17
C ILE D 84 12.83 -25.16 1.83
N ILE D 85 13.29 -26.22 1.16
CA ILE D 85 14.69 -26.32 0.79
C ILE D 85 15.11 -25.14 -0.08
N ASN D 86 14.35 -24.88 -1.15
CA ASN D 86 14.64 -23.76 -2.06
C ASN D 86 14.59 -22.43 -1.34
N PHE D 87 13.65 -22.30 -0.42
CA PHE D 87 13.60 -21.10 0.40
C PHE D 87 14.94 -20.80 1.09
N PHE D 88 15.51 -21.78 1.77
CA PHE D 88 16.72 -21.54 2.54
C PHE D 88 17.94 -21.32 1.67
N THR D 89 17.99 -22.07 0.57
CA THR D 89 19.05 -21.99 -0.40
C THR D 89 19.07 -20.64 -1.11
N GLU D 90 17.93 -20.20 -1.63
CA GLU D 90 17.87 -18.91 -2.29
C GLU D 90 17.99 -17.72 -1.33
N ASN D 91 18.14 -18.00 -0.03
CA ASN D 91 18.31 -16.99 0.99
C ASN D 91 19.57 -17.10 1.83
N GLY D 92 20.58 -17.75 1.27
CA GLY D 92 21.89 -17.72 1.90
C GLY D 92 22.32 -18.94 2.69
N VAL D 93 21.37 -19.73 3.19
CA VAL D 93 21.75 -20.86 4.05
C VAL D 93 21.81 -22.18 3.30
N LYS D 94 22.94 -22.85 3.43
CA LYS D 94 23.25 -24.03 2.66
C LYS D 94 22.87 -25.24 3.48
N LEU D 95 22.23 -26.21 2.84
CA LEU D 95 21.64 -27.37 3.53
C LEU D 95 22.24 -28.70 3.12
N LYS D 96 22.18 -29.67 4.02
CA LYS D 96 22.74 -31.00 3.76
C LYS D 96 21.73 -32.11 4.10
N VAL D 97 21.81 -33.19 3.34
CA VAL D 97 20.98 -34.36 3.59
C VAL D 97 21.86 -35.46 4.20
N GLU D 98 21.32 -36.16 5.18
CA GLU D 98 22.01 -37.29 5.77
C GLU D 98 21.13 -38.49 5.52
N ASP D 99 20.99 -39.35 6.53
CA ASP D 99 20.24 -40.60 6.44
C ASP D 99 18.73 -40.34 6.48
N HIS D 100 17.97 -41.32 6.00
CA HIS D 100 16.50 -41.24 5.98
C HIS D 100 15.96 -39.85 5.58
N GLY D 101 16.67 -39.18 4.67
CA GLY D 101 16.23 -37.89 4.11
C GLY D 101 16.15 -36.70 5.04
N ARG D 102 16.91 -36.75 6.14
CA ARG D 102 16.90 -35.69 7.16
C ARG D 102 17.75 -34.51 6.70
N VAL D 103 17.23 -33.29 6.88
CA VAL D 103 17.88 -32.09 6.32
C VAL D 103 18.34 -31.13 7.40
N PHE D 104 19.54 -30.59 7.26
CA PHE D 104 20.17 -29.78 8.30
C PHE D 104 20.89 -28.62 7.67
N PRO D 105 21.16 -27.58 8.47
CA PRO D 105 22.15 -26.61 7.96
C PRO D 105 23.52 -27.25 7.85
N VAL D 106 24.27 -26.90 6.82
CA VAL D 106 25.65 -27.32 6.69
C VAL D 106 26.44 -26.87 7.89
N THR D 107 26.07 -25.72 8.48
CA THR D 107 26.75 -25.18 9.67
C THR D 107 26.53 -26.00 10.95
N ASP D 108 25.58 -26.93 10.93
CA ASP D 108 25.16 -27.72 12.12
C ASP D 108 24.59 -26.92 13.30
N LYS D 109 24.34 -25.63 13.08
CA LYS D 109 23.82 -24.75 14.13
C LYS D 109 22.38 -24.29 13.84
N SER D 110 21.49 -24.56 14.79
CA SER D 110 20.10 -24.14 14.69
C SER D 110 19.95 -22.63 14.51
N ARG D 111 20.78 -21.88 15.21
CA ARG D 111 20.91 -20.44 15.01
C ARG D 111 20.90 -20.05 13.52
N THR D 112 21.56 -20.84 12.68
CA THR D 112 21.66 -20.51 11.25
C THR D 112 20.27 -20.45 10.61
N ILE D 113 19.41 -21.43 10.94
CA ILE D 113 18.04 -21.50 10.45
C ILE D 113 17.19 -20.32 10.92
N ILE D 114 17.13 -20.16 12.24
CA ILE D 114 16.28 -19.18 12.90
C ILE D 114 16.63 -17.73 12.57
N GLU D 115 17.91 -17.41 12.46
CA GLU D 115 18.34 -16.08 12.02
C GLU D 115 17.91 -15.79 10.59
N ALA D 116 17.96 -16.80 9.72
CA ALA D 116 17.54 -16.65 8.33
C ALA D 116 16.06 -16.28 8.24
N LEU D 117 15.23 -16.95 9.05
CA LEU D 117 13.82 -16.65 9.16
C LEU D 117 13.57 -15.23 9.67
N GLU D 118 14.26 -14.86 10.75
CA GLU D 118 14.16 -13.52 11.33
C GLU D 118 14.49 -12.43 10.33
N LYS D 119 15.52 -12.65 9.52
CA LYS D 119 16.00 -11.65 8.59
C LYS D 119 14.99 -11.46 7.46
N LYS D 120 14.40 -12.55 7.02
CA LYS D 120 13.34 -12.54 6.01
C LYS D 120 12.15 -11.73 6.53
N ILE D 121 11.77 -11.95 7.78
CA ILE D 121 10.69 -11.20 8.40
C ILE D 121 10.98 -9.71 8.38
N ALA D 122 12.14 -9.34 8.91
CA ALA D 122 12.55 -7.95 8.91
C ALA D 122 12.54 -7.41 7.48
N GLU D 123 13.16 -8.14 6.54
CA GLU D 123 13.19 -7.74 5.13
C GLU D 123 11.82 -7.38 4.55
N LEU D 124 10.77 -8.10 4.96
CA LEU D 124 9.45 -7.94 4.34
C LEU D 124 8.53 -7.01 5.12
N GLY D 125 9.04 -6.43 6.20
CA GLY D 125 8.31 -5.45 6.97
C GLY D 125 7.58 -6.01 8.18
N GLY D 126 7.83 -7.28 8.48
CA GLY D 126 7.20 -7.91 9.63
C GLY D 126 7.62 -7.31 10.96
N THR D 127 6.69 -7.26 11.90
CA THR D 127 6.99 -6.86 13.26
C THR D 127 6.96 -8.09 14.16
N VAL D 128 7.99 -8.22 14.98
CA VAL D 128 8.05 -9.27 15.99
C VAL D 128 8.35 -8.68 17.35
N ILE D 129 7.44 -8.93 18.29
CA ILE D 129 7.64 -8.57 19.70
C ILE D 129 7.81 -9.85 20.54
N THR D 130 9.00 -9.98 21.12
CA THR D 130 9.40 -11.13 21.94
C THR D 130 9.14 -10.89 23.44
N ASN D 131 9.34 -11.94 24.25
CA ASN D 131 9.15 -11.89 25.71
C ASN D 131 7.81 -11.28 26.13
N THR D 132 6.74 -11.76 25.53
CA THR D 132 5.40 -11.25 25.78
C THR D 132 4.42 -12.42 25.79
N GLU D 133 3.98 -12.85 26.96
CA GLU D 133 2.99 -13.92 27.01
C GLU D 133 1.60 -13.35 26.78
N ILE D 134 0.87 -14.01 25.88
CA ILE D 134 -0.50 -13.62 25.59
C ILE D 134 -1.45 -14.40 26.52
N VAL D 135 -2.33 -13.64 27.16
CA VAL D 135 -3.20 -14.20 28.18
C VAL D 135 -4.65 -14.18 27.68
N SER D 136 -4.92 -13.32 26.70
CA SER D 136 -6.29 -12.99 26.33
C SER D 136 -6.50 -12.75 24.81
N VAL D 137 -7.47 -13.47 24.26
CA VAL D 137 -7.89 -13.29 22.86
C VAL D 137 -9.42 -13.27 22.76
N LYS D 138 -9.98 -12.08 22.54
CA LYS D 138 -11.42 -11.89 22.38
C LYS D 138 -11.77 -11.38 20.97
N LYS D 139 -12.98 -11.68 20.48
CA LYS D 139 -13.46 -11.07 19.24
C LYS D 139 -14.77 -10.25 19.36
N THR D 140 -14.66 -9.02 19.87
CA THR D 140 -15.80 -8.11 19.85
C THR D 140 -15.97 -7.60 18.42
N ASP D 141 -17.19 -7.71 17.90
CA ASP D 141 -17.54 -7.20 16.57
C ASP D 141 -16.78 -7.93 15.46
N GLU D 142 -16.13 -7.18 14.58
CA GLU D 142 -15.34 -7.78 13.50
C GLU D 142 -13.85 -7.65 13.76
N LEU D 143 -13.48 -7.67 15.03
CA LEU D 143 -12.11 -7.37 15.43
C LEU D 143 -11.65 -8.26 16.57
N PHE D 144 -10.47 -8.83 16.43
CA PHE D 144 -9.85 -9.54 17.53
C PHE D 144 -9.08 -8.55 18.39
N THR D 145 -9.28 -8.65 19.71
CA THR D 145 -8.40 -7.98 20.64
C THR D 145 -7.51 -9.04 21.27
N VAL D 146 -6.20 -8.80 21.14
CA VAL D 146 -5.18 -9.69 21.66
C VAL D 146 -4.40 -8.89 22.70
N ARG D 147 -4.31 -9.44 23.91
CA ARG D 147 -3.68 -8.75 25.03
C ARG D 147 -2.80 -9.62 25.91
N SER D 148 -1.64 -9.08 26.27
CA SER D 148 -0.80 -9.60 27.36
C SER D 148 -1.34 -9.00 28.65
N SER D 149 -0.69 -9.29 29.78
CA SER D 149 -1.05 -8.61 31.03
C SER D 149 -0.81 -7.11 30.88
N ASP D 150 0.18 -6.76 30.07
CA ASP D 150 0.67 -5.39 29.90
C ASP D 150 -0.05 -4.54 28.81
N GLN D 151 -0.46 -5.16 27.71
CA GLN D 151 -0.90 -4.41 26.51
C GLN D 151 -2.03 -5.06 25.71
N ALA D 152 -2.59 -4.27 24.79
CA ALA D 152 -3.57 -4.76 23.81
C ALA D 152 -3.20 -4.42 22.35
N TRP D 153 -3.48 -5.35 21.43
CA TRP D 153 -3.41 -5.09 20.00
C TRP D 153 -4.70 -5.52 19.33
N THR D 154 -4.96 -4.98 18.14
CA THR D 154 -6.14 -5.32 17.36
C THR D 154 -5.77 -5.79 15.96
N CYS D 155 -6.62 -6.61 15.35
CA CYS D 155 -6.39 -7.12 14.00
C CYS D 155 -7.65 -7.65 13.31
N GLN D 156 -7.64 -7.73 11.98
CA GLN D 156 -8.72 -8.40 11.24
C GLN D 156 -8.52 -9.91 11.21
N LYS D 157 -7.29 -10.34 10.92
CA LYS D 157 -6.97 -11.76 10.75
C LYS D 157 -6.06 -12.20 11.88
N LEU D 158 -6.34 -13.36 12.48
CA LEU D 158 -5.51 -13.88 13.55
C LEU D 158 -5.10 -15.33 13.35
N ILE D 159 -3.79 -15.56 13.43
CA ILE D 159 -3.20 -16.91 13.26
C ILE D 159 -2.58 -17.47 14.55
N VAL D 160 -3.00 -18.68 14.91
CA VAL D 160 -2.65 -19.33 16.15
C VAL D 160 -1.65 -20.46 15.92
N THR D 161 -0.43 -20.28 16.40
CA THR D 161 0.70 -21.15 16.11
C THR D 161 1.49 -21.37 17.41
N THR D 162 0.83 -21.96 18.40
CA THR D 162 1.34 -22.09 19.77
C THR D 162 1.91 -23.48 20.14
N GLY D 163 1.94 -24.38 19.18
CA GLY D 163 2.46 -25.72 19.41
C GLY D 163 1.46 -26.63 20.11
N GLY D 164 1.91 -27.82 20.46
CA GLY D 164 1.11 -28.72 21.26
C GLY D 164 1.39 -28.57 22.75
N LYS D 165 1.65 -29.71 23.40
CA LYS D 165 1.79 -29.76 24.85
C LYS D 165 3.09 -30.41 25.36
N SER D 166 3.78 -31.16 24.49
CA SER D 166 5.06 -31.78 24.85
C SER D 166 6.12 -30.72 25.12
N TYR D 167 7.07 -31.06 26.00
CA TYR D 167 8.20 -30.18 26.36
C TYR D 167 7.79 -28.77 26.73
N PRO D 168 6.95 -28.62 27.76
CA PRO D 168 6.33 -27.33 28.08
C PRO D 168 7.33 -26.24 28.45
N SER D 169 8.49 -26.62 28.95
CA SER D 169 9.54 -25.64 29.21
C SER D 169 9.89 -24.85 27.95
N THR D 170 9.58 -25.39 26.78
CA THR D 170 9.86 -24.67 25.53
C THR D 170 8.88 -23.52 25.29
N GLY D 171 7.70 -23.60 25.88
CA GLY D 171 6.71 -22.53 25.77
C GLY D 171 5.38 -23.07 25.28
N SER D 172 5.39 -24.34 24.85
CA SER D 172 4.20 -25.02 24.37
C SER D 172 3.38 -25.54 25.54
N THR D 173 2.57 -24.65 26.11
CA THR D 173 1.77 -24.94 27.30
C THR D 173 0.29 -25.13 27.00
N GLY D 174 -0.12 -24.90 25.75
CA GLY D 174 -1.50 -25.20 25.31
C GLY D 174 -2.46 -24.03 25.19
N PHE D 175 -1.95 -22.82 25.25
CA PHE D 175 -2.78 -21.62 25.13
C PHE D 175 -3.61 -21.58 23.83
N GLY D 176 -3.07 -22.15 22.76
CA GLY D 176 -3.79 -22.24 21.50
C GLY D 176 -5.10 -22.99 21.64
N HIS D 177 -5.09 -24.04 22.45
CA HIS D 177 -6.29 -24.83 22.70
C HIS D 177 -7.33 -24.06 23.52
N ASP D 178 -6.88 -23.11 24.32
CA ASP D 178 -7.79 -22.26 25.08
C ASP D 178 -8.50 -21.30 24.15
N ILE D 179 -7.74 -20.68 23.25
CA ILE D 179 -8.30 -19.87 22.17
C ILE D 179 -9.29 -20.69 21.33
N ALA D 180 -8.87 -21.90 20.95
CA ALA D 180 -9.72 -22.80 20.21
C ALA D 180 -11.06 -23.07 20.92
N ARG D 181 -11.02 -23.33 22.22
CA ARG D 181 -12.24 -23.68 22.93
C ARG D 181 -13.08 -22.44 23.16
N HIS D 182 -12.44 -21.34 23.53
CA HIS D 182 -13.16 -20.09 23.70
C HIS D 182 -13.93 -19.65 22.46
N PHE D 183 -13.58 -20.20 21.29
CA PHE D 183 -14.32 -19.92 20.05
C PHE D 183 -15.23 -21.07 19.63
N LYS D 184 -15.38 -22.07 20.49
CA LYS D 184 -16.32 -23.19 20.27
C LYS D 184 -15.80 -24.23 19.27
N HIS D 185 -14.50 -24.28 19.07
CA HIS D 185 -13.89 -25.40 18.36
C HIS D 185 -13.70 -26.58 19.31
N THR D 186 -13.53 -27.77 18.73
CA THR D 186 -13.24 -28.98 19.47
C THR D 186 -11.75 -29.25 19.50
N VAL D 187 -11.19 -29.34 20.71
CA VAL D 187 -9.88 -29.93 20.89
C VAL D 187 -10.14 -31.42 21.06
N THR D 188 -9.31 -32.27 20.47
CA THR D 188 -9.45 -33.72 20.66
C THR D 188 -8.71 -34.14 21.93
N ASP D 189 -8.63 -35.46 22.15
CA ASP D 189 -7.86 -36.02 23.26
C ASP D 189 -6.38 -35.87 23.00
N LEU D 190 -5.68 -35.18 23.90
CA LEU D 190 -4.25 -34.96 23.76
C LEU D 190 -3.47 -36.07 24.44
N GLU D 191 -3.03 -37.06 23.66
CA GLU D 191 -2.08 -38.06 24.16
C GLU D 191 -0.61 -37.81 23.72
N ALA D 192 0.26 -38.77 23.99
CA ALA D 192 1.66 -38.64 23.66
C ALA D 192 2.00 -39.42 22.39
N ALA D 193 2.89 -38.86 21.60
CA ALA D 193 3.38 -39.51 20.40
C ALA D 193 4.89 -39.34 20.37
N GLU D 194 5.57 -40.26 19.68
CA GLU D 194 7.04 -40.25 19.59
C GLU D 194 7.61 -40.16 21.01
N SER D 195 7.23 -41.16 21.82
CA SER D 195 7.68 -41.28 23.21
C SER D 195 8.73 -42.35 23.31
N PRO D 196 9.90 -42.03 23.91
CA PRO D 196 10.84 -43.12 24.15
C PRO D 196 10.23 -44.16 25.09
N LEU D 197 10.63 -45.42 24.91
CA LEU D 197 10.13 -46.52 25.75
C LEU D 197 10.97 -46.78 27.00
N LEU D 198 10.30 -46.93 28.15
CA LEU D 198 10.89 -47.49 29.37
C LEU D 198 10.84 -49.03 29.31
N THR D 199 11.97 -49.69 29.54
CA THR D 199 11.99 -51.17 29.56
C THR D 199 12.57 -51.78 30.84
N ASP D 200 12.26 -53.07 31.06
CA ASP D 200 12.84 -53.86 32.13
C ASP D 200 14.00 -54.63 31.49
N PHE D 201 15.22 -54.14 31.71
CA PHE D 201 16.37 -54.52 30.90
C PHE D 201 17.70 -54.15 31.59
N PRO D 202 18.76 -54.99 31.42
CA PRO D 202 20.12 -54.64 31.88
C PRO D 202 20.74 -53.47 31.07
N HIS D 203 20.22 -52.25 31.31
CA HIS D 203 20.45 -51.05 30.48
C HIS D 203 21.91 -50.66 30.31
N LYS D 204 22.73 -50.97 31.32
CA LYS D 204 24.12 -50.59 31.29
C LYS D 204 24.92 -51.41 30.29
N ALA D 205 24.49 -52.64 30.03
CA ALA D 205 25.27 -53.50 29.13
C ALA D 205 25.28 -52.99 27.69
N LEU D 206 24.31 -52.13 27.36
CA LEU D 206 24.11 -51.67 25.98
C LEU D 206 23.89 -50.16 25.79
N GLN D 207 23.80 -49.39 26.88
CA GLN D 207 23.41 -47.99 26.75
C GLN D 207 24.40 -47.18 25.90
N GLY D 208 23.85 -46.33 25.03
CA GLY D 208 24.63 -45.50 24.12
C GLY D 208 24.84 -46.10 22.73
N ILE D 209 24.52 -47.37 22.56
CA ILE D 209 24.70 -48.04 21.27
C ILE D 209 23.53 -47.80 20.33
N SER D 210 23.83 -47.56 19.05
CA SER D 210 22.85 -47.36 17.97
C SER D 210 22.93 -48.48 16.98
N LEU D 211 21.77 -48.95 16.52
CA LEU D 211 21.76 -49.90 15.42
C LEU D 211 21.05 -49.36 14.18
N ASP D 212 21.51 -49.79 13.01
CA ASP D 212 20.93 -49.31 11.76
C ASP D 212 19.90 -50.26 11.22
N ASP D 213 18.73 -49.72 10.92
CA ASP D 213 17.67 -50.43 10.21
C ASP D 213 17.44 -51.82 10.76
N VAL D 214 17.02 -51.86 12.01
CA VAL D 214 16.67 -53.11 12.66
C VAL D 214 15.15 -53.15 12.85
N THR D 215 14.61 -54.34 13.03
CA THR D 215 13.17 -54.51 13.17
C THR D 215 12.70 -54.65 14.62
N LEU D 216 11.76 -53.79 15.00
CA LEU D 216 10.95 -53.95 16.21
C LEU D 216 9.55 -54.41 15.82
N SER D 217 9.02 -55.43 16.52
CA SER D 217 7.69 -55.97 16.21
C SER D 217 6.88 -56.20 17.47
N TYR D 218 5.64 -55.72 17.43
CA TYR D 218 4.61 -56.02 18.42
C TYR D 218 3.33 -56.42 17.73
N GLY D 219 3.07 -57.73 17.70
CA GLY D 219 1.89 -58.27 17.02
C GLY D 219 1.88 -57.97 15.53
N LYS D 220 0.90 -57.19 15.10
CA LYS D 220 0.71 -56.83 13.69
C LYS D 220 1.65 -55.72 13.19
N HIS D 221 2.24 -54.96 14.10
CA HIS D 221 3.06 -53.81 13.74
C HIS D 221 4.53 -54.18 13.61
N ILE D 222 4.99 -54.35 12.38
CA ILE D 222 6.42 -54.49 12.14
C ILE D 222 7.01 -53.10 11.80
N ILE D 223 8.16 -52.77 12.37
CA ILE D 223 8.84 -51.49 12.06
C ILE D 223 10.35 -51.68 11.90
N THR D 224 10.88 -51.13 10.81
CA THR D 224 12.30 -51.25 10.48
C THR D 224 12.94 -49.88 10.33
N HIS D 225 13.62 -49.44 11.37
CA HIS D 225 14.31 -48.15 11.37
C HIS D 225 15.51 -48.24 12.32
N ASP D 226 15.97 -47.10 12.83
CA ASP D 226 17.15 -47.05 13.70
C ASP D 226 16.75 -47.12 15.13
N LEU D 227 17.64 -47.68 15.95
CA LEU D 227 17.38 -47.95 17.36
C LEU D 227 18.51 -47.44 18.20
N LEU D 228 18.14 -46.77 19.28
CA LEU D 228 19.08 -46.35 20.31
C LEU D 228 18.74 -47.06 21.64
N PHE D 229 19.74 -47.71 22.23
CA PHE D 229 19.67 -48.20 23.61
C PHE D 229 20.08 -47.09 24.58
N THR D 230 19.18 -46.75 25.50
CA THR D 230 19.41 -45.72 26.50
C THR D 230 19.56 -46.29 27.90
N HIS D 231 19.69 -45.39 28.87
CA HIS D 231 19.84 -45.76 30.27
C HIS D 231 18.51 -46.17 30.91
N PHE D 232 17.40 -45.82 30.27
CA PHE D 232 16.06 -46.16 30.77
C PHE D 232 15.31 -47.11 29.83
N GLY D 233 15.91 -47.45 28.69
CA GLY D 233 15.21 -48.28 27.71
C GLY D 233 15.54 -47.94 26.28
N LEU D 234 14.53 -47.88 25.43
CA LEU D 234 14.76 -47.70 23.99
C LEU D 234 14.37 -46.34 23.43
N SER D 235 15.22 -45.84 22.53
CA SER D 235 14.87 -44.71 21.68
C SER D 235 15.33 -44.87 20.23
N GLY D 236 15.36 -43.75 19.51
CA GLY D 236 15.62 -43.78 18.07
C GLY D 236 14.29 -44.00 17.37
N PRO D 237 14.27 -43.77 16.03
CA PRO D 237 13.02 -43.86 15.24
C PRO D 237 12.22 -45.16 15.41
N ALA D 238 12.88 -46.31 15.41
CA ALA D 238 12.13 -47.59 15.52
C ALA D 238 11.27 -47.65 16.79
N ALA D 239 11.83 -47.23 17.91
CA ALA D 239 11.12 -47.25 19.17
C ALA D 239 10.10 -46.14 19.16
N LEU D 240 10.54 -44.95 18.76
CA LEU D 240 9.69 -43.77 18.70
C LEU D 240 8.33 -44.03 18.01
N ARG D 241 8.36 -44.88 16.98
CA ARG D 241 7.20 -45.17 16.15
C ARG D 241 6.35 -46.31 16.67
N LEU D 242 6.98 -47.37 17.19
CA LEU D 242 6.26 -48.43 17.88
C LEU D 242 5.52 -47.87 19.09
N SER D 243 6.12 -46.85 19.71
CA SER D 243 5.58 -46.25 20.92
C SER D 243 4.09 -45.86 20.82
N SER D 244 3.62 -45.75 19.60
CA SER D 244 2.26 -45.32 19.31
C SER D 244 1.27 -46.45 19.58
N PHE D 245 1.76 -47.69 19.50
CA PHE D 245 0.91 -48.87 19.64
C PHE D 245 1.15 -49.66 20.94
N VAL D 246 1.86 -49.05 21.88
CA VAL D 246 2.30 -49.73 23.10
C VAL D 246 2.15 -48.77 24.28
N LYS D 247 1.93 -49.31 25.47
CA LYS D 247 1.70 -48.45 26.64
C LYS D 247 2.29 -48.92 27.97
N GLY D 248 2.64 -50.21 28.06
CA GLY D 248 3.15 -50.76 29.30
C GLY D 248 2.61 -52.16 29.52
N GLY D 249 3.50 -53.09 29.90
CA GLY D 249 3.13 -54.49 30.11
C GLY D 249 3.38 -55.40 28.92
N GLU D 250 3.49 -54.81 27.74
CA GLU D 250 3.72 -55.56 26.49
C GLU D 250 5.15 -56.06 26.37
N THR D 251 5.30 -57.16 25.65
CA THR D 251 6.57 -57.70 25.20
C THR D 251 6.66 -57.36 23.71
N ILE D 252 7.80 -56.77 23.31
CA ILE D 252 8.10 -56.45 21.90
C ILE D 252 9.31 -57.26 21.46
N TYR D 253 9.55 -57.38 20.15
CA TYR D 253 10.68 -58.19 19.66
C TYR D 253 11.64 -57.41 18.78
N LEU D 254 12.91 -57.78 18.87
CA LEU D 254 13.96 -57.08 18.18
C LEU D 254 14.69 -58.04 17.28
N ASP D 255 14.75 -57.69 16.00
CA ASP D 255 15.51 -58.45 15.03
C ASP D 255 16.76 -57.62 14.76
N VAL D 256 17.88 -58.08 15.30
CA VAL D 256 19.08 -57.30 15.35
C VAL D 256 19.88 -57.51 14.06
N LEU D 257 19.47 -58.51 13.27
CA LEU D 257 20.13 -58.83 12.01
C LEU D 257 19.11 -59.20 10.94
N PRO D 258 18.31 -58.23 10.48
CA PRO D 258 17.24 -58.53 9.52
C PRO D 258 17.75 -59.01 8.17
N GLN D 259 19.04 -58.82 7.92
CA GLN D 259 19.67 -59.27 6.68
C GLN D 259 19.85 -60.79 6.58
N MET D 260 20.04 -61.43 7.73
CA MET D 260 20.31 -62.86 7.76
C MET D 260 19.13 -63.60 8.33
N SER D 261 18.87 -64.79 7.79
CA SER D 261 17.82 -65.63 8.33
C SER D 261 18.43 -66.65 9.28
N GLN D 262 17.59 -67.27 10.09
CA GLN D 262 18.01 -68.29 11.06
C GLN D 262 18.92 -69.35 10.44
N GLN D 263 18.62 -69.73 9.20
CA GLN D 263 19.43 -70.72 8.51
C GLN D 263 20.81 -70.19 8.11
N ASP D 264 20.89 -68.91 7.73
CA ASP D 264 22.20 -68.31 7.35
C ASP D 264 23.11 -68.22 8.55
N LEU D 265 22.54 -67.88 9.70
CA LEU D 265 23.29 -67.80 10.94
C LEU D 265 23.83 -69.15 11.34
N ALA D 266 23.01 -70.18 11.17
CA ALA D 266 23.42 -71.55 11.45
C ALA D 266 24.65 -71.92 10.63
N ASP D 267 24.60 -71.64 9.33
CA ASP D 267 25.73 -71.88 8.43
C ASP D 267 26.91 -70.96 8.73
N PHE D 268 26.59 -69.77 9.24
CA PHE D 268 27.62 -68.81 9.63
C PHE D 268 28.47 -69.33 10.78
N LEU D 269 27.81 -69.90 11.79
CA LEU D 269 28.49 -70.46 12.95
C LEU D 269 29.45 -71.56 12.52
N GLU D 270 28.93 -72.50 11.72
CA GLU D 270 29.70 -73.63 11.17
C GLU D 270 30.97 -73.21 10.44
N GLU D 271 30.92 -72.05 9.79
CA GLU D 271 32.07 -71.52 9.08
C GLU D 271 33.19 -71.04 9.99
N HIS D 272 32.85 -70.67 11.22
CA HIS D 272 33.84 -70.13 12.17
C HIS D 272 33.92 -70.93 13.48
N ARG D 273 33.73 -72.25 13.39
CA ARG D 273 33.70 -73.06 14.62
C ARG D 273 35.08 -73.22 15.31
N GLU D 274 36.14 -72.73 14.66
CA GLU D 274 37.45 -72.55 15.30
C GLU D 274 37.46 -71.35 16.25
N LYS D 275 36.78 -70.29 15.82
CA LYS D 275 36.71 -69.03 16.56
C LYS D 275 35.97 -69.14 17.89
N SER D 276 36.28 -68.22 18.80
CA SER D 276 35.45 -68.02 19.99
C SER D 276 34.11 -67.44 19.55
N LEU D 277 33.06 -67.62 20.35
CA LEU D 277 31.71 -67.22 19.94
C LEU D 277 31.54 -65.70 19.89
N LYS D 278 32.04 -65.02 20.92
CA LYS D 278 32.02 -63.54 20.97
C LYS D 278 32.70 -62.94 19.73
N ASN D 279 33.87 -63.46 19.36
CA ASN D 279 34.61 -63.02 18.16
C ASN D 279 33.90 -63.32 16.84
N CYS D 280 33.36 -64.51 16.73
CA CYS D 280 32.60 -64.91 15.57
C CYS D 280 31.58 -63.83 15.20
N LEU D 281 30.68 -63.53 16.14
CA LEU D 281 29.62 -62.54 16.00
C LEU D 281 30.04 -61.08 15.69
N LYS D 282 31.30 -60.74 15.97
CA LYS D 282 31.80 -59.38 15.75
C LYS D 282 31.89 -59.03 14.27
N ILE D 283 32.00 -60.06 13.43
CA ILE D 283 31.93 -59.91 12.00
C ILE D 283 30.56 -59.36 11.61
N LEU D 284 29.55 -59.62 12.45
CA LEU D 284 28.17 -59.21 12.17
C LEU D 284 27.64 -58.11 13.07
N LEU D 285 28.34 -57.86 14.18
CA LEU D 285 27.76 -57.04 15.25
C LEU D 285 28.83 -56.31 16.02
N PRO D 286 28.50 -55.08 16.47
CA PRO D 286 29.36 -54.35 17.40
C PRO D 286 29.78 -55.23 18.60
N GLU D 287 30.98 -54.94 19.13
CA GLU D 287 31.65 -55.65 20.25
C GLU D 287 30.70 -55.87 21.42
N ARG D 288 30.03 -54.81 21.84
CA ARG D 288 29.20 -54.85 23.03
C ARG D 288 27.92 -55.69 22.87
N ILE D 289 27.44 -55.81 21.63
CA ILE D 289 26.23 -56.58 21.36
C ILE D 289 26.58 -58.06 21.30
N ALA D 290 27.71 -58.36 20.67
CA ALA D 290 28.22 -59.71 20.61
C ALA D 290 28.48 -60.21 22.01
N ASP D 291 28.75 -59.30 22.94
CA ASP D 291 29.10 -59.69 24.30
C ASP D 291 27.84 -59.97 25.08
N PHE D 292 26.92 -59.03 25.04
CA PHE D 292 25.60 -59.17 25.65
C PHE D 292 24.99 -60.54 25.38
N PHE D 293 24.92 -60.93 24.11
CA PHE D 293 24.30 -62.19 23.71
C PHE D 293 25.02 -63.43 24.21
N THR D 294 26.35 -63.40 24.15
CA THR D 294 27.19 -64.59 24.35
C THR D 294 27.76 -64.80 25.74
N GLN D 295 27.32 -63.99 26.71
CA GLN D 295 27.78 -64.10 28.10
C GLN D 295 27.49 -65.47 28.72
N PRO D 296 26.22 -65.94 28.67
CA PRO D 296 25.90 -67.17 29.37
C PRO D 296 26.22 -68.46 28.59
N PHE D 297 26.91 -68.35 27.46
CA PHE D 297 27.15 -69.51 26.61
C PHE D 297 28.64 -69.86 26.63
N PRO D 298 28.99 -71.11 26.29
CA PRO D 298 30.41 -71.48 26.26
C PRO D 298 31.25 -70.55 25.38
N GLU D 299 32.57 -70.67 25.47
CA GLU D 299 33.46 -69.69 24.90
C GLU D 299 33.66 -69.86 23.39
N LYS D 300 34.12 -71.03 22.97
CA LYS D 300 34.30 -71.36 21.54
C LYS D 300 32.99 -71.85 20.92
N VAL D 301 32.96 -71.97 19.59
CA VAL D 301 31.72 -72.33 18.90
C VAL D 301 31.52 -73.85 18.89
N LYS D 302 32.61 -74.60 18.69
CA LYS D 302 32.63 -76.06 18.86
C LYS D 302 31.83 -76.47 20.09
N GLN D 303 32.14 -75.82 21.21
CA GLN D 303 31.61 -76.19 22.51
C GLN D 303 30.10 -76.00 22.66
N LEU D 304 29.45 -75.42 21.67
CA LEU D 304 28.00 -75.28 21.72
C LEU D 304 27.32 -76.52 21.16
N ASN D 305 26.20 -76.91 21.75
CA ASN D 305 25.38 -77.98 21.18
C ASN D 305 24.29 -77.37 20.31
N LEU D 306 23.54 -78.24 19.67
CA LEU D 306 22.48 -77.79 18.79
C LEU D 306 21.50 -76.83 19.48
N SER D 307 20.93 -77.23 20.62
CA SER D 307 19.89 -76.44 21.26
C SER D 307 20.41 -75.08 21.74
N GLU D 308 21.70 -75.01 22.07
CA GLU D 308 22.31 -73.75 22.42
C GLU D 308 22.39 -72.87 21.18
N LYS D 309 22.93 -73.41 20.08
CA LYS D 309 22.93 -72.72 18.79
C LYS D 309 21.53 -72.18 18.43
N GLU D 310 20.51 -73.04 18.53
CA GLU D 310 19.18 -72.65 18.10
C GLU D 310 18.50 -71.67 19.02
N ALA D 311 18.94 -71.64 20.27
CA ALA D 311 18.36 -70.71 21.26
C ALA D 311 19.00 -69.34 21.11
N LEU D 312 20.32 -69.34 20.86
CA LEU D 312 21.06 -68.14 20.58
C LEU D 312 20.49 -67.45 19.34
N ILE D 313 20.48 -68.19 18.23
CA ILE D 313 19.96 -67.70 16.96
C ILE D 313 18.60 -67.00 17.11
N LYS D 314 17.69 -67.63 17.87
CA LYS D 314 16.36 -67.07 18.06
C LYS D 314 16.43 -65.80 18.92
N GLN D 315 17.41 -65.74 19.81
CA GLN D 315 17.62 -64.56 20.64
C GLN D 315 18.07 -63.38 19.78
N ILE D 316 18.97 -63.68 18.84
CA ILE D 316 19.42 -62.70 17.85
C ILE D 316 18.27 -62.20 16.95
N LYS D 317 17.45 -63.12 16.43
CA LYS D 317 16.37 -62.75 15.50
C LYS D 317 15.05 -62.29 16.15
N GLU D 318 14.83 -62.65 17.42
CA GLU D 318 13.50 -62.46 18.04
C GLU D 318 13.57 -62.18 19.54
N LEU D 319 14.44 -61.24 19.92
CA LEU D 319 14.71 -60.95 21.32
C LEU D 319 13.48 -60.38 22.03
N PRO D 320 13.00 -61.05 23.10
CA PRO D 320 11.83 -60.50 23.75
C PRO D 320 12.24 -59.42 24.74
N ILE D 321 11.46 -58.35 24.79
CA ILE D 321 11.77 -57.20 25.63
C ILE D 321 10.45 -56.73 26.21
N SER D 322 10.39 -56.62 27.53
CA SER D 322 9.16 -56.18 28.15
C SER D 322 9.21 -54.68 28.34
N VAL D 323 8.11 -54.05 27.99
CA VAL D 323 8.00 -52.61 28.05
C VAL D 323 7.22 -52.28 29.30
N THR D 324 7.86 -51.53 30.19
CA THR D 324 7.26 -51.19 31.47
C THR D 324 6.53 -49.88 31.39
N GLY D 325 6.32 -49.39 30.16
CA GLY D 325 5.73 -48.06 29.94
C GLY D 325 6.54 -47.21 28.99
N LYS D 326 6.12 -45.95 28.82
CA LYS D 326 6.76 -45.01 27.91
C LYS D 326 6.71 -43.58 28.47
N MET D 327 7.40 -42.64 27.82
CA MET D 327 7.42 -41.25 28.31
C MET D 327 6.04 -40.56 28.39
N SER D 328 5.91 -39.68 29.37
CA SER D 328 4.74 -38.82 29.52
C SER D 328 4.68 -37.79 28.41
N LEU D 329 3.50 -37.22 28.22
CA LEU D 329 3.30 -36.17 27.26
C LEU D 329 4.38 -35.09 27.36
N ALA D 330 4.59 -34.55 28.56
CA ALA D 330 5.49 -33.43 28.75
C ALA D 330 6.90 -33.80 28.31
N LYS D 331 7.23 -35.09 28.42
CA LYS D 331 8.54 -35.60 28.05
C LYS D 331 8.62 -36.31 26.68
N SER D 332 7.51 -36.36 25.95
CA SER D 332 7.52 -36.90 24.58
C SER D 332 7.87 -35.83 23.52
N PHE D 333 8.10 -36.29 22.29
CA PHE D 333 8.55 -35.38 21.25
C PHE D 333 7.40 -34.66 20.57
N VAL D 334 6.26 -35.34 20.51
CA VAL D 334 5.15 -34.87 19.73
C VAL D 334 3.85 -35.13 20.49
N THR D 335 2.95 -34.15 20.43
CA THR D 335 1.60 -34.27 20.91
C THR D 335 0.70 -34.85 19.82
N LYS D 336 0.05 -35.97 20.12
CA LYS D 336 -1.03 -36.48 19.28
C LYS D 336 -2.35 -35.80 19.68
N GLY D 337 -3.01 -35.18 18.71
CA GLY D 337 -4.27 -34.47 18.95
C GLY D 337 -4.13 -32.97 18.89
N GLY D 338 -5.26 -32.28 18.88
CA GLY D 338 -5.26 -30.82 18.84
C GLY D 338 -6.58 -30.31 18.31
N VAL D 339 -6.55 -29.14 17.69
CA VAL D 339 -7.75 -28.53 17.14
C VAL D 339 -8.33 -29.46 16.06
N SER D 340 -9.65 -29.66 16.11
CA SER D 340 -10.30 -30.61 15.19
C SER D 340 -10.22 -30.17 13.74
N LEU D 341 -9.97 -31.14 12.88
CA LEU D 341 -9.72 -30.86 11.49
C LEU D 341 -11.00 -30.59 10.73
N LYS D 342 -12.05 -31.29 11.12
CA LYS D 342 -13.36 -31.17 10.46
C LYS D 342 -13.88 -29.74 10.52
N GLU D 343 -13.27 -28.91 11.36
CA GLU D 343 -13.67 -27.50 11.50
C GLU D 343 -12.68 -26.50 10.89
N ILE D 344 -11.75 -27.00 10.07
CA ILE D 344 -10.71 -26.16 9.45
C ILE D 344 -10.73 -26.34 7.92
N ASN D 345 -10.74 -25.22 7.20
CA ASN D 345 -10.60 -25.25 5.74
C ASN D 345 -9.21 -25.79 5.40
N PRO D 346 -9.14 -26.89 4.64
CA PRO D 346 -7.84 -27.53 4.35
C PRO D 346 -6.96 -26.74 3.37
N LYS D 347 -7.55 -25.74 2.73
CA LYS D 347 -6.88 -25.00 1.68
C LYS D 347 -6.37 -23.66 2.18
N THR D 348 -7.05 -23.10 3.18
CA THR D 348 -6.68 -21.79 3.69
C THR D 348 -6.37 -21.81 5.18
N LEU D 349 -6.66 -22.94 5.81
CA LEU D 349 -6.51 -23.13 7.25
C LEU D 349 -7.31 -22.14 8.10
N GLU D 350 -8.36 -21.58 7.51
CA GLU D 350 -9.27 -20.73 8.25
C GLU D 350 -10.25 -21.60 9.02
N SER D 351 -10.70 -21.06 10.15
CA SER D 351 -11.77 -21.67 10.95
C SER D 351 -13.09 -21.61 10.21
N LYS D 352 -13.82 -22.73 10.23
CA LYS D 352 -15.16 -22.80 9.68
C LYS D 352 -16.22 -22.10 10.55
N LEU D 353 -15.84 -21.69 11.76
CA LEU D 353 -16.80 -21.13 12.70
C LEU D 353 -16.56 -19.66 12.97
N VAL D 354 -15.32 -19.22 12.87
CA VAL D 354 -15.00 -17.84 13.18
C VAL D 354 -14.17 -17.19 12.07
N PRO D 355 -14.83 -16.47 11.16
CA PRO D 355 -14.13 -15.87 10.00
C PRO D 355 -12.98 -15.01 10.46
N GLY D 356 -11.81 -15.16 9.86
CA GLY D 356 -10.64 -14.37 10.24
C GLY D 356 -9.67 -15.04 11.21
N LEU D 357 -10.11 -16.13 11.84
CA LEU D 357 -9.26 -16.87 12.75
C LEU D 357 -8.66 -18.08 12.05
N HIS D 358 -7.35 -18.28 12.18
CA HIS D 358 -6.68 -19.46 11.62
C HIS D 358 -5.76 -20.17 12.62
N PHE D 359 -5.42 -21.42 12.28
CA PHE D 359 -4.50 -22.22 13.08
C PHE D 359 -3.46 -22.82 12.15
N ALA D 360 -2.22 -22.94 12.62
CA ALA D 360 -1.15 -23.63 11.89
C ALA D 360 -0.23 -24.38 12.86
N GLY D 361 0.41 -25.43 12.37
CA GLY D 361 1.46 -26.11 13.13
C GLY D 361 0.94 -27.16 14.09
N GLU D 362 1.68 -27.43 15.17
CA GLU D 362 1.39 -28.59 16.02
C GLU D 362 0.10 -28.43 16.82
N VAL D 363 -0.43 -27.21 16.86
CA VAL D 363 -1.70 -26.95 17.54
C VAL D 363 -2.86 -27.72 16.88
N LEU D 364 -2.68 -28.09 15.61
CA LEU D 364 -3.67 -28.88 14.88
C LEU D 364 -3.60 -30.36 15.22
N ASP D 365 -4.74 -31.04 15.13
CA ASP D 365 -4.79 -32.49 15.23
C ASP D 365 -4.08 -32.97 13.95
N ILE D 366 -2.76 -32.85 13.96
CA ILE D 366 -1.87 -33.40 12.96
C ILE D 366 -0.61 -33.78 13.72
N ASN D 367 -0.11 -34.97 13.51
CA ASN D 367 1.11 -35.35 14.18
C ASN D 367 1.93 -36.20 13.24
N ALA D 368 3.24 -36.03 13.30
CA ALA D 368 4.13 -36.80 12.44
C ALA D 368 5.27 -37.50 13.19
N HIS D 369 6.02 -38.34 12.48
CA HIS D 369 7.29 -38.82 12.98
C HIS D 369 8.34 -37.70 13.01
N THR D 370 9.29 -37.86 13.90
CA THR D 370 10.48 -37.03 13.90
C THR D 370 11.31 -37.42 12.67
N GLY D 371 12.33 -36.64 12.37
CA GLY D 371 13.03 -36.79 11.09
C GLY D 371 12.72 -35.68 10.10
N GLY D 372 12.05 -34.62 10.54
CA GLY D 372 11.71 -33.50 9.68
C GLY D 372 10.21 -33.35 9.43
N PHE D 373 9.47 -34.42 9.61
CA PHE D 373 8.10 -34.40 9.18
C PHE D 373 7.17 -33.44 9.93
N ASN D 374 7.34 -33.28 11.25
CA ASN D 374 6.50 -32.32 11.98
C ASN D 374 6.85 -30.90 11.64
N ILE D 375 8.14 -30.63 11.56
CA ILE D 375 8.62 -29.28 11.23
C ILE D 375 8.20 -28.87 9.81
N THR D 376 8.42 -29.77 8.84
CA THR D 376 7.97 -29.61 7.47
C THR D 376 6.52 -29.21 7.49
N SER D 377 5.74 -29.97 8.27
CA SER D 377 4.31 -29.77 8.35
C SER D 377 4.03 -28.39 8.93
N ALA D 378 4.83 -27.99 9.93
CA ALA D 378 4.63 -26.70 10.56
C ALA D 378 4.96 -25.53 9.62
N LEU D 379 6.11 -25.59 8.97
CA LEU D 379 6.55 -24.48 8.12
C LEU D 379 5.55 -24.28 7.00
N CYS D 380 5.08 -25.41 6.46
CA CYS D 380 4.16 -25.39 5.32
C CYS D 380 2.77 -24.88 5.68
N THR D 381 2.15 -25.42 6.73
CA THR D 381 0.85 -24.92 7.19
C THR D 381 0.93 -23.42 7.53
N GLY D 382 2.06 -23.04 8.14
CA GLY D 382 2.32 -21.65 8.49
C GLY D 382 2.26 -20.76 7.28
N TRP D 383 2.89 -21.20 6.20
CA TRP D 383 2.89 -20.47 4.95
C TRP D 383 1.45 -20.34 4.42
N VAL D 384 0.74 -21.45 4.35
CA VAL D 384 -0.63 -21.41 3.84
C VAL D 384 -1.54 -20.52 4.68
N ALA D 385 -1.41 -20.58 6.00
CA ALA D 385 -2.18 -19.73 6.90
C ALA D 385 -2.02 -18.21 6.64
N GLY D 386 -0.78 -17.75 6.52
CA GLY D 386 -0.49 -16.34 6.33
C GLY D 386 -0.82 -15.86 4.93
N SER D 387 -1.00 -16.82 4.02
CA SER D 387 -1.36 -16.53 2.64
C SER D 387 -2.78 -15.98 2.48
N LEU D 388 -2.96 -15.15 1.44
CA LEU D 388 -4.29 -14.73 0.98
C LEU D 388 -4.78 -15.66 -0.13
N HIS D 389 -6.07 -15.97 -0.09
CA HIS D 389 -6.69 -16.83 -1.07
C HIS D 389 -7.86 -16.16 -1.75
N TYR D 390 -8.01 -16.40 -3.03
CA TYR D 390 -9.15 -15.84 -3.76
C TYR D 390 -10.35 -16.77 -3.73
N ASP D 391 -10.10 -18.05 -3.97
CA ASP D 391 -11.16 -19.06 -4.01
C ASP D 391 -11.81 -19.28 -2.65
#